data_4Z0Y
#
_entry.id   4Z0Y
#
_cell.length_a   88.720
_cell.length_b   90.560
_cell.length_c   182.590
_cell.angle_alpha   90.00
_cell.angle_beta   90.00
_cell.angle_gamma   90.00
#
_symmetry.space_group_name_H-M   'P 21 21 21'
#
loop_
_entity.id
_entity.type
_entity.pdbx_description
1 polymer 'Aurone synthase'
2 polymer 'Aurone synthase'
3 non-polymer 'COPPER (II) ION'
4 non-polymer GLYCEROL
5 water water
#
loop_
_entity_poly.entity_id
_entity_poly.type
_entity_poly.pdbx_seq_one_letter_code
_entity_poly.pdbx_strand_id
1 'polypeptide(L)'
;APITAPDITSICKDASSGIGNQEGAIRTRKCCPPSLGKKIKDFQFPNDKKVRMRWPAHKGTKKQVDDYRRAIAAMRALPD
DDPRSFVSQAKIHCAYCNGGYTQVDSGFPDIDIQIHNSWLFFPFHRWYLYFYERILGSLIDEPNFALPYWKWDEPKGMPI
SNIFLGDASNPLYDQYRDANHIEDRIVDLDYDGKDKDIPDQQQVACNLSTVYRDLVRNGVDPTSFFGGKYVAGDSPVANG
DPSVGSVEAGS(HS8)TAVHRWVGDPTQPNNEDMGNFYSAGYDPVFYIHHANVDRMWKLWKELRLPGHVDITDPDWLNAS
YVFYDENKDLVRVYNKDCVNLDKLKYNFIENSKE
;
A,B,C,D
2 'polypeptide(L)' DGVFTTPCDPEYAGG E,F,G,H
#
loop_
_chem_comp.id
_chem_comp.type
_chem_comp.name
_chem_comp.formula
CU non-polymer 'COPPER (II) ION' 'Cu 2'
GOL non-polymer GLYCEROL 'C3 H8 O3'
#
# COMPACT_ATOMS: atom_id res chain seq x y z
N ALA A 1 3.84 14.91 -3.80
CA ALA A 1 2.56 14.23 -3.91
C ALA A 1 1.80 14.25 -2.58
N PRO A 2 0.46 14.25 -2.64
CA PRO A 2 -0.33 14.42 -1.42
C PRO A 2 -0.46 13.15 -0.61
N ILE A 3 -0.56 13.31 0.71
CA ILE A 3 -0.93 12.22 1.59
C ILE A 3 -2.34 11.77 1.27
N THR A 4 -2.50 10.46 1.15
CA THR A 4 -3.75 9.87 0.69
C THR A 4 -4.10 8.65 1.53
N ALA A 5 -5.17 8.72 2.32
CA ALA A 5 -5.55 7.56 3.13
C ALA A 5 -5.92 6.39 2.22
N PRO A 6 -5.57 5.17 2.64
CA PRO A 6 -5.90 3.99 1.84
C PRO A 6 -7.35 3.58 2.04
N ASP A 7 -7.74 2.48 1.43
CA ASP A 7 -8.97 1.82 1.83
C ASP A 7 -8.75 1.30 3.25
N ILE A 8 -9.25 2.07 4.23
CA ILE A 8 -9.02 1.80 5.64
C ILE A 8 -9.64 0.50 6.14
N THR A 9 -10.52 -0.10 5.33
CA THR A 9 -11.15 -1.37 5.68
C THR A 9 -10.35 -2.57 5.16
N SER A 10 -9.35 -2.30 4.31
N SER A 10 -9.34 -2.31 4.32
CA SER A 10 -8.54 -3.35 3.70
CA SER A 10 -8.54 -3.38 3.73
C SER A 10 -7.11 -3.36 4.23
C SER A 10 -7.10 -3.36 4.21
N ILE A 11 -6.54 -2.17 4.40
CA ILE A 11 -5.16 -2.03 4.86
C ILE A 11 -5.16 -1.20 6.14
N CYS A 12 -4.89 -1.87 7.26
CA CYS A 12 -4.95 -1.26 8.56
C CYS A 12 -4.23 -2.16 9.55
N LYS A 13 -3.57 -1.54 10.51
CA LYS A 13 -2.84 -2.29 11.51
C LYS A 13 -3.05 -1.67 12.87
N ASP A 14 -2.83 -2.45 13.91
CA ASP A 14 -3.06 -1.97 15.24
C ASP A 14 -2.15 -0.80 15.55
N ALA A 15 -2.65 0.09 16.39
CA ALA A 15 -1.89 1.29 16.72
C ALA A 15 -0.74 0.96 17.63
N SER A 16 0.45 1.43 17.29
CA SER A 16 1.64 1.15 18.10
C SER A 16 2.68 2.24 18.01
N SER A 17 2.23 3.44 17.64
N SER A 17 2.23 3.45 17.66
CA SER A 17 3.09 4.61 17.58
CA SER A 17 3.11 4.61 17.57
C SER A 17 2.54 5.63 18.55
C SER A 17 2.55 5.71 18.46
N GLY A 18 3.42 6.37 19.21
CA GLY A 18 3.01 7.44 20.09
C GLY A 18 2.35 7.02 21.39
N ILE A 19 2.40 5.73 21.70
CA ILE A 19 1.84 5.24 22.95
C ILE A 19 2.97 4.68 23.81
N GLY A 20 3.28 5.41 24.89
CA GLY A 20 4.46 5.12 25.69
C GLY A 20 4.38 3.80 26.45
N ASN A 21 3.21 3.52 27.03
CA ASN A 21 2.98 2.28 27.74
C ASN A 21 1.84 1.52 27.10
N GLN A 22 2.19 0.61 26.18
CA GLN A 22 1.20 -0.14 25.43
C GLN A 22 0.55 -1.25 26.23
N GLU A 23 1.33 -1.90 27.09
CA GLU A 23 0.81 -3.09 27.75
C GLU A 23 -0.15 -2.72 28.88
N GLY A 24 0.02 -1.53 29.45
CA GLY A 24 -0.88 -1.04 30.47
C GLY A 24 -2.01 -0.14 29.95
N ALA A 25 -2.05 0.07 28.65
CA ALA A 25 -3.00 1.00 28.02
C ALA A 25 -4.41 0.73 28.50
N ILE A 26 -5.15 1.77 28.88
CA ILE A 26 -6.50 1.53 29.40
C ILE A 26 -7.56 1.59 28.32
N ARG A 27 -7.17 2.00 27.11
CA ARG A 27 -8.04 1.89 25.93
C ARG A 27 -7.43 0.95 24.90
N THR A 28 -8.24 0.52 23.94
CA THR A 28 -7.76 -0.43 22.95
C THR A 28 -6.73 0.20 22.00
N ARG A 29 -5.86 -0.65 21.47
CA ARG A 29 -4.99 -0.26 20.37
C ARG A 29 -5.45 -0.91 19.06
N LYS A 30 -6.48 -1.74 19.13
CA LYS A 30 -7.01 -2.35 17.93
C LYS A 30 -8.04 -1.41 17.32
N CYS A 31 -7.54 -0.39 16.61
CA CYS A 31 -8.36 0.78 16.25
C CYS A 31 -8.88 0.73 14.82
N CYS A 32 -8.73 -0.41 14.16
CA CYS A 32 -9.10 -0.46 12.76
C CYS A 32 -10.62 -0.45 12.59
N PRO A 33 -11.08 0.25 11.54
CA PRO A 33 -12.54 0.35 11.35
C PRO A 33 -13.11 -0.94 10.81
N PRO A 34 -14.42 -1.13 10.98
CA PRO A 34 -15.08 -2.36 10.54
C PRO A 34 -15.23 -2.42 9.03
N SER A 35 -15.43 -3.64 8.53
CA SER A 35 -15.65 -3.91 7.11
C SER A 35 -17.12 -4.27 6.86
N LEU A 36 -17.84 -3.40 6.13
CA LEU A 36 -19.26 -3.63 5.86
C LEU A 36 -19.51 -3.95 4.39
N GLY A 37 -18.44 -4.08 3.62
CA GLY A 37 -18.53 -4.33 2.18
C GLY A 37 -18.86 -3.10 1.36
N LYS A 38 -18.71 -1.91 1.95
CA LYS A 38 -19.01 -0.65 1.26
C LYS A 38 -17.91 -0.26 0.25
N LYS A 39 -18.33 0.38 -0.83
CA LYS A 39 -17.37 1.04 -1.71
C LYS A 39 -17.07 2.42 -1.13
N ILE A 40 -15.93 2.97 -1.49
CA ILE A 40 -15.59 4.32 -1.06
C ILE A 40 -16.15 5.31 -2.08
N LYS A 41 -17.00 6.22 -1.60
CA LYS A 41 -17.65 7.21 -2.46
C LYS A 41 -16.92 8.52 -2.41
N ASP A 42 -17.01 9.30 -3.46
CA ASP A 42 -16.47 10.65 -3.42
C ASP A 42 -17.43 11.56 -2.69
N PHE A 43 -16.85 12.49 -1.97
CA PHE A 43 -17.61 13.50 -1.25
C PHE A 43 -18.51 14.32 -2.16
N GLN A 44 -19.70 14.59 -1.68
CA GLN A 44 -20.59 15.54 -2.34
C GLN A 44 -20.93 16.62 -1.32
N PHE A 45 -20.94 17.87 -1.75
CA PHE A 45 -21.28 18.93 -0.82
C PHE A 45 -22.71 18.75 -0.33
N PRO A 46 -22.93 18.95 0.99
CA PRO A 46 -24.24 18.75 1.62
C PRO A 46 -25.31 19.72 1.13
N ASN A 47 -26.55 19.24 1.12
CA ASN A 47 -27.70 20.03 0.69
C ASN A 47 -28.57 20.49 1.86
N ASP A 48 -27.98 20.55 3.06
CA ASP A 48 -28.69 21.00 4.26
C ASP A 48 -29.45 22.29 4.00
N LYS A 49 -30.70 22.34 4.45
CA LYS A 49 -31.53 23.52 4.27
C LYS A 49 -31.06 24.66 5.16
N LYS A 50 -30.55 24.32 6.34
CA LYS A 50 -30.13 25.32 7.31
C LYS A 50 -28.68 25.09 7.70
N VAL A 51 -27.99 26.16 8.05
CA VAL A 51 -26.62 26.05 8.56
C VAL A 51 -26.68 25.58 10.01
N ARG A 52 -25.87 24.56 10.32
CA ARG A 52 -25.73 24.05 11.66
C ARG A 52 -24.95 25.08 12.45
N MET A 53 -25.51 25.56 13.56
CA MET A 53 -24.84 26.60 14.33
C MET A 53 -24.28 26.07 15.66
N ARG A 54 -22.98 25.83 15.68
CA ARG A 54 -22.34 25.28 16.88
C ARG A 54 -22.37 26.33 17.97
N TRP A 55 -22.60 25.87 19.19
CA TRP A 55 -23.02 26.76 20.28
C TRP A 55 -22.01 26.67 21.41
N PRO A 56 -21.69 27.81 22.04
CA PRO A 56 -20.76 27.72 23.15
C PRO A 56 -21.29 26.82 24.27
N ALA A 57 -20.46 25.92 24.75
CA ALA A 57 -20.90 24.88 25.69
C ALA A 57 -21.47 25.47 26.96
N HIS A 58 -21.09 26.68 27.32
CA HIS A 58 -21.53 27.25 28.58
C HIS A 58 -22.83 28.04 28.44
N LYS A 59 -23.34 28.17 27.21
CA LYS A 59 -24.52 29.02 26.95
C LYS A 59 -25.48 28.41 25.94
N GLY A 60 -25.62 27.09 25.97
CA GLY A 60 -26.55 26.41 25.09
C GLY A 60 -27.99 26.65 25.54
N THR A 61 -28.92 26.59 24.60
CA THR A 61 -30.34 26.49 24.96
C THR A 61 -30.62 25.09 25.54
N LYS A 62 -31.78 24.93 26.17
CA LYS A 62 -32.18 23.63 26.70
C LYS A 62 -32.16 22.57 25.60
N LYS A 63 -32.70 22.92 24.44
CA LYS A 63 -32.76 21.98 23.32
C LYS A 63 -31.36 21.63 22.85
N GLN A 64 -30.46 22.60 22.79
CA GLN A 64 -29.10 22.31 22.34
C GLN A 64 -28.44 21.31 23.27
N VAL A 65 -28.52 21.57 24.56
CA VAL A 65 -27.93 20.70 25.57
C VAL A 65 -28.55 19.31 25.56
N ASP A 66 -29.88 19.26 25.56
CA ASP A 66 -30.57 17.98 25.61
C ASP A 66 -30.32 17.15 24.35
N ASP A 67 -30.29 17.81 23.20
CA ASP A 67 -30.02 17.11 21.94
C ASP A 67 -28.63 16.51 21.95
N TYR A 68 -27.66 17.29 22.40
CA TYR A 68 -26.28 16.81 22.44
C TYR A 68 -26.14 15.63 23.39
N ARG A 69 -26.65 15.78 24.61
CA ARG A 69 -26.58 14.72 25.61
C ARG A 69 -27.27 13.45 25.12
N ARG A 70 -28.46 13.58 24.54
CA ARG A 70 -29.22 12.43 24.05
C ARG A 70 -28.52 11.76 22.88
N ALA A 71 -27.87 12.56 22.05
CA ALA A 71 -27.18 12.02 20.89
C ALA A 71 -25.96 11.21 21.34
N ILE A 72 -25.22 11.72 22.33
CA ILE A 72 -24.10 10.94 22.87
C ILE A 72 -24.63 9.65 23.52
N ALA A 73 -25.76 9.73 24.22
CA ALA A 73 -26.33 8.53 24.84
C ALA A 73 -26.63 7.50 23.75
N ALA A 74 -27.22 7.97 22.65
CA ALA A 74 -27.58 7.10 21.56
C ALA A 74 -26.32 6.50 20.94
N MET A 75 -25.26 7.30 20.85
CA MET A 75 -24.02 6.83 20.26
C MET A 75 -23.37 5.75 21.14
N ARG A 76 -23.45 5.93 22.45
CA ARG A 76 -22.92 4.93 23.40
C ARG A 76 -23.76 3.66 23.43
N ALA A 77 -25.00 3.73 22.95
CA ALA A 77 -25.92 2.58 22.98
C ALA A 77 -25.79 1.70 21.74
N LEU A 78 -25.18 2.24 20.70
CA LEU A 78 -24.99 1.47 19.48
C LEU A 78 -24.11 0.25 19.75
N PRO A 79 -24.30 -0.81 18.95
CA PRO A 79 -23.36 -1.93 19.02
C PRO A 79 -21.93 -1.45 18.77
N ASP A 80 -20.99 -2.03 19.48
CA ASP A 80 -19.59 -1.68 19.35
C ASP A 80 -19.09 -1.56 17.91
N ASP A 81 -19.43 -2.53 17.07
CA ASP A 81 -18.88 -2.62 15.71
C ASP A 81 -19.60 -1.73 14.69
N ASP A 82 -20.63 -1.02 15.11
CA ASP A 82 -21.21 0.02 14.27
C ASP A 82 -20.13 1.08 14.10
N PRO A 83 -19.80 1.50 12.85
CA PRO A 83 -18.73 2.50 12.69
C PRO A 83 -19.08 3.85 13.28
N ARG A 84 -20.34 4.02 13.69
CA ARG A 84 -20.84 5.25 14.28
C ARG A 84 -20.85 5.19 15.81
N SER A 85 -20.47 4.05 16.37
CA SER A 85 -20.55 3.86 17.82
C SER A 85 -19.55 4.74 18.54
N PHE A 86 -19.74 4.88 19.84
CA PHE A 86 -18.87 5.72 20.66
C PHE A 86 -17.42 5.30 20.53
N VAL A 87 -17.14 4.01 20.70
CA VAL A 87 -15.78 3.51 20.61
C VAL A 87 -15.30 3.56 19.17
N SER A 88 -16.15 3.25 18.21
CA SER A 88 -15.70 3.33 16.81
C SER A 88 -15.27 4.77 16.47
N GLN A 89 -15.99 5.76 16.98
CA GLN A 89 -15.61 7.13 16.66
C GLN A 89 -14.30 7.49 17.33
N ALA A 90 -14.11 7.03 18.56
CA ALA A 90 -12.82 7.24 19.26
C ALA A 90 -11.68 6.57 18.52
N LYS A 91 -11.94 5.38 18.01
CA LYS A 91 -10.91 4.65 17.28
C LYS A 91 -10.37 5.39 16.06
N ILE A 92 -11.17 6.25 15.45
CA ILE A 92 -10.72 6.98 14.27
C ILE A 92 -9.48 7.78 14.61
N HIS A 93 -9.54 8.48 15.74
CA HIS A 93 -8.42 9.30 16.16
C HIS A 93 -7.18 8.45 16.38
N CYS A 94 -7.39 7.29 17.02
CA CYS A 94 -6.33 6.34 17.29
C CYS A 94 -5.69 5.85 15.98
N ALA A 95 -6.52 5.46 15.01
CA ALA A 95 -5.99 4.95 13.76
C ALA A 95 -5.18 6.01 12.99
N TYR A 96 -5.68 7.24 12.91
CA TYR A 96 -5.03 8.27 12.13
C TYR A 96 -3.89 8.95 12.88
N CYS A 97 -3.86 8.84 14.20
CA CYS A 97 -2.83 9.52 15.02
C CYS A 97 -1.77 8.58 15.60
N ASN A 98 -2.06 7.29 15.64
CA ASN A 98 -1.14 6.37 16.27
C ASN A 98 -0.74 5.19 15.39
N GLY A 99 -0.76 5.41 14.07
CA GLY A 99 -0.10 4.51 13.12
C GLY A 99 -0.94 3.39 12.55
N GLY A 100 -2.24 3.61 12.42
CA GLY A 100 -3.11 2.58 11.87
C GLY A 100 -2.95 2.35 10.38
N TYR A 101 -2.62 3.43 9.65
CA TYR A 101 -2.58 3.39 8.18
C TYR A 101 -1.20 3.70 7.63
N THR A 102 -0.99 3.23 6.41
CA THR A 102 0.23 3.50 5.65
C THR A 102 -0.04 4.33 4.42
N GLN A 103 1.05 4.79 3.82
CA GLN A 103 1.01 5.56 2.58
C GLN A 103 1.05 4.66 1.33
N VAL A 104 0.45 3.49 1.42
CA VAL A 104 0.47 2.54 0.32
C VAL A 104 -0.10 3.16 -0.96
N ASP A 105 -1.15 3.96 -0.84
CA ASP A 105 -1.78 4.52 -2.03
C ASP A 105 -0.89 5.56 -2.72
N SER A 106 0.19 5.96 -2.05
CA SER A 106 1.13 6.93 -2.62
C SER A 106 2.41 6.26 -3.10
N GLY A 107 2.45 4.94 -3.00
CA GLY A 107 3.64 4.20 -3.36
C GLY A 107 4.62 4.08 -2.21
N PHE A 108 4.15 4.32 -0.99
CA PHE A 108 4.98 4.14 0.20
C PHE A 108 4.28 3.23 1.21
N PRO A 109 4.21 1.93 0.92
CA PRO A 109 3.46 1.02 1.79
C PRO A 109 4.07 0.78 3.18
N ASP A 110 5.33 1.14 3.40
CA ASP A 110 5.95 0.88 4.70
C ASP A 110 6.14 2.15 5.52
N ILE A 111 5.52 3.25 5.09
CA ILE A 111 5.53 4.47 5.88
C ILE A 111 4.11 4.79 6.37
N ASP A 112 4.00 5.08 7.66
CA ASP A 112 2.71 5.39 8.26
C ASP A 112 2.19 6.74 7.80
N ILE A 113 0.87 6.89 7.86
CA ILE A 113 0.24 8.20 7.83
C ILE A 113 0.11 8.73 9.25
N GLN A 114 0.51 9.98 9.44
CA GLN A 114 0.25 10.72 10.66
C GLN A 114 -0.44 12.01 10.24
N ILE A 115 -1.55 12.38 10.88
CA ILE A 115 -2.23 13.62 10.50
C ILE A 115 -1.91 14.77 11.48
N HIS A 116 -1.24 14.44 12.59
CA HIS A 116 -0.80 15.48 13.50
C HIS A 116 0.57 16.06 13.16
N ASN A 117 0.87 17.17 13.80
CA ASN A 117 2.18 17.84 13.73
C ASN A 117 2.56 18.31 12.34
N SER A 118 1.56 18.75 11.58
CA SER A 118 1.77 19.24 10.23
C SER A 118 0.56 20.01 9.75
N TRP A 119 0.65 20.49 8.52
CA TRP A 119 -0.45 21.21 7.94
C TRP A 119 -1.74 20.38 7.77
N LEU A 120 -1.67 19.06 7.99
CA LEU A 120 -2.89 18.23 7.95
C LEU A 120 -3.77 18.40 9.20
N PHE A 121 -3.21 18.96 10.28
CA PHE A 121 -3.92 19.03 11.56
C PHE A 121 -5.32 19.64 11.46
N PHE A 122 -5.40 20.86 10.95
CA PHE A 122 -6.68 21.53 10.91
C PHE A 122 -7.72 20.86 10.00
N PRO A 123 -7.36 20.52 8.75
CA PRO A 123 -8.40 19.95 7.88
C PRO A 123 -8.79 18.54 8.28
N PHE A 124 -7.86 17.77 8.81
CA PHE A 124 -8.25 16.42 9.22
C PHE A 124 -9.30 16.53 10.31
N HIS A 125 -9.04 17.35 11.31
CA HIS A 125 -9.96 17.39 12.43
C HIS A 125 -11.26 18.06 12.03
N ARG A 126 -11.19 18.99 11.07
CA ARG A 126 -12.42 19.59 10.55
C ARG A 126 -13.32 18.51 9.95
N TRP A 127 -12.78 17.65 9.09
CA TRP A 127 -13.57 16.58 8.50
C TRP A 127 -14.05 15.55 9.50
N TYR A 128 -13.19 15.20 10.43
CA TYR A 128 -13.54 14.24 11.47
C TYR A 128 -14.78 14.72 12.22
N LEU A 129 -14.78 15.99 12.62
CA LEU A 129 -15.92 16.55 13.35
C LEU A 129 -17.13 16.73 12.45
N TYR A 130 -16.90 16.97 11.17
CA TYR A 130 -18.00 17.14 10.19
C TYR A 130 -18.86 15.89 10.19
N PHE A 131 -18.22 14.72 10.05
CA PHE A 131 -18.97 13.47 10.02
C PHE A 131 -19.51 13.11 11.41
N TYR A 132 -18.69 13.35 12.45
CA TYR A 132 -19.11 13.10 13.82
C TYR A 132 -20.41 13.84 14.17
N GLU A 133 -20.46 15.11 13.77
CA GLU A 133 -21.62 15.95 14.02
C GLU A 133 -22.86 15.48 13.25
N ARG A 134 -22.66 15.09 11.99
CA ARG A 134 -23.76 14.59 11.18
C ARG A 134 -24.23 13.24 11.69
N ILE A 135 -23.29 12.46 12.21
CA ILE A 135 -23.65 11.17 12.79
C ILE A 135 -24.53 11.39 14.01
N LEU A 136 -24.12 12.27 14.92
CA LEU A 136 -24.91 12.49 16.15
C LEU A 136 -26.34 12.94 15.82
N GLY A 137 -26.45 13.88 14.88
CA GLY A 137 -27.77 14.39 14.51
C GLY A 137 -28.65 13.29 13.96
N SER A 138 -28.05 12.40 13.18
CA SER A 138 -28.82 11.31 12.57
C SER A 138 -29.33 10.32 13.61
N LEU A 139 -28.61 10.14 14.73
CA LEU A 139 -29.02 9.17 15.74
C LEU A 139 -30.23 9.62 16.55
N ILE A 140 -30.57 10.90 16.49
CA ILE A 140 -31.74 11.41 17.22
C ILE A 140 -32.74 12.17 16.34
N ASP A 141 -32.61 12.05 15.03
CA ASP A 141 -33.51 12.74 14.10
C ASP A 141 -33.54 14.24 14.36
N GLU A 142 -32.35 14.81 14.38
CA GLU A 142 -32.20 16.27 14.39
C GLU A 142 -31.37 16.64 13.19
N PRO A 143 -32.04 16.88 12.05
CA PRO A 143 -31.32 17.15 10.81
C PRO A 143 -30.47 18.42 10.85
N ASN A 144 -30.71 19.32 11.81
CA ASN A 144 -29.94 20.56 11.90
C ASN A 144 -29.05 20.55 13.16
N PHE A 145 -28.81 19.36 13.70
CA PHE A 145 -27.98 19.20 14.89
C PHE A 145 -26.62 19.89 14.77
N ALA A 146 -26.21 20.60 15.83
CA ALA A 146 -24.86 21.18 15.87
C ALA A 146 -24.19 20.85 17.18
N LEU A 147 -22.87 20.60 17.11
CA LEU A 147 -22.05 20.41 18.29
C LEU A 147 -21.91 21.67 19.13
N PRO A 148 -21.71 21.50 20.44
CA PRO A 148 -21.19 22.60 21.25
C PRO A 148 -19.72 22.81 20.94
N TYR A 149 -19.18 23.93 21.37
CA TYR A 149 -17.75 24.12 21.31
C TYR A 149 -17.31 24.70 22.64
N TRP A 150 -16.15 24.27 23.10
CA TRP A 150 -15.62 24.72 24.38
C TRP A 150 -14.95 26.07 24.18
N LYS A 151 -15.69 27.13 24.50
CA LYS A 151 -15.25 28.50 24.21
C LYS A 151 -14.27 29.00 25.26
N TRP A 152 -13.09 28.39 25.30
CA TRP A 152 -12.12 28.73 26.32
C TRP A 152 -11.36 30.03 25.99
N ASP A 153 -11.77 30.70 24.91
CA ASP A 153 -11.30 32.06 24.63
C ASP A 153 -12.21 33.12 25.24
N GLU A 154 -13.27 32.68 25.92
CA GLU A 154 -14.20 33.60 26.58
C GLU A 154 -14.29 33.24 28.07
N PRO A 155 -14.11 34.23 28.98
CA PRO A 155 -13.98 33.93 30.41
C PRO A 155 -14.96 32.90 30.98
N LYS A 156 -16.27 33.05 30.72
CA LYS A 156 -17.23 32.12 31.31
C LYS A 156 -17.21 30.76 30.64
N GLY A 157 -16.54 30.66 29.48
CA GLY A 157 -16.44 29.39 28.79
C GLY A 157 -15.16 28.65 29.16
N MET A 158 -14.34 29.25 30.03
CA MET A 158 -13.04 28.67 30.38
C MET A 158 -13.14 27.53 31.38
N PRO A 159 -14.02 27.65 32.38
CA PRO A 159 -14.27 26.45 33.18
C PRO A 159 -14.83 25.33 32.32
N ILE A 160 -14.38 24.10 32.52
CA ILE A 160 -14.99 22.97 31.82
C ILE A 160 -16.46 23.00 32.19
N SER A 161 -17.33 22.85 31.19
CA SER A 161 -18.75 23.08 31.43
C SER A 161 -19.35 21.99 32.31
N ASN A 162 -20.28 22.39 33.17
CA ASN A 162 -20.97 21.46 34.03
C ASN A 162 -21.62 20.32 33.26
N ILE A 163 -21.93 20.52 31.98
CA ILE A 163 -22.62 19.47 31.24
C ILE A 163 -21.77 18.22 31.09
N PHE A 164 -20.45 18.36 31.24
CA PHE A 164 -19.53 17.22 31.14
C PHE A 164 -19.27 16.54 32.49
N LEU A 165 -19.80 17.09 33.58
CA LEU A 165 -19.43 16.61 34.91
C LEU A 165 -20.47 15.63 35.45
N GLY A 166 -20.51 15.44 36.77
CA GLY A 166 -21.31 14.39 37.38
C GLY A 166 -20.55 13.09 37.44
N ASP A 167 -21.21 11.99 37.04
CA ASP A 167 -20.58 10.68 37.03
C ASP A 167 -21.17 9.85 35.89
N ALA A 168 -21.19 8.53 36.05
CA ALA A 168 -21.44 7.60 34.97
C ALA A 168 -22.84 7.70 34.33
N SER A 169 -23.80 8.28 35.05
N SER A 169 -23.82 8.30 35.04
CA SER A 169 -25.15 8.45 34.51
CA SER A 169 -25.16 8.41 34.48
C SER A 169 -25.19 9.53 33.44
C SER A 169 -25.23 9.58 33.48
N ASN A 170 -24.21 10.43 33.47
CA ASN A 170 -24.09 11.46 32.45
C ASN A 170 -23.36 10.93 31.22
N PRO A 171 -24.03 10.87 30.05
CA PRO A 171 -23.35 10.40 28.84
C PRO A 171 -22.12 11.22 28.49
N LEU A 172 -22.04 12.45 28.99
CA LEU A 172 -20.96 13.36 28.62
C LEU A 172 -19.76 13.28 29.57
N TYR A 173 -19.91 12.49 30.61
CA TYR A 173 -18.85 12.32 31.60
C TYR A 173 -17.78 11.31 31.16
N ASP A 174 -16.59 11.47 31.72
CA ASP A 174 -15.48 10.56 31.53
C ASP A 174 -14.68 10.55 32.83
N GLN A 175 -14.54 9.37 33.43
CA GLN A 175 -13.81 9.27 34.69
C GLN A 175 -12.31 9.52 34.51
N TYR A 176 -11.79 9.34 33.29
CA TYR A 176 -10.36 9.47 33.04
C TYR A 176 -10.01 10.90 32.67
N ARG A 177 -10.11 11.74 33.68
CA ARG A 177 -9.66 13.13 33.63
C ARG A 177 -8.88 13.46 34.89
N ASP A 178 -8.03 14.47 34.82
CA ASP A 178 -7.26 14.95 35.98
C ASP A 178 -8.22 15.51 37.04
N ALA A 179 -8.41 14.77 38.13
CA ALA A 179 -9.39 15.14 39.15
C ALA A 179 -9.09 16.51 39.78
N ASN A 180 -7.81 16.78 40.03
CA ASN A 180 -7.41 18.06 40.58
C ASN A 180 -7.81 19.19 39.66
N HIS A 181 -7.57 19.00 38.36
CA HIS A 181 -7.91 20.02 37.38
C HIS A 181 -9.42 20.18 37.22
N ILE A 182 -10.18 19.08 37.26
CA ILE A 182 -11.63 19.20 37.20
C ILE A 182 -12.15 20.00 38.40
N GLU A 183 -11.52 19.79 39.57
CA GLU A 183 -11.80 20.61 40.76
C GLU A 183 -11.52 22.09 40.51
N ASP A 184 -10.34 22.39 39.94
CA ASP A 184 -9.96 23.75 39.60
C ASP A 184 -10.89 24.37 38.56
N ARG A 185 -11.49 23.51 37.74
CA ARG A 185 -12.44 23.86 36.68
C ARG A 185 -11.84 24.69 35.52
N ILE A 186 -11.16 25.78 35.84
CA ILE A 186 -10.67 26.68 34.79
C ILE A 186 -9.44 26.12 34.06
N VAL A 187 -9.58 25.84 32.77
CA VAL A 187 -8.49 25.26 31.99
C VAL A 187 -7.34 26.26 31.89
N ASP A 188 -6.11 25.75 31.83
CA ASP A 188 -4.92 26.58 31.62
C ASP A 188 -4.44 26.38 30.20
N LEU A 189 -4.71 27.36 29.33
CA LEU A 189 -4.31 27.26 27.93
C LEU A 189 -2.80 27.36 27.74
N ASP A 190 -2.10 27.74 28.81
CA ASP A 190 -0.65 27.87 28.81
C ASP A 190 0.01 26.73 29.60
N TYR A 191 -0.79 25.70 29.93
CA TYR A 191 -0.31 24.57 30.73
C TYR A 191 0.89 23.85 30.11
N ASP A 192 1.95 23.70 30.90
CA ASP A 192 3.18 23.05 30.46
C ASP A 192 3.52 21.84 31.32
N GLY A 193 2.55 21.36 32.09
CA GLY A 193 2.75 20.20 32.95
C GLY A 193 2.93 20.57 34.41
N LYS A 194 3.06 21.87 34.70
CA LYS A 194 3.19 22.36 36.07
C LYS A 194 2.04 23.30 36.39
N ASP A 195 1.32 23.02 37.48
CA ASP A 195 0.23 23.89 37.92
C ASP A 195 0.76 25.27 38.29
N LYS A 196 0.09 26.31 37.82
CA LYS A 196 0.56 27.68 38.02
C LYS A 196 0.29 28.20 39.42
N ASP A 197 -0.80 27.75 40.03
CA ASP A 197 -1.23 28.28 41.32
C ASP A 197 -1.31 29.81 41.30
N ILE A 198 -2.35 30.33 40.66
CA ILE A 198 -2.59 31.75 40.52
C ILE A 198 -4.08 32.02 40.67
N PRO A 199 -4.46 33.28 40.92
CA PRO A 199 -5.89 33.61 41.02
C PRO A 199 -6.65 33.31 39.74
N ASP A 200 -7.86 32.82 39.89
CA ASP A 200 -8.72 32.52 38.76
C ASP A 200 -8.72 33.65 37.73
N GLN A 201 -8.86 34.88 38.19
CA GLN A 201 -8.89 36.02 37.28
C GLN A 201 -7.60 36.13 36.49
N GLN A 202 -6.47 35.82 37.13
CA GLN A 202 -5.20 35.85 36.45
C GLN A 202 -5.15 34.76 35.36
N GLN A 203 -5.70 33.58 35.66
CA GLN A 203 -5.70 32.50 34.68
C GLN A 203 -6.56 32.89 33.49
N VAL A 204 -7.70 33.52 33.75
CA VAL A 204 -8.55 34.03 32.68
C VAL A 204 -7.74 34.94 31.74
N ALA A 205 -7.04 35.93 32.32
CA ALA A 205 -6.26 36.85 31.52
C ALA A 205 -5.14 36.12 30.75
N CYS A 206 -4.50 35.17 31.41
CA CYS A 206 -3.49 34.34 30.76
C CYS A 206 -4.05 33.58 29.55
N ASN A 207 -5.23 32.98 29.71
CA ASN A 207 -5.86 32.28 28.60
C ASN A 207 -6.10 33.22 27.40
N LEU A 208 -6.61 34.42 27.66
CA LEU A 208 -6.86 35.37 26.58
C LEU A 208 -5.53 35.72 25.90
N SER A 209 -4.49 35.91 26.72
CA SER A 209 -3.16 36.22 26.20
C SER A 209 -2.65 35.09 25.31
N THR A 210 -2.99 33.86 25.70
CA THR A 210 -2.53 32.65 25.01
C THR A 210 -3.22 32.53 23.66
N VAL A 211 -4.50 32.84 23.60
CA VAL A 211 -5.21 32.87 22.33
C VAL A 211 -4.58 33.90 21.37
N TYR A 212 -4.29 35.10 21.85
CA TYR A 212 -3.65 36.11 21.00
C TYR A 212 -2.26 35.67 20.57
N ARG A 213 -1.54 34.98 21.45
CA ARG A 213 -0.25 34.41 21.08
C ARG A 213 -0.37 33.43 19.92
N ASP A 214 -1.33 32.51 19.99
CA ASP A 214 -1.44 31.49 18.97
C ASP A 214 -1.93 32.07 17.64
N LEU A 215 -2.86 33.03 17.72
CA LEU A 215 -3.54 33.51 16.51
C LEU A 215 -2.86 34.71 15.84
N VAL A 216 -2.07 35.47 16.60
CA VAL A 216 -1.47 36.68 16.06
C VAL A 216 0.06 36.66 16.17
N ARG A 217 0.60 36.45 17.37
CA ARG A 217 2.04 36.55 17.58
C ARG A 217 2.80 35.45 16.85
N ASN A 218 2.31 34.22 16.95
CA ASN A 218 3.02 33.07 16.41
C ASN A 218 2.45 32.53 15.09
N GLY A 219 1.15 32.73 14.89
CA GLY A 219 0.49 32.29 13.68
C GLY A 219 0.52 33.40 12.66
N VAL A 220 1.70 33.71 12.15
CA VAL A 220 1.89 34.90 11.33
C VAL A 220 1.67 34.60 9.84
N ASP A 221 1.66 33.33 9.46
CA ASP A 221 1.51 32.96 8.05
C ASP A 221 1.05 31.49 7.97
N PRO A 222 0.77 30.97 6.76
CA PRO A 222 0.22 29.61 6.72
C PRO A 222 1.14 28.55 7.31
N THR A 223 2.44 28.68 7.09
CA THR A 223 3.38 27.70 7.62
C THR A 223 3.35 27.69 9.15
N SER A 224 3.33 28.88 9.76
CA SER A 224 3.45 28.94 11.21
C SER A 224 2.11 28.68 11.92
N PHE A 225 0.99 28.92 11.24
CA PHE A 225 -0.32 28.67 11.83
C PHE A 225 -0.76 27.22 11.60
N PHE A 226 -0.72 26.77 10.35
CA PHE A 226 -1.23 25.44 10.02
C PHE A 226 -0.27 24.32 10.35
N GLY A 227 1.04 24.62 10.32
CA GLY A 227 2.06 23.63 10.56
C GLY A 227 2.82 23.30 9.29
N GLY A 228 3.85 22.48 9.41
CA GLY A 228 4.79 22.23 8.34
C GLY A 228 4.25 21.40 7.18
N LYS A 229 4.92 21.53 6.05
CA LYS A 229 4.58 20.75 4.86
C LYS A 229 4.89 19.28 5.09
N TYR A 230 3.90 18.44 4.81
CA TYR A 230 3.96 17.00 5.06
C TYR A 230 3.35 16.32 3.84
N VAL A 231 4.16 15.55 3.11
CA VAL A 231 3.77 15.01 1.80
C VAL A 231 4.14 13.53 1.70
N ALA A 232 3.66 12.88 0.64
CA ALA A 232 3.95 11.46 0.44
C ALA A 232 5.44 11.23 0.54
N GLY A 233 5.81 10.20 1.30
CA GLY A 233 7.19 9.81 1.49
C GLY A 233 7.78 10.29 2.79
N ASP A 234 7.11 11.25 3.44
CA ASP A 234 7.59 11.80 4.70
C ASP A 234 7.30 10.85 5.83
N SER A 235 8.22 10.73 6.78
CA SER A 235 7.94 10.05 8.03
C SER A 235 7.21 10.96 9.02
N PRO A 236 6.64 10.36 10.08
CA PRO A 236 5.82 11.18 10.97
C PRO A 236 6.64 12.25 11.68
N VAL A 237 6.08 13.46 11.77
CA VAL A 237 6.72 14.55 12.49
C VAL A 237 6.50 14.32 13.98
N ALA A 238 7.56 14.48 14.75
CA ALA A 238 7.52 14.17 16.18
C ALA A 238 6.76 15.23 16.96
N ASN A 239 6.04 14.82 18.00
CA ASN A 239 5.44 15.78 18.92
C ASN A 239 6.55 16.70 19.37
N GLY A 240 6.26 18.00 19.43
CA GLY A 240 7.24 18.97 19.90
C GLY A 240 8.13 19.56 18.83
N ASP A 241 8.03 19.05 17.59
CA ASP A 241 8.83 19.59 16.49
C ASP A 241 8.59 21.09 16.33
N PRO A 242 9.64 21.86 16.03
CA PRO A 242 9.43 23.30 15.85
C PRO A 242 8.54 23.64 14.65
N SER A 243 8.31 22.71 13.74
CA SER A 243 7.50 23.00 12.55
C SER A 243 6.00 22.89 12.81
N VAL A 244 5.63 22.43 13.99
CA VAL A 244 4.23 22.28 14.34
C VAL A 244 3.59 23.66 14.40
N GLY A 245 2.35 23.80 13.93
CA GLY A 245 1.69 25.09 13.91
C GLY A 245 1.33 25.62 15.29
N SER A 246 1.03 26.93 15.35
CA SER A 246 0.90 27.64 16.62
C SER A 246 -0.24 27.11 17.50
N VAL A 247 -1.43 26.94 16.93
CA VAL A 247 -2.57 26.45 17.70
C VAL A 247 -2.32 25.00 18.12
N GLU A 248 -1.89 24.15 17.20
CA GLU A 248 -1.70 22.73 17.51
C GLU A 248 -0.76 22.56 18.70
N ALA A 249 0.35 23.29 18.67
CA ALA A 249 1.40 23.15 19.67
C ALA A 249 1.09 23.93 20.93
N GLY A 250 0.23 24.94 20.79
CA GLY A 250 -0.07 25.86 21.87
C GLY A 250 -1.33 25.48 22.63
N SER A 251 -2.37 26.30 22.50
CA SER A 251 -3.59 26.08 23.27
C SER A 251 -4.16 24.68 23.13
N HS8 A 252 -4.06 24.14 21.91
CA HS8 A 252 -4.58 22.82 21.63
CB HS8 A 252 -4.31 22.41 20.17
CG HS8 A 252 -4.70 21.01 19.96
ND1 HS8 A 252 -6.04 20.59 20.07
CE1 HS8 A 252 -6.07 19.26 19.83
NE2 HS8 A 252 -4.81 18.77 19.59
CD2 HS8 A 252 -3.93 19.88 19.66
C HS8 A 252 -3.98 21.75 22.50
O HS8 A 252 -4.62 20.94 23.18
O3 HS8 A 252 -4.22 16.40 20.38
S HS8 A 252 -4.40 17.10 19.22
O1 HS8 A 252 -5.20 16.80 18.16
O2 HS8 A 252 -2.90 17.29 18.61
N HIS A 252 -4.08 24.12 21.93
CA HIS A 252 -4.67 22.81 21.68
C HIS A 252 -3.97 21.72 22.49
N THR A 253 -2.65 21.73 22.49
CA THR A 253 -1.87 20.79 23.26
C THR A 253 -2.13 20.99 24.75
N ALA A 254 -2.19 22.24 25.18
CA ALA A 254 -2.40 22.54 26.59
C ALA A 254 -3.69 21.91 27.15
N VAL A 255 -4.79 22.03 26.41
CA VAL A 255 -6.06 21.50 26.89
C VAL A 255 -5.99 19.97 27.02
N HIS A 256 -5.38 19.30 26.03
CA HIS A 256 -5.21 17.85 26.08
C HIS A 256 -4.43 17.44 27.34
N ARG A 257 -3.28 18.08 27.55
CA ARG A 257 -2.45 17.76 28.71
C ARG A 257 -3.18 18.02 30.03
N TRP A 258 -3.87 19.15 30.11
CA TRP A 258 -4.56 19.58 31.32
C TRP A 258 -5.73 18.67 31.69
N VAL A 259 -6.51 18.24 30.70
CA VAL A 259 -7.65 17.38 31.00
C VAL A 259 -7.24 15.93 31.26
N GLY A 260 -6.24 15.44 30.52
CA GLY A 260 -5.78 14.07 30.65
C GLY A 260 -5.42 13.71 32.07
N ASP A 261 -5.72 12.48 32.49
CA ASP A 261 -5.53 12.05 33.87
C ASP A 261 -4.10 11.57 34.11
N PRO A 262 -3.28 12.34 34.86
CA PRO A 262 -1.88 11.94 35.01
C PRO A 262 -1.68 10.65 35.82
N THR A 263 -2.71 10.15 36.49
CA THR A 263 -2.59 8.88 37.21
C THR A 263 -2.73 7.67 36.26
N GLN A 264 -3.05 7.92 34.99
CA GLN A 264 -3.17 6.85 34.01
C GLN A 264 -1.86 6.63 33.24
N PRO A 265 -1.66 5.41 32.72
CA PRO A 265 -0.35 5.04 32.19
C PRO A 265 0.08 5.85 30.96
N ASN A 266 -0.87 6.34 30.16
CA ASN A 266 -0.57 7.24 29.05
C ASN A 266 -1.34 8.55 29.18
N ASN A 267 -1.68 8.90 30.41
CA ASN A 267 -2.48 10.08 30.71
C ASN A 267 -3.82 10.07 29.99
N GLU A 268 -4.37 8.87 29.79
CA GLU A 268 -5.69 8.72 29.21
C GLU A 268 -6.73 9.51 30.01
N ASP A 269 -7.80 10.00 29.38
CA ASP A 269 -8.05 9.83 27.96
C ASP A 269 -7.44 10.97 27.12
N MET A 270 -7.72 12.21 27.49
CA MET A 270 -7.33 13.36 26.66
C MET A 270 -5.82 13.51 26.51
N GLY A 271 -5.04 12.90 27.40
CA GLY A 271 -3.61 13.10 27.41
C GLY A 271 -2.80 12.34 26.36
N ASN A 272 -3.47 11.49 25.58
CA ASN A 272 -2.83 10.82 24.43
C ASN A 272 -3.81 10.76 23.26
N PHE A 273 -3.30 10.93 22.03
CA PHE A 273 -4.16 10.83 20.85
C PHE A 273 -5.01 9.57 20.85
N TYR A 274 -4.42 8.45 21.25
CA TYR A 274 -5.06 7.16 20.96
C TYR A 274 -6.34 6.99 21.80
N SER A 275 -6.41 7.71 22.91
CA SER A 275 -7.48 7.60 23.88
C SER A 275 -8.35 8.84 23.99
N ALA A 276 -7.95 9.92 23.32
CA ALA A 276 -8.58 11.21 23.57
C ALA A 276 -10.07 11.15 23.22
N GLY A 277 -10.42 10.39 22.18
CA GLY A 277 -11.78 10.32 21.70
C GLY A 277 -12.78 9.63 22.60
N TYR A 278 -12.32 8.99 23.67
CA TYR A 278 -13.24 8.40 24.64
C TYR A 278 -13.77 9.44 25.61
N ASP A 279 -13.18 10.63 25.61
CA ASP A 279 -13.71 11.73 26.38
C ASP A 279 -14.60 12.59 25.49
N PRO A 280 -15.91 12.64 25.79
CA PRO A 280 -16.76 13.48 24.96
C PRO A 280 -16.23 14.90 24.79
N VAL A 281 -15.50 15.42 25.79
CA VAL A 281 -15.08 16.81 25.71
C VAL A 281 -13.98 16.98 24.65
N PHE A 282 -13.37 15.88 24.22
CA PHE A 282 -12.40 15.89 23.13
C PHE A 282 -12.92 16.61 21.90
N TYR A 283 -14.12 16.22 21.47
CA TYR A 283 -14.67 16.70 20.23
C TYR A 283 -15.07 18.18 20.37
N ILE A 284 -15.40 18.55 21.59
CA ILE A 284 -15.97 19.86 21.87
C ILE A 284 -14.85 20.90 22.05
N HIS A 285 -13.76 20.45 22.64
CA HIS A 285 -12.49 21.17 22.54
C HIS A 285 -12.12 21.36 21.07
N HIS A 286 -12.15 20.28 20.29
CA HIS A 286 -11.73 20.39 18.91
C HIS A 286 -12.66 21.25 18.06
N ALA A 287 -13.94 21.35 18.44
CA ALA A 287 -14.84 22.25 17.72
C ALA A 287 -14.34 23.69 17.90
N ASN A 288 -13.81 24.04 19.08
CA ASN A 288 -13.26 25.39 19.22
C ASN A 288 -11.92 25.54 18.51
N VAL A 289 -11.12 24.50 18.46
CA VAL A 289 -9.89 24.53 17.66
C VAL A 289 -10.27 24.78 16.19
N ASP A 290 -11.31 24.08 15.74
CA ASP A 290 -11.84 24.29 14.40
C ASP A 290 -12.22 25.76 14.18
N ARG A 291 -12.87 26.33 15.18
CA ARG A 291 -13.29 27.73 15.16
C ARG A 291 -12.09 28.67 15.07
N MET A 292 -10.96 28.28 15.67
CA MET A 292 -9.78 29.15 15.61
C MET A 292 -9.33 29.37 14.17
N TRP A 293 -9.45 28.35 13.34
CA TRP A 293 -9.13 28.48 11.91
C TRP A 293 -9.98 29.59 11.32
N LYS A 294 -11.28 29.57 11.63
CA LYS A 294 -12.18 30.62 11.16
C LYS A 294 -11.71 31.98 11.67
N LEU A 295 -11.44 32.07 12.96
CA LEU A 295 -11.11 33.36 13.57
C LEU A 295 -9.81 33.90 13.01
N TRP A 296 -8.87 32.98 12.78
CA TRP A 296 -7.55 33.36 12.29
C TRP A 296 -7.65 34.03 10.95
N LYS A 297 -8.50 33.49 10.09
CA LYS A 297 -8.76 34.13 8.80
C LYS A 297 -9.50 35.47 8.99
N GLU A 298 -10.38 35.55 9.97
CA GLU A 298 -11.21 36.75 10.14
C GLU A 298 -10.41 37.92 10.71
N LEU A 299 -9.18 37.66 11.11
CA LEU A 299 -8.33 38.71 11.65
C LEU A 299 -7.91 39.68 10.56
N ARG A 300 -7.92 39.24 9.30
CA ARG A 300 -7.65 40.13 8.18
C ARG A 300 -6.27 40.77 8.32
N LEU A 301 -5.32 39.95 8.71
CA LEU A 301 -3.92 40.36 8.83
C LEU A 301 -3.06 39.78 7.71
N PRO A 302 -1.95 40.44 7.39
CA PRO A 302 -1.04 39.87 6.38
C PRO A 302 -0.62 38.46 6.75
N GLY A 303 -0.70 37.54 5.80
CA GLY A 303 -0.31 36.16 6.04
C GLY A 303 -1.44 35.26 6.47
N HIS A 304 -2.57 35.85 6.83
CA HIS A 304 -3.68 35.05 7.34
C HIS A 304 -4.54 34.57 6.19
N VAL A 305 -3.99 33.67 5.39
CA VAL A 305 -4.68 33.11 4.24
C VAL A 305 -4.60 31.58 4.26
N ASP A 306 -5.46 30.94 3.49
CA ASP A 306 -5.45 29.49 3.40
C ASP A 306 -4.34 28.99 2.48
N ILE A 307 -4.04 27.71 2.63
CA ILE A 307 -3.02 27.05 1.85
C ILE A 307 -3.47 26.81 0.42
N THR A 308 -2.56 26.99 -0.53
CA THR A 308 -2.85 26.81 -1.94
C THR A 308 -1.99 25.74 -2.59
N ASP A 309 -1.09 25.15 -1.80
CA ASP A 309 -0.19 24.12 -2.29
C ASP A 309 -1.00 22.87 -2.67
N PRO A 310 -0.91 22.44 -3.94
CA PRO A 310 -1.65 21.25 -4.37
C PRO A 310 -1.42 20.04 -3.47
N ASP A 311 -0.23 19.90 -2.89
CA ASP A 311 0.03 18.70 -2.10
C ASP A 311 -0.70 18.75 -0.76
N TRP A 312 -1.26 19.91 -0.43
CA TRP A 312 -2.15 20.02 0.72
C TRP A 312 -3.59 19.91 0.26
N LEU A 313 -3.94 20.69 -0.76
CA LEU A 313 -5.29 20.69 -1.28
C LEU A 313 -5.77 19.28 -1.58
N ASN A 314 -4.91 18.47 -2.16
CA ASN A 314 -5.32 17.19 -2.70
C ASN A 314 -5.09 16.02 -1.76
N ALA A 315 -4.71 16.34 -0.52
CA ALA A 315 -4.57 15.31 0.52
C ALA A 315 -5.97 14.86 0.93
N SER A 316 -6.11 13.57 1.24
CA SER A 316 -7.45 13.02 1.52
C SER A 316 -7.46 11.95 2.61
N TYR A 317 -8.62 11.81 3.23
CA TYR A 317 -8.88 10.87 4.32
C TYR A 317 -10.14 10.12 3.98
N VAL A 318 -10.39 9.05 4.71
CA VAL A 318 -11.61 8.27 4.53
C VAL A 318 -12.32 8.13 5.87
N PHE A 319 -13.63 8.38 5.86
CA PHE A 319 -14.47 8.26 7.04
C PHE A 319 -15.76 7.56 6.70
N TYR A 320 -16.31 6.87 7.69
CA TYR A 320 -17.70 6.45 7.64
C TYR A 320 -18.62 7.65 7.93
N ASP A 321 -19.74 7.75 7.22
CA ASP A 321 -20.70 8.81 7.49
C ASP A 321 -21.94 8.29 8.21
N GLU A 322 -22.96 9.12 8.34
CA GLU A 322 -24.14 8.76 9.14
C GLU A 322 -24.97 7.63 8.53
N ASN A 323 -24.74 7.35 7.25
CA ASN A 323 -25.38 6.24 6.57
C ASN A 323 -24.52 4.98 6.49
N LYS A 324 -23.40 4.99 7.23
CA LYS A 324 -22.42 3.90 7.21
C LYS A 324 -21.82 3.72 5.81
N ASP A 325 -21.86 4.77 4.99
CA ASP A 325 -21.11 4.79 3.74
C ASP A 325 -19.68 5.23 4.02
N LEU A 326 -18.75 4.78 3.18
CA LEU A 326 -17.37 5.26 3.22
C LEU A 326 -17.23 6.43 2.28
N VAL A 327 -16.59 7.49 2.75
CA VAL A 327 -16.48 8.71 1.97
C VAL A 327 -15.04 9.17 1.99
N ARG A 328 -14.52 9.52 0.81
CA ARG A 328 -13.19 10.08 0.73
C ARG A 328 -13.37 11.59 0.68
N VAL A 329 -12.64 12.30 1.52
CA VAL A 329 -12.72 13.77 1.57
C VAL A 329 -11.33 14.39 1.40
N TYR A 330 -11.31 15.54 0.73
CA TYR A 330 -10.05 16.26 0.44
C TYR A 330 -9.94 17.54 1.25
N ASN A 331 -8.71 17.93 1.59
CA ASN A 331 -8.49 19.18 2.31
C ASN A 331 -9.13 20.36 1.59
N LYS A 332 -8.96 20.42 0.28
CA LYS A 332 -9.45 21.58 -0.47
C LYS A 332 -10.93 21.86 -0.23
N ASP A 333 -11.69 20.81 0.10
CA ASP A 333 -13.14 20.93 0.15
C ASP A 333 -13.68 21.33 1.53
N CYS A 334 -12.82 21.57 2.51
CA CYS A 334 -13.29 21.96 3.83
C CYS A 334 -12.94 23.38 4.20
N VAL A 335 -12.35 24.14 3.26
CA VAL A 335 -11.85 25.46 3.59
C VAL A 335 -12.98 26.47 3.79
N ASN A 336 -14.12 26.22 3.16
CA ASN A 336 -15.28 27.12 3.22
C ASN A 336 -16.43 26.55 4.05
N LEU A 337 -16.67 27.14 5.22
CA LEU A 337 -17.68 26.64 6.13
C LEU A 337 -19.10 26.75 5.58
N ASP A 338 -19.39 27.78 4.79
CA ASP A 338 -20.72 27.88 4.21
C ASP A 338 -21.03 26.62 3.39
N LYS A 339 -20.04 26.10 2.67
CA LYS A 339 -20.28 24.95 1.81
C LYS A 339 -20.44 23.65 2.60
N LEU A 340 -19.88 23.60 3.80
CA LEU A 340 -20.07 22.47 4.70
C LEU A 340 -21.28 22.63 5.60
N LYS A 341 -21.97 23.76 5.46
CA LYS A 341 -23.27 23.99 6.11
C LYS A 341 -23.19 23.98 7.64
N TYR A 342 -22.10 24.48 8.21
CA TYR A 342 -22.07 24.81 9.63
C TYR A 342 -21.27 26.08 9.88
N ASN A 343 -21.46 26.64 11.06
CA ASN A 343 -20.63 27.72 11.55
C ASN A 343 -20.72 27.72 13.08
N PHE A 344 -20.32 28.82 13.69
CA PHE A 344 -20.32 28.93 15.15
C PHE A 344 -21.10 30.17 15.57
N ILE A 345 -21.92 30.05 16.60
CA ILE A 345 -22.61 31.23 17.16
C ILE A 345 -21.60 32.15 17.84
N GLU A 346 -21.57 33.41 17.42
CA GLU A 346 -20.61 34.37 17.96
C GLU A 346 -21.37 35.43 18.74
N ASN A 347 -20.65 36.21 19.54
CA ASN A 347 -21.28 37.33 20.26
C ASN A 347 -21.70 38.43 19.30
N VAL B 3 10.30 41.94 24.48
CA VAL B 3 9.72 41.23 25.62
C VAL B 3 8.91 42.17 26.49
N PHE B 4 7.66 41.79 26.69
CA PHE B 4 6.77 42.45 27.63
C PHE B 4 6.14 41.39 28.53
N THR B 5 5.46 41.86 29.57
CA THR B 5 4.93 41.02 30.63
C THR B 5 3.58 40.45 30.22
N THR B 6 3.31 39.19 30.56
CA THR B 6 1.97 38.63 30.36
C THR B 6 1.47 37.95 31.62
N PRO B 7 0.14 37.82 31.77
CA PRO B 7 -0.41 37.26 33.02
C PRO B 7 -0.09 35.78 33.23
N CYS B 8 0.49 35.10 32.23
CA CYS B 8 0.86 33.70 32.39
C CYS B 8 2.17 33.56 33.14
N ASP B 9 2.95 34.64 33.19
CA ASP B 9 4.31 34.58 33.71
C ASP B 9 4.34 34.74 35.23
N PRO B 10 5.29 34.07 35.90
CA PRO B 10 5.47 34.32 37.33
C PRO B 10 5.90 35.76 37.63
N ALA C 1 21.83 9.88 13.43
CA ALA C 1 22.61 11.09 13.32
C ALA C 1 23.28 11.15 11.95
N PRO C 2 23.38 12.36 11.39
CA PRO C 2 23.88 12.52 10.02
C PRO C 2 25.39 12.39 9.86
N ILE C 3 25.83 11.83 8.73
CA ILE C 3 27.25 11.87 8.35
C ILE C 3 27.69 13.32 8.25
N THR C 4 28.82 13.64 8.87
CA THR C 4 29.30 15.01 9.02
C THR C 4 30.79 15.03 8.77
N ALA C 5 31.24 15.67 7.69
CA ALA C 5 32.66 15.78 7.41
C ALA C 5 33.31 16.54 8.56
N PRO C 6 34.51 16.11 8.96
CA PRO C 6 35.25 16.83 10.00
C PRO C 6 35.86 18.10 9.43
N ASP C 7 36.63 18.82 10.23
CA ASP C 7 37.52 19.83 9.69
C ASP C 7 38.59 19.11 8.87
N ILE C 8 38.39 19.10 7.57
CA ILE C 8 39.21 18.33 6.66
C ILE C 8 40.67 18.81 6.63
N THR C 9 40.91 20.01 7.14
CA THR C 9 42.26 20.53 7.25
C THR C 9 42.97 20.14 8.56
N SER C 10 42.24 19.52 9.49
N SER C 10 42.26 19.52 9.49
CA SER C 10 42.78 19.14 10.79
CA SER C 10 42.85 19.12 10.78
C SER C 10 42.86 17.63 11.00
C SER C 10 42.85 17.61 11.04
N ILE C 11 41.88 16.90 10.48
CA ILE C 11 41.82 15.46 10.66
C ILE C 11 41.64 14.84 9.27
N CYS C 12 42.70 14.21 8.77
CA CYS C 12 42.66 13.61 7.45
C CYS C 12 43.79 12.58 7.39
N LYS C 13 43.58 11.51 6.62
CA LYS C 13 44.61 10.49 6.49
C LYS C 13 44.73 10.08 5.03
N ASP C 14 45.88 9.50 4.70
CA ASP C 14 46.13 9.10 3.32
C ASP C 14 45.12 8.03 2.91
N ALA C 15 44.74 8.06 1.64
CA ALA C 15 43.75 7.12 1.11
C ALA C 15 44.31 5.70 1.05
N SER C 16 43.57 4.74 1.59
CA SER C 16 43.99 3.34 1.50
C SER C 16 42.81 2.38 1.54
N SER C 17 41.63 2.88 1.22
CA SER C 17 40.45 2.04 1.04
C SER C 17 40.07 2.02 -0.44
N GLY C 18 39.68 0.87 -0.95
CA GLY C 18 39.15 0.81 -2.30
C GLY C 18 40.18 0.91 -3.42
N ILE C 19 41.46 0.79 -3.08
CA ILE C 19 42.51 0.80 -4.07
C ILE C 19 43.21 -0.55 -4.07
N GLY C 20 42.96 -1.35 -5.10
CA GLY C 20 43.40 -2.73 -5.12
C GLY C 20 44.90 -2.89 -5.14
N ASN C 21 45.59 -2.01 -5.88
CA ASN C 21 47.05 -2.02 -5.96
C ASN C 21 47.59 -0.66 -5.50
N GLN C 22 47.78 -0.51 -4.20
CA GLN C 22 48.22 0.76 -3.62
C GLN C 22 49.65 1.11 -4.02
N GLU C 23 50.57 0.15 -3.87
CA GLU C 23 51.97 0.44 -4.10
C GLU C 23 52.22 0.82 -5.56
N GLY C 24 51.45 0.25 -6.48
CA GLY C 24 51.61 0.54 -7.90
C GLY C 24 50.75 1.69 -8.44
N ALA C 25 49.97 2.31 -7.57
CA ALA C 25 49.05 3.38 -7.97
C ALA C 25 49.76 4.46 -8.80
N ILE C 26 49.14 4.90 -9.90
CA ILE C 26 49.78 5.89 -10.75
C ILE C 26 49.35 7.32 -10.39
N ARG C 27 48.42 7.47 -9.44
CA ARG C 27 48.09 8.78 -8.88
C ARG C 27 48.37 8.78 -7.38
N THR C 28 48.45 9.97 -6.78
CA THR C 28 48.76 10.01 -5.36
C THR C 28 47.65 9.42 -4.51
N ARG C 29 48.05 8.92 -3.34
CA ARG C 29 47.12 8.53 -2.31
C ARG C 29 47.19 9.49 -1.12
N LYS C 30 48.04 10.51 -1.23
CA LYS C 30 48.09 11.53 -0.20
C LYS C 30 47.13 12.63 -0.60
N CYS C 31 45.85 12.39 -0.35
CA CYS C 31 44.78 13.19 -0.94
C CYS C 31 44.26 14.26 0.00
N CYS C 32 44.95 14.52 1.12
CA CYS C 32 44.42 15.48 2.07
C CYS C 32 44.58 16.90 1.55
N PRO C 33 43.59 17.75 1.84
CA PRO C 33 43.61 19.13 1.33
C PRO C 33 44.58 20.00 2.10
N PRO C 34 44.91 21.17 1.54
CA PRO C 34 45.87 22.05 2.20
C PRO C 34 45.26 22.83 3.36
N SER C 35 46.13 23.31 4.23
CA SER C 35 45.76 24.13 5.37
C SER C 35 46.17 25.57 5.09
N LEU C 36 45.20 26.45 4.90
CA LEU C 36 45.47 27.85 4.57
C LEU C 36 45.12 28.77 5.74
N GLY C 37 44.75 28.20 6.87
CA GLY C 37 44.36 28.99 8.02
C GLY C 37 42.94 29.53 7.99
N LYS C 38 42.11 28.98 7.10
CA LYS C 38 40.73 29.42 6.98
C LYS C 38 39.84 28.85 8.06
N LYS C 39 38.81 29.60 8.44
CA LYS C 39 37.77 29.06 9.31
C LYS C 39 36.60 28.57 8.46
N ILE C 40 36.11 27.38 8.77
CA ILE C 40 34.98 26.82 8.04
C ILE C 40 33.73 27.66 8.31
N LYS C 41 33.03 28.03 7.25
CA LYS C 41 31.80 28.79 7.39
C LYS C 41 30.67 28.09 6.67
N ASP C 42 29.44 28.35 7.09
CA ASP C 42 28.30 27.77 6.42
C ASP C 42 28.10 28.37 5.02
N PHE C 43 27.63 27.51 4.13
CA PHE C 43 27.17 27.89 2.83
C PHE C 43 26.11 28.99 2.88
N GLN C 44 26.23 29.97 1.98
CA GLN C 44 25.14 30.91 1.73
C GLN C 44 24.72 30.78 0.26
N PHE C 45 23.43 30.94 -0.02
CA PHE C 45 22.98 30.76 -1.39
C PHE C 45 23.55 31.83 -2.32
N PRO C 46 23.91 31.45 -3.55
CA PRO C 46 24.53 32.36 -4.52
C PRO C 46 23.58 33.44 -5.01
N ASN C 47 24.15 34.57 -5.42
CA ASN C 47 23.36 35.71 -5.88
C ASN C 47 23.56 35.96 -7.37
N ASP C 48 24.08 34.96 -8.09
CA ASP C 48 24.24 35.04 -9.54
C ASP C 48 23.04 35.69 -10.21
N LYS C 49 23.32 36.63 -11.11
CA LYS C 49 22.26 37.33 -11.84
C LYS C 49 21.56 36.42 -12.84
N LYS C 50 22.33 35.50 -13.42
CA LYS C 50 21.79 34.57 -14.43
C LYS C 50 22.03 33.14 -14.01
N VAL C 51 21.21 32.22 -14.51
CA VAL C 51 21.43 30.80 -14.28
C VAL C 51 22.52 30.28 -15.22
N ARG C 52 23.46 29.53 -14.67
CA ARG C 52 24.50 28.90 -15.47
C ARG C 52 23.86 27.75 -16.22
N MET C 53 23.96 27.72 -17.54
CA MET C 53 23.31 26.67 -18.31
C MET C 53 24.32 25.67 -18.85
N ARG C 54 24.38 24.52 -18.19
CA ARG C 54 25.27 23.45 -18.62
C ARG C 54 24.85 22.95 -20.01
N TRP C 55 25.86 22.71 -20.84
CA TRP C 55 25.65 22.44 -22.25
C TRP C 55 26.09 21.05 -22.67
N PRO C 56 25.34 20.41 -23.59
CA PRO C 56 25.78 19.07 -24.00
C PRO C 56 27.15 19.12 -24.65
N ALA C 57 28.03 18.21 -24.22
CA ALA C 57 29.44 18.24 -24.63
C ALA C 57 29.62 18.05 -26.13
N HIS C 58 28.61 17.52 -26.82
CA HIS C 58 28.69 17.33 -28.26
C HIS C 58 28.09 18.51 -29.04
N LYS C 59 27.55 19.50 -28.33
CA LYS C 59 26.85 20.62 -28.99
C LYS C 59 27.30 22.00 -28.49
N GLY C 60 28.51 22.08 -27.96
CA GLY C 60 29.02 23.35 -27.49
C GLY C 60 29.20 24.36 -28.61
N THR C 61 28.94 25.62 -28.30
CA THR C 61 29.36 26.72 -29.13
C THR C 61 30.87 26.85 -29.05
N LYS C 62 31.48 27.57 -29.98
CA LYS C 62 32.91 27.78 -29.97
C LYS C 62 33.34 28.41 -28.63
N LYS C 63 32.55 29.37 -28.16
CA LYS C 63 32.86 30.06 -26.91
C LYS C 63 32.81 29.10 -25.73
N GLN C 64 31.74 28.32 -25.64
CA GLN C 64 31.61 27.34 -24.57
C GLN C 64 32.80 26.39 -24.55
N VAL C 65 33.17 25.83 -25.71
CA VAL C 65 34.29 24.90 -25.78
C VAL C 65 35.61 25.61 -25.46
N ASP C 66 35.80 26.81 -26.00
CA ASP C 66 37.02 27.57 -25.76
C ASP C 66 37.19 27.90 -24.28
N ASP C 67 36.12 28.39 -23.68
CA ASP C 67 36.13 28.77 -22.28
C ASP C 67 36.40 27.58 -21.37
N TYR C 68 35.77 26.45 -21.67
CA TYR C 68 35.99 25.26 -20.86
C TYR C 68 37.44 24.79 -20.97
N ARG C 69 37.95 24.74 -22.19
CA ARG C 69 39.31 24.29 -22.42
C ARG C 69 40.30 25.22 -21.72
N ARG C 70 40.11 26.52 -21.83
CA ARG C 70 41.13 27.40 -21.25
C ARG C 70 40.97 27.52 -19.72
N ALA C 71 39.77 27.26 -19.20
CA ALA C 71 39.60 27.17 -17.75
C ALA C 71 40.33 25.96 -17.18
N ILE C 72 40.24 24.82 -17.87
CA ILE C 72 40.97 23.63 -17.44
C ILE C 72 42.48 23.90 -17.52
N ALA C 73 42.93 24.57 -18.57
CA ALA C 73 44.35 24.88 -18.72
C ALA C 73 44.79 25.74 -17.54
N ALA C 74 43.95 26.71 -17.18
CA ALA C 74 44.28 27.59 -16.07
C ALA C 74 44.36 26.78 -14.79
N MET C 75 43.45 25.81 -14.65
CA MET C 75 43.45 24.98 -13.46
C MET C 75 44.68 24.08 -13.40
N ARG C 76 45.13 23.56 -14.54
CA ARG C 76 46.32 22.72 -14.56
C ARG C 76 47.59 23.54 -14.30
N ALA C 77 47.53 24.85 -14.52
CA ALA C 77 48.69 25.72 -14.37
C ALA C 77 48.88 26.24 -12.95
N LEU C 78 47.84 26.16 -12.13
CA LEU C 78 47.93 26.59 -10.75
C LEU C 78 48.98 25.81 -9.99
N PRO C 79 49.59 26.43 -8.96
CA PRO C 79 50.48 25.70 -8.07
C PRO C 79 49.75 24.49 -7.50
N ASP C 80 50.46 23.38 -7.40
CA ASP C 80 49.85 22.15 -6.90
C ASP C 80 49.03 22.34 -5.64
N ASP C 81 49.55 23.10 -4.67
CA ASP C 81 48.94 23.18 -3.35
C ASP C 81 47.80 24.21 -3.25
N ASP C 82 47.49 24.88 -4.36
CA ASP C 82 46.30 25.72 -4.42
C ASP C 82 45.12 24.74 -4.34
N PRO C 83 44.17 24.96 -3.42
CA PRO C 83 43.06 23.99 -3.32
C PRO C 83 42.17 23.95 -4.56
N ARG C 84 42.38 24.88 -5.50
CA ARG C 84 41.64 24.96 -6.76
C ARG C 84 42.38 24.28 -7.90
N SER C 85 43.61 23.80 -7.65
CA SER C 85 44.43 23.25 -8.70
C SER C 85 43.81 21.97 -9.25
N PHE C 86 44.29 21.58 -10.42
CA PHE C 86 43.79 20.39 -11.08
C PHE C 86 43.92 19.15 -10.20
N VAL C 87 45.10 18.99 -9.61
CA VAL C 87 45.33 17.84 -8.77
C VAL C 87 44.56 17.98 -7.47
N SER C 88 44.49 19.19 -6.92
CA SER C 88 43.73 19.39 -5.69
C SER C 88 42.26 19.03 -5.89
N GLN C 89 41.70 19.38 -7.04
CA GLN C 89 40.29 19.07 -7.27
C GLN C 89 40.11 17.56 -7.41
N ALA C 90 41.05 16.88 -8.05
CA ALA C 90 40.98 15.42 -8.17
C ALA C 90 41.11 14.76 -6.79
N LYS C 91 41.97 15.32 -5.94
CA LYS C 91 42.19 14.79 -4.60
C LYS C 91 40.92 14.76 -3.74
N ILE C 92 40.01 15.71 -3.97
CA ILE C 92 38.77 15.74 -3.22
C ILE C 92 38.03 14.39 -3.36
N HIS C 93 37.95 13.89 -4.58
CA HIS C 93 37.23 12.66 -4.83
C HIS C 93 37.89 11.49 -4.10
N CYS C 94 39.21 11.47 -4.20
CA CYS C 94 40.02 10.49 -3.49
C CYS C 94 39.80 10.55 -1.97
N ALA C 95 39.81 11.75 -1.40
CA ALA C 95 39.65 11.87 0.05
C ALA C 95 38.29 11.33 0.50
N TYR C 96 37.23 11.71 -0.22
CA TYR C 96 35.89 11.36 0.21
C TYR C 96 35.48 9.95 -0.21
N CYS C 97 36.19 9.35 -1.20
CA CYS C 97 35.78 8.02 -1.69
C CYS C 97 36.73 6.90 -1.29
N ASN C 98 37.93 7.26 -0.83
CA ASN C 98 38.96 6.27 -0.56
C ASN C 98 39.56 6.39 0.84
N GLY C 99 38.76 6.90 1.77
CA GLY C 99 39.06 6.80 3.20
C GLY C 99 39.90 7.91 3.81
N GLY C 100 39.81 9.13 3.29
CA GLY C 100 40.60 10.22 3.81
C GLY C 100 40.06 10.71 5.16
N TYR C 101 38.73 10.65 5.33
CA TYR C 101 38.08 11.19 6.53
C TYR C 101 37.36 10.14 7.36
N THR C 102 37.16 10.47 8.64
CA THR C 102 36.46 9.60 9.56
C THR C 102 35.22 10.30 10.09
N GLN C 103 34.40 9.53 10.77
CA GLN C 103 33.22 10.05 11.41
C GLN C 103 33.50 10.57 12.83
N VAL C 104 34.72 11.09 13.06
CA VAL C 104 35.07 11.64 14.35
C VAL C 104 34.07 12.69 14.85
N ASP C 105 33.50 13.51 13.96
CA ASP C 105 32.62 14.57 14.41
C ASP C 105 31.24 14.02 14.79
N SER C 106 31.08 12.71 14.68
CA SER C 106 29.84 12.05 15.04
C SER C 106 30.03 11.10 16.22
N GLY C 107 31.26 11.02 16.70
CA GLY C 107 31.56 10.15 17.83
C GLY C 107 32.07 8.80 17.38
N PHE C 108 32.40 8.68 16.09
CA PHE C 108 32.90 7.42 15.52
C PHE C 108 34.24 7.65 14.80
N PRO C 109 35.28 7.97 15.57
CA PRO C 109 36.60 8.30 15.00
C PRO C 109 37.29 7.14 14.28
N ASP C 110 36.80 5.91 14.46
CA ASP C 110 37.46 4.75 13.85
C ASP C 110 36.75 4.25 12.60
N ILE C 111 35.69 4.95 12.18
CA ILE C 111 34.93 4.56 10.98
C ILE C 111 35.12 5.63 9.91
N ASP C 112 35.49 5.21 8.71
CA ASP C 112 35.64 6.16 7.61
C ASP C 112 34.33 6.75 7.18
N ILE C 113 34.41 7.93 6.57
CA ILE C 113 33.33 8.45 5.77
C ILE C 113 33.52 7.94 4.36
N GLN C 114 32.44 7.39 3.82
CA GLN C 114 32.35 7.00 2.42
C GLN C 114 31.11 7.69 1.85
N ILE C 115 31.23 8.43 0.75
CA ILE C 115 30.08 9.12 0.20
C ILE C 115 29.47 8.32 -0.94
N HIS C 116 30.13 7.25 -1.37
CA HIS C 116 29.57 6.37 -2.41
C HIS C 116 28.73 5.26 -1.82
N ASN C 117 27.95 4.63 -2.70
CA ASN C 117 27.19 3.43 -2.40
C ASN C 117 26.12 3.68 -1.34
N SER C 118 25.58 4.90 -1.37
CA SER C 118 24.47 5.23 -0.49
C SER C 118 23.75 6.49 -0.96
N TRP C 119 22.78 6.91 -0.17
CA TRP C 119 22.02 8.08 -0.48
C TRP C 119 22.85 9.37 -0.49
N LEU C 120 24.10 9.34 -0.03
CA LEU C 120 24.95 10.52 -0.09
C LEU C 120 25.47 10.75 -1.51
N PHE C 121 25.39 9.74 -2.36
CA PHE C 121 25.96 9.79 -3.71
C PHE C 121 25.58 11.06 -4.49
N PHE C 122 24.28 11.26 -4.72
CA PHE C 122 23.87 12.40 -5.54
C PHE C 122 24.20 13.79 -4.96
N PRO C 123 23.88 14.02 -3.68
CA PRO C 123 24.17 15.36 -3.15
C PRO C 123 25.66 15.61 -3.02
N PHE C 124 26.44 14.60 -2.65
CA PHE C 124 27.89 14.87 -2.51
C PHE C 124 28.42 15.37 -3.85
N HIS C 125 28.13 14.66 -4.93
CA HIS C 125 28.70 15.02 -6.21
C HIS C 125 28.07 16.30 -6.74
N ARG C 126 26.81 16.56 -6.40
CA ARG C 126 26.21 17.83 -6.77
C ARG C 126 27.00 19.00 -6.19
N TRP C 127 27.35 18.92 -4.91
CA TRP C 127 28.16 19.97 -4.31
C TRP C 127 29.58 20.04 -4.85
N TYR C 128 30.20 18.89 -5.02
CA TYR C 128 31.54 18.80 -5.56
C TYR C 128 31.61 19.57 -6.88
N LEU C 129 30.66 19.30 -7.77
CA LEU C 129 30.62 19.97 -9.06
C LEU C 129 30.22 21.44 -8.95
N TYR C 130 29.35 21.77 -8.00
CA TYR C 130 28.94 23.16 -7.78
C TYR C 130 30.17 24.04 -7.60
N PHE C 131 31.04 23.63 -6.67
CA PHE C 131 32.25 24.42 -6.41
C PHE C 131 33.26 24.32 -7.54
N TYR C 132 33.38 23.14 -8.14
CA TYR C 132 34.30 22.96 -9.26
C TYR C 132 33.98 23.92 -10.41
N GLU C 133 32.70 23.99 -10.76
CA GLU C 133 32.21 24.84 -11.84
C GLU C 133 32.46 26.31 -11.53
N ARG C 134 32.17 26.73 -10.30
CA ARG C 134 32.40 28.12 -9.89
C ARG C 134 33.89 28.45 -9.84
N ILE C 135 34.70 27.49 -9.44
CA ILE C 135 36.15 27.66 -9.49
C ILE C 135 36.63 27.87 -10.92
N LEU C 136 36.22 26.99 -11.84
CA LEU C 136 36.63 27.14 -13.23
C LEU C 136 36.24 28.49 -13.83
N GLY C 137 35.02 28.95 -13.58
CA GLY C 137 34.60 30.24 -14.12
C GLY C 137 35.45 31.38 -13.56
N SER C 138 35.77 31.29 -12.28
N SER C 138 35.76 31.28 -12.28
CA SER C 138 36.56 32.33 -11.62
CA SER C 138 36.55 32.29 -11.60
C SER C 138 37.92 32.45 -12.26
C SER C 138 37.92 32.44 -12.22
N LEU C 139 38.52 31.32 -12.61
CA LEU C 139 39.89 31.32 -13.15
C LEU C 139 40.01 32.06 -14.50
N ILE C 140 38.91 32.19 -15.23
CA ILE C 140 38.95 32.91 -16.52
C ILE C 140 37.99 34.10 -16.58
N ASP C 141 37.52 34.56 -15.42
CA ASP C 141 36.64 35.74 -15.35
C ASP C 141 35.42 35.58 -16.25
N GLU C 142 34.73 34.45 -16.06
CA GLU C 142 33.45 34.20 -16.70
C GLU C 142 32.46 33.90 -15.60
N PRO C 143 31.78 34.94 -15.10
CA PRO C 143 30.91 34.77 -13.95
C PRO C 143 29.69 33.88 -14.21
N ASN C 144 29.39 33.60 -15.47
CA ASN C 144 28.23 32.77 -15.83
C ASN C 144 28.69 31.45 -16.47
N PHE C 145 29.95 31.10 -16.26
CA PHE C 145 30.51 29.86 -16.77
C PHE C 145 29.70 28.64 -16.35
N ALA C 146 29.52 27.73 -17.30
CA ALA C 146 28.82 26.49 -17.01
C ALA C 146 29.57 25.32 -17.61
N LEU C 147 29.57 24.20 -16.88
CA LEU C 147 30.18 22.97 -17.35
C LEU C 147 29.46 22.41 -18.57
N PRO C 148 30.21 21.70 -19.45
CA PRO C 148 29.48 20.81 -20.35
C PRO C 148 28.97 19.60 -19.59
N TYR C 149 28.07 18.82 -20.21
CA TYR C 149 27.65 17.57 -19.61
C TYR C 149 27.59 16.51 -20.70
N TRP C 150 28.00 15.29 -20.35
CA TRP C 150 28.10 14.21 -21.31
C TRP C 150 26.71 13.62 -21.45
N LYS C 151 26.03 13.97 -22.52
CA LYS C 151 24.62 13.64 -22.66
C LYS C 151 24.47 12.25 -23.28
N TRP C 152 24.88 11.22 -22.55
CA TRP C 152 24.87 9.86 -23.10
C TRP C 152 23.48 9.22 -23.08
N ASP C 153 22.48 10.01 -22.70
CA ASP C 153 21.08 9.59 -22.84
C ASP C 153 20.48 10.01 -24.17
N GLU C 154 21.27 10.74 -24.97
CA GLU C 154 20.86 11.20 -26.29
C GLU C 154 21.82 10.59 -27.31
N PRO C 155 21.29 9.96 -28.38
CA PRO C 155 22.18 9.18 -29.24
C PRO C 155 23.43 9.93 -29.74
N LYS C 156 23.28 11.16 -30.21
CA LYS C 156 24.44 11.91 -30.71
C LYS C 156 25.38 12.33 -29.58
N GLY C 157 24.89 12.29 -28.34
CA GLY C 157 25.70 12.59 -27.18
C GLY C 157 26.44 11.39 -26.64
N MET C 158 26.17 10.21 -27.20
CA MET C 158 26.76 9.00 -26.63
C MET C 158 28.23 8.81 -26.94
N PRO C 159 28.68 9.14 -28.17
CA PRO C 159 30.13 9.07 -28.33
C PRO C 159 30.82 10.07 -27.40
N ILE C 160 31.94 9.68 -26.81
CA ILE C 160 32.76 10.64 -26.09
C ILE C 160 33.03 11.80 -27.04
N SER C 161 32.85 13.02 -26.54
CA SER C 161 32.98 14.20 -27.38
C SER C 161 34.41 14.40 -27.87
N ASN C 162 34.56 14.80 -29.13
CA ASN C 162 35.90 15.01 -29.67
C ASN C 162 36.66 16.09 -28.87
N ILE C 163 35.97 16.91 -28.09
CA ILE C 163 36.68 17.97 -27.37
C ILE C 163 37.68 17.38 -26.37
N PHE C 164 37.48 16.12 -25.98
CA PHE C 164 38.35 15.45 -25.01
C PHE C 164 39.49 14.67 -25.65
N LEU C 165 39.52 14.63 -26.97
CA LEU C 165 40.41 13.72 -27.66
C LEU C 165 41.63 14.45 -28.22
N GLY C 166 42.47 13.73 -28.96
CA GLY C 166 43.71 14.30 -29.47
C GLY C 166 44.88 13.80 -28.66
N ASP C 167 45.71 14.74 -28.19
CA ASP C 167 46.87 14.38 -27.39
C ASP C 167 47.06 15.36 -26.23
N ALA C 168 48.20 15.26 -25.55
CA ALA C 168 48.44 16.06 -24.35
C ALA C 168 48.46 17.56 -24.61
N SER C 169 48.52 17.97 -25.87
CA SER C 169 48.44 19.40 -26.18
C SER C 169 47.04 19.92 -25.90
N ASN C 170 46.08 19.01 -25.79
CA ASN C 170 44.71 19.35 -25.42
C ASN C 170 44.53 19.27 -23.90
N PRO C 171 44.19 20.39 -23.25
CA PRO C 171 44.03 20.35 -21.79
C PRO C 171 42.96 19.37 -21.33
N LEU C 172 42.03 19.01 -22.22
CA LEU C 172 40.91 18.17 -21.83
C LEU C 172 41.24 16.68 -22.03
N TYR C 173 42.42 16.41 -22.57
CA TYR C 173 42.85 15.05 -22.88
C TYR C 173 43.43 14.36 -21.65
N ASP C 174 43.36 13.03 -21.64
CA ASP C 174 43.96 12.20 -20.61
C ASP C 174 44.42 10.91 -21.24
N GLN C 175 45.71 10.59 -21.09
CA GLN C 175 46.24 9.39 -21.72
C GLN C 175 45.71 8.13 -21.05
N TYR C 176 45.30 8.22 -19.79
CA TYR C 176 44.86 7.06 -19.05
C TYR C 176 43.37 6.81 -19.27
N ARG C 177 43.06 6.43 -20.50
CA ARG C 177 41.73 5.95 -20.89
C ARG C 177 41.90 4.66 -21.68
N ASP C 178 40.85 3.85 -21.69
CA ASP C 178 40.85 2.61 -22.47
C ASP C 178 41.00 2.94 -23.95
N ALA C 179 42.13 2.62 -24.55
CA ALA C 179 42.41 3.01 -25.94
C ALA C 179 41.43 2.41 -26.93
N ASN C 180 41.05 1.17 -26.68
CA ASN C 180 40.11 0.50 -27.58
C ASN C 180 38.78 1.23 -27.54
N HIS C 181 38.34 1.54 -26.34
CA HIS C 181 37.03 2.16 -26.17
C HIS C 181 36.99 3.58 -26.72
N ILE C 182 38.09 4.32 -26.59
CA ILE C 182 38.16 5.62 -27.20
C ILE C 182 38.04 5.50 -28.73
N GLU C 183 38.65 4.46 -29.30
CA GLU C 183 38.48 4.21 -30.73
C GLU C 183 37.02 3.86 -31.07
N ASP C 184 36.37 3.09 -30.19
CA ASP C 184 34.97 2.70 -30.39
C ASP C 184 34.04 3.92 -30.29
N ARG C 185 34.46 4.88 -29.49
CA ARG C 185 33.77 6.16 -29.26
C ARG C 185 32.46 6.04 -28.48
N ILE C 186 31.54 5.18 -28.94
CA ILE C 186 30.22 5.08 -28.28
C ILE C 186 30.25 4.36 -26.95
N VAL C 187 29.99 5.09 -25.86
CA VAL C 187 30.04 4.50 -24.53
C VAL C 187 28.97 3.39 -24.40
N ASP C 188 29.28 2.37 -23.61
CA ASP C 188 28.33 1.30 -23.28
C ASP C 188 27.87 1.50 -21.84
N LEU C 189 26.65 2.02 -21.69
CA LEU C 189 26.10 2.33 -20.37
C LEU C 189 25.74 1.07 -19.61
N ASP C 190 25.82 -0.07 -20.29
CA ASP C 190 25.51 -1.38 -19.71
C ASP C 190 26.80 -2.20 -19.57
N TYR C 191 27.94 -1.52 -19.63
CA TYR C 191 29.23 -2.19 -19.66
C TYR C 191 29.47 -2.97 -18.37
N ASP C 192 29.95 -4.20 -18.51
CA ASP C 192 30.21 -5.05 -17.35
C ASP C 192 31.61 -5.66 -17.40
N GLY C 193 32.50 -5.03 -18.18
CA GLY C 193 33.87 -5.49 -18.30
C GLY C 193 34.15 -6.36 -19.50
N LYS C 194 33.09 -6.72 -20.24
CA LYS C 194 33.24 -7.46 -21.48
C LYS C 194 32.67 -6.66 -22.63
N ASP C 195 33.47 -6.45 -23.67
CA ASP C 195 32.99 -5.77 -24.86
C ASP C 195 31.85 -6.55 -25.51
N LYS C 196 30.77 -5.86 -25.85
CA LYS C 196 29.59 -6.52 -26.44
C LYS C 196 29.77 -6.90 -27.91
N ASP C 197 30.56 -6.12 -28.63
CA ASP C 197 30.72 -6.35 -30.08
C ASP C 197 29.37 -6.40 -30.80
N ILE C 198 28.60 -5.34 -30.67
CA ILE C 198 27.33 -5.21 -31.36
C ILE C 198 27.39 -3.98 -32.26
N PRO C 199 26.46 -3.85 -33.22
CA PRO C 199 26.48 -2.66 -34.07
C PRO C 199 26.22 -1.38 -33.29
N ASP C 200 26.73 -0.25 -33.79
CA ASP C 200 26.60 1.01 -33.07
C ASP C 200 25.14 1.33 -32.78
N GLN C 201 24.27 1.09 -33.73
CA GLN C 201 22.87 1.45 -33.48
C GLN C 201 22.24 0.58 -32.41
N GLN C 202 22.67 -0.67 -32.28
CA GLN C 202 22.16 -1.51 -31.20
C GLN C 202 22.71 -1.02 -29.87
N GLN C 203 23.95 -0.54 -29.86
CA GLN C 203 24.51 0.01 -28.63
C GLN C 203 23.74 1.27 -28.22
N VAL C 204 23.36 2.08 -29.20
CA VAL C 204 22.55 3.27 -28.91
C VAL C 204 21.27 2.84 -28.22
N ALA C 205 20.59 1.84 -28.78
CA ALA C 205 19.34 1.39 -28.19
C ALA C 205 19.56 0.79 -26.80
N CYS C 206 20.66 0.07 -26.64
CA CYS C 206 21.03 -0.49 -25.33
C CYS C 206 21.22 0.63 -24.31
N ASN C 207 21.87 1.70 -24.74
CA ASN C 207 22.07 2.85 -23.84
C ASN C 207 20.75 3.47 -23.43
N LEU C 208 19.86 3.66 -24.41
CA LEU C 208 18.55 4.23 -24.12
C LEU C 208 17.78 3.33 -23.15
N SER C 209 17.87 2.02 -23.38
CA SER C 209 17.25 1.03 -22.50
C SER C 209 17.79 1.13 -21.07
N THR C 210 19.09 1.39 -20.96
CA THR C 210 19.76 1.50 -19.68
C THR C 210 19.28 2.73 -18.89
N VAL C 211 19.12 3.85 -19.59
CA VAL C 211 18.55 5.05 -18.96
C VAL C 211 17.12 4.79 -18.47
N TYR C 212 16.31 4.16 -19.31
CA TYR C 212 14.96 3.78 -18.91
C TYR C 212 14.96 2.90 -17.65
N ARG C 213 15.89 1.96 -17.64
CA ARG C 213 16.06 1.06 -16.50
C ARG C 213 16.40 1.82 -15.22
N ASP C 214 17.40 2.70 -15.30
CA ASP C 214 17.88 3.37 -14.10
C ASP C 214 16.87 4.42 -13.57
N LEU C 215 16.17 5.11 -14.48
CA LEU C 215 15.29 6.21 -14.10
C LEU C 215 13.85 5.79 -13.82
N VAL C 216 13.44 4.67 -14.42
CA VAL C 216 12.05 4.25 -14.30
C VAL C 216 11.92 2.83 -13.70
N ARG C 217 12.51 1.83 -14.35
CA ARG C 217 12.28 0.45 -13.91
C ARG C 217 12.84 0.18 -12.51
N ASN C 218 14.04 0.71 -12.21
CA ASN C 218 14.73 0.36 -10.97
C ASN C 218 14.78 1.49 -9.96
N GLY C 219 14.58 2.71 -10.40
CA GLY C 219 14.56 3.85 -9.50
C GLY C 219 13.11 4.24 -9.25
N VAL C 220 12.39 3.38 -8.53
CA VAL C 220 10.94 3.56 -8.34
C VAL C 220 10.57 4.37 -7.09
N ASP C 221 11.55 4.61 -6.22
CA ASP C 221 11.34 5.35 -4.98
C ASP C 221 12.70 5.90 -4.53
N PRO C 222 12.71 6.72 -3.46
CA PRO C 222 13.98 7.31 -3.05
C PRO C 222 15.06 6.30 -2.67
N THR C 223 14.70 5.23 -1.96
CA THR C 223 15.68 4.23 -1.56
C THR C 223 16.33 3.61 -2.80
N SER C 224 15.52 3.24 -3.78
CA SER C 224 16.04 2.52 -4.92
C SER C 224 16.76 3.47 -5.89
N PHE C 225 16.39 4.74 -5.89
CA PHE C 225 17.03 5.71 -6.79
C PHE C 225 18.27 6.36 -6.17
N PHE C 226 18.14 6.89 -4.96
CA PHE C 226 19.26 7.57 -4.31
C PHE C 226 20.25 6.61 -3.67
N GLY C 227 19.79 5.43 -3.29
CA GLY C 227 20.61 4.51 -2.53
C GLY C 227 20.19 4.42 -1.07
N GLY C 228 20.76 3.43 -0.39
CA GLY C 228 20.36 3.10 0.96
C GLY C 228 20.69 4.14 2.00
N LYS C 229 19.97 4.06 3.11
CA LYS C 229 20.23 4.92 4.26
C LYS C 229 21.62 4.64 4.82
N TYR C 230 22.38 5.70 5.04
CA TYR C 230 23.75 5.59 5.53
C TYR C 230 23.93 6.73 6.52
N VAL C 231 24.13 6.39 7.78
CA VAL C 231 24.19 7.37 8.88
C VAL C 231 25.42 7.13 9.74
N ALA C 232 25.63 8.04 10.69
CA ALA C 232 26.76 7.93 11.62
C ALA C 232 26.74 6.57 12.30
N GLY C 233 27.88 5.91 12.34
CA GLY C 233 28.00 4.59 12.94
C GLY C 233 28.06 3.48 11.90
N ASP C 234 27.62 3.79 10.68
CA ASP C 234 27.63 2.80 9.60
C ASP C 234 29.01 2.66 8.98
N SER C 235 29.38 1.42 8.68
CA SER C 235 30.59 1.16 7.92
C SER C 235 30.35 1.37 6.42
N PRO C 236 31.43 1.48 5.66
CA PRO C 236 31.26 1.71 4.22
C PRO C 236 30.52 0.60 3.52
N VAL C 237 29.54 1.00 2.70
CA VAL C 237 28.80 0.06 1.89
C VAL C 237 29.71 -0.36 0.76
N ALA C 238 29.76 -1.67 0.52
CA ALA C 238 30.67 -2.21 -0.49
C ALA C 238 30.15 -1.94 -1.89
N ASN C 239 31.07 -1.68 -2.82
CA ASN C 239 30.71 -1.64 -4.23
C ASN C 239 30.00 -2.96 -4.54
N GLY C 240 28.87 -2.88 -5.24
CA GLY C 240 28.13 -4.08 -5.62
C GLY C 240 26.96 -4.41 -4.71
N ASP C 241 26.95 -3.82 -3.52
CA ASP C 241 25.85 -4.05 -2.58
C ASP C 241 24.49 -3.77 -3.24
N PRO C 242 23.45 -4.55 -2.92
CA PRO C 242 22.14 -4.34 -3.55
C PRO C 242 21.45 -3.04 -3.14
N SER C 243 21.89 -2.41 -2.05
CA SER C 243 21.27 -1.17 -1.58
C SER C 243 21.76 0.06 -2.35
N VAL C 244 22.79 -0.09 -3.16
CA VAL C 244 23.27 1.03 -3.98
C VAL C 244 22.15 1.42 -4.95
N GLY C 245 21.98 2.73 -5.15
CA GLY C 245 20.93 3.24 -6.03
C GLY C 245 21.10 2.92 -7.49
N SER C 246 20.00 3.03 -8.24
CA SER C 246 19.96 2.55 -9.61
C SER C 246 20.99 3.23 -10.53
N VAL C 247 21.00 4.56 -10.56
CA VAL C 247 21.96 5.27 -11.41
C VAL C 247 23.41 5.01 -10.96
N GLU C 248 23.68 5.10 -9.66
CA GLU C 248 25.04 4.92 -9.17
C GLU C 248 25.60 3.55 -9.60
N ALA C 249 24.82 2.48 -9.40
CA ALA C 249 25.26 1.12 -9.67
C ALA C 249 25.21 0.81 -11.16
N GLY C 250 24.42 1.58 -11.88
CA GLY C 250 24.10 1.32 -13.27
C GLY C 250 24.91 2.19 -14.21
N SER C 251 24.23 3.06 -14.98
CA SER C 251 24.89 3.88 -15.97
C SER C 251 26.16 4.56 -15.45
N HS8 C 252 26.09 5.03 -14.21
CA HS8 C 252 27.21 5.72 -13.61
CB HS8 C 252 26.91 6.17 -12.17
CG HS8 C 252 28.11 6.74 -11.55
ND1 HS8 C 252 28.73 7.89 -12.04
CE1 HS8 C 252 29.81 8.13 -11.26
NE2 HS8 C 252 29.93 7.18 -10.26
CD2 HS8 C 252 28.85 6.28 -10.45
C HS8 C 252 28.49 4.91 -13.54
O HS8 C 252 29.59 5.29 -13.96
O3 HS8 C 252 32.26 6.43 -9.54
S HS8 C 252 31.19 7.14 -9.04
O1 HS8 C 252 30.54 6.18 -7.91
O2 HS8 C 252 31.15 8.38 -8.50
N HIS C 252 26.12 5.05 -14.21
CA HIS C 252 27.27 5.80 -13.68
C HIS C 252 28.51 4.91 -13.53
N THR C 253 28.33 3.70 -12.99
CA THR C 253 29.44 2.77 -12.84
C THR C 253 29.95 2.35 -14.21
N ALA C 254 29.03 2.07 -15.14
CA ALA C 254 29.45 1.57 -16.45
C ALA C 254 30.38 2.54 -17.14
N VAL C 255 30.09 3.83 -17.06
CA VAL C 255 30.92 4.80 -17.76
C VAL C 255 32.32 4.85 -17.15
N HIS C 256 32.43 4.81 -15.82
CA HIS C 256 33.72 4.74 -15.15
C HIS C 256 34.50 3.53 -15.62
N ARG C 257 33.85 2.37 -15.65
CA ARG C 257 34.54 1.15 -16.06
C ARG C 257 35.00 1.22 -17.50
N TRP C 258 34.13 1.78 -18.35
CA TRP C 258 34.36 1.77 -19.80
C TRP C 258 35.48 2.74 -20.18
N VAL C 259 35.55 3.88 -19.52
CA VAL C 259 36.60 4.86 -19.84
C VAL C 259 37.95 4.53 -19.21
N GLY C 260 37.95 3.94 -18.02
CA GLY C 260 39.18 3.65 -17.33
C GLY C 260 40.07 2.73 -18.15
N ASP C 261 41.38 2.89 -18.00
CA ASP C 261 42.37 2.15 -18.81
C ASP C 261 42.71 0.83 -18.13
N PRO C 262 42.22 -0.30 -18.69
CA PRO C 262 42.40 -1.56 -17.94
C PRO C 262 43.83 -2.04 -17.86
N THR C 263 44.75 -1.42 -18.60
CA THR C 263 46.15 -1.77 -18.53
C THR C 263 46.83 -1.10 -17.33
N GLN C 264 46.10 -0.21 -16.65
CA GLN C 264 46.67 0.49 -15.51
C GLN C 264 46.38 -0.33 -14.26
N PRO C 265 47.21 -0.16 -13.23
CA PRO C 265 47.14 -1.02 -12.04
C PRO C 265 45.80 -1.01 -11.32
N ASN C 266 45.12 0.14 -11.35
CA ASN C 266 43.79 0.25 -10.77
C ASN C 266 42.80 0.80 -11.79
N ASN C 267 43.08 0.54 -13.06
CA ASN C 267 42.22 1.01 -14.14
C ASN C 267 42.10 2.53 -14.14
N GLU C 268 43.16 3.20 -13.72
CA GLU C 268 43.21 4.65 -13.70
C GLU C 268 43.01 5.17 -15.13
N ASP C 269 42.46 6.37 -15.30
CA ASP C 269 42.01 7.23 -14.23
C ASP C 269 40.55 6.95 -13.83
N MET C 270 39.64 6.93 -14.80
CA MET C 270 38.22 6.80 -14.49
C MET C 270 37.82 5.51 -13.79
N GLY C 271 38.65 4.47 -13.93
CA GLY C 271 38.31 3.15 -13.41
C GLY C 271 38.44 2.94 -11.91
N ASN C 272 38.89 3.97 -11.19
CA ASN C 272 38.87 3.94 -9.73
C ASN C 272 38.52 5.32 -9.18
N PHE C 273 37.74 5.38 -8.11
CA PHE C 273 37.41 6.66 -7.48
C PHE C 273 38.64 7.54 -7.23
N TYR C 274 39.74 6.92 -6.76
CA TYR C 274 40.85 7.72 -6.22
C TYR C 274 41.52 8.51 -7.33
N SER C 275 41.41 8.01 -8.57
CA SER C 275 42.08 8.61 -9.71
C SER C 275 41.13 9.23 -10.74
N ALA C 276 39.81 9.04 -10.58
CA ALA C 276 38.86 9.47 -11.61
C ALA C 276 38.97 10.96 -11.93
N GLY C 277 39.22 11.78 -10.91
CA GLY C 277 39.28 13.22 -11.07
C GLY C 277 40.45 13.76 -11.89
N TYR C 278 41.41 12.92 -12.25
CA TYR C 278 42.49 13.37 -13.13
C TYR C 278 42.08 13.33 -14.59
N ASP C 279 40.92 12.73 -14.89
CA ASP C 279 40.37 12.78 -16.22
C ASP C 279 39.35 13.92 -16.26
N PRO C 280 39.59 14.96 -17.08
CA PRO C 280 38.56 16.02 -17.14
C PRO C 280 37.15 15.48 -17.45
N VAL C 281 37.05 14.37 -18.18
CA VAL C 281 35.72 13.91 -18.53
C VAL C 281 34.97 13.35 -17.31
N PHE C 282 35.69 13.06 -16.24
CA PHE C 282 35.06 12.64 -14.97
C PHE C 282 33.95 13.60 -14.56
N TYR C 283 34.29 14.87 -14.54
CA TYR C 283 33.36 15.88 -14.08
C TYR C 283 32.19 16.06 -15.03
N ILE C 284 32.44 15.78 -16.31
CA ILE C 284 31.46 16.03 -17.37
C ILE C 284 30.48 14.86 -17.45
N HIS C 285 30.99 13.65 -17.22
CA HIS C 285 30.14 12.51 -16.91
C HIS C 285 29.28 12.79 -15.66
N HIS C 286 29.90 13.28 -14.60
CA HIS C 286 29.15 13.48 -13.38
C HIS C 286 28.16 14.61 -13.54
N ALA C 287 28.41 15.56 -14.44
CA ALA C 287 27.42 16.59 -14.73
C ALA C 287 26.12 15.96 -15.30
N ASN C 288 26.24 14.94 -16.14
CA ASN C 288 25.03 14.28 -16.59
C ASN C 288 24.40 13.37 -15.53
N VAL C 289 25.23 12.73 -14.69
CA VAL C 289 24.71 12.00 -13.54
C VAL C 289 23.87 12.99 -12.68
N ASP C 290 24.40 14.17 -12.46
CA ASP C 290 23.69 15.20 -11.71
C ASP C 290 22.36 15.54 -12.38
N ARG C 291 22.36 15.59 -13.71
CA ARG C 291 21.15 15.85 -14.47
C ARG C 291 20.12 14.73 -14.31
N MET C 292 20.57 13.49 -14.13
CA MET C 292 19.61 12.36 -13.96
C MET C 292 18.70 12.58 -12.77
N TRP C 293 19.24 13.20 -11.72
CA TRP C 293 18.45 13.52 -10.55
C TRP C 293 17.32 14.49 -10.92
N LYS C 294 17.66 15.54 -11.66
CA LYS C 294 16.64 16.44 -12.19
C LYS C 294 15.61 15.68 -13.02
N LEU C 295 16.07 14.85 -13.96
CA LEU C 295 15.15 14.15 -14.86
C LEU C 295 14.24 13.18 -14.10
N TRP C 296 14.81 12.53 -13.09
CA TRP C 296 14.06 11.53 -12.34
C TRP C 296 12.85 12.17 -11.65
N LYS C 297 13.03 13.38 -11.14
CA LYS C 297 11.94 14.16 -10.55
C LYS C 297 10.96 14.66 -11.61
N GLU C 298 11.46 15.03 -12.78
CA GLU C 298 10.57 15.61 -13.79
C GLU C 298 9.63 14.57 -14.38
N LEU C 299 9.93 13.29 -14.15
CA LEU C 299 9.07 12.20 -14.63
C LEU C 299 7.69 12.30 -13.98
N ARG C 300 7.61 12.95 -12.81
CA ARG C 300 6.32 13.15 -12.14
C ARG C 300 5.60 11.82 -11.92
N LEU C 301 6.30 10.93 -11.23
CA LEU C 301 5.82 9.60 -10.94
C LEU C 301 5.74 9.38 -9.43
N PRO C 302 4.84 8.49 -8.99
CA PRO C 302 4.84 8.10 -7.57
C PRO C 302 6.21 7.66 -7.10
N GLY C 303 6.62 8.14 -5.94
CA GLY C 303 7.91 7.76 -5.39
C GLY C 303 9.07 8.58 -5.91
N HIS C 304 8.86 9.36 -6.95
CA HIS C 304 9.95 10.16 -7.53
C HIS C 304 10.00 11.49 -6.81
N VAL C 305 10.44 11.43 -5.56
CA VAL C 305 10.46 12.60 -4.69
C VAL C 305 11.78 12.66 -3.94
N ASP C 306 12.14 13.85 -3.49
CA ASP C 306 13.39 14.03 -2.75
C ASP C 306 13.29 13.48 -1.34
N ILE C 307 14.45 13.14 -0.79
CA ILE C 307 14.56 12.65 0.56
C ILE C 307 14.30 13.76 1.57
N THR C 308 13.51 13.44 2.60
CA THR C 308 13.24 14.38 3.69
C THR C 308 13.65 13.86 5.06
N ASP C 309 14.41 12.76 5.09
CA ASP C 309 14.92 12.20 6.32
C ASP C 309 15.98 13.18 6.90
N PRO C 310 15.81 13.60 8.16
CA PRO C 310 16.82 14.53 8.70
C PRO C 310 18.24 13.98 8.69
N ASP C 311 18.41 12.67 8.80
CA ASP C 311 19.76 12.10 8.81
C ASP C 311 20.41 12.29 7.43
N TRP C 312 19.61 12.53 6.39
CA TRP C 312 20.12 12.86 5.07
C TRP C 312 20.21 14.36 4.90
N LEU C 313 19.13 15.05 5.24
CA LEU C 313 19.08 16.50 5.08
C LEU C 313 20.27 17.21 5.71
N ASN C 314 20.62 16.75 6.91
CA ASN C 314 21.62 17.44 7.70
C ASN C 314 23.01 16.85 7.56
N ALA C 315 23.19 15.92 6.63
CA ALA C 315 24.54 15.43 6.35
C ALA C 315 25.30 16.54 5.67
N SER C 316 26.60 16.63 5.92
CA SER C 316 27.38 17.73 5.39
C SER C 316 28.80 17.36 5.02
N TYR C 317 29.36 18.17 4.13
CA TYR C 317 30.70 18.02 3.61
C TYR C 317 31.38 19.38 3.66
N VAL C 318 32.70 19.37 3.49
CA VAL C 318 33.46 20.62 3.44
C VAL C 318 34.25 20.70 2.16
N PHE C 319 34.19 21.87 1.51
CA PHE C 319 34.93 22.11 0.27
C PHE C 319 35.57 23.48 0.31
N TYR C 320 36.68 23.63 -0.38
CA TYR C 320 37.18 24.95 -0.73
C TYR C 320 36.36 25.53 -1.89
N ASP C 321 36.09 26.84 -1.86
CA ASP C 321 35.42 27.50 -2.98
C ASP C 321 36.39 28.36 -3.82
N GLU C 322 35.84 29.16 -4.74
CA GLU C 322 36.66 29.88 -5.70
C GLU C 322 37.48 30.98 -5.03
N ASN C 323 37.13 31.32 -3.80
CA ASN C 323 37.89 32.30 -3.03
C ASN C 323 38.83 31.68 -2.02
N LYS C 324 39.03 30.36 -2.17
CA LYS C 324 39.77 29.54 -1.22
C LYS C 324 39.24 29.64 0.19
N ASP C 325 37.94 29.93 0.33
CA ASP C 325 37.32 29.83 1.64
C ASP C 325 36.90 28.39 1.85
N LEU C 326 36.77 27.98 3.10
CA LEU C 326 36.24 26.68 3.45
C LEU C 326 34.77 26.80 3.73
N VAL C 327 33.98 25.97 3.06
CA VAL C 327 32.52 26.07 3.14
C VAL C 327 31.98 24.71 3.54
N ARG C 328 31.13 24.70 4.55
CA ARG C 328 30.38 23.50 4.92
C ARG C 328 29.02 23.56 4.23
N VAL C 329 28.67 22.46 3.56
CA VAL C 329 27.43 22.39 2.80
C VAL C 329 26.63 21.18 3.25
N TYR C 330 25.31 21.32 3.22
CA TYR C 330 24.38 20.31 3.68
C TYR C 330 23.55 19.76 2.53
N ASN C 331 23.21 18.48 2.59
CA ASN C 331 22.42 17.85 1.53
C ASN C 331 21.13 18.63 1.26
N LYS C 332 20.48 19.11 2.32
CA LYS C 332 19.21 19.80 2.18
C LYS C 332 19.25 20.98 1.23
N ASP C 333 20.39 21.63 1.12
CA ASP C 333 20.46 22.88 0.40
C ASP C 333 20.77 22.72 -1.08
N CYS C 334 20.93 21.48 -1.55
CA CYS C 334 21.26 21.27 -2.96
C CYS C 334 20.10 20.66 -3.76
N VAL C 335 18.93 20.53 -3.16
CA VAL C 335 17.82 19.84 -3.83
C VAL C 335 17.15 20.70 -4.93
N ASN C 336 17.30 22.01 -4.82
CA ASN C 336 16.65 22.95 -5.74
C ASN C 336 17.70 23.59 -6.64
N LEU C 337 17.68 23.24 -7.92
CA LEU C 337 18.68 23.77 -8.83
C LEU C 337 18.54 25.28 -9.06
N ASP C 338 17.32 25.83 -8.99
CA ASP C 338 17.16 27.28 -9.16
C ASP C 338 17.96 28.04 -8.13
N LYS C 339 17.95 27.55 -6.88
CA LYS C 339 18.68 28.20 -5.82
C LYS C 339 20.21 28.09 -5.95
N LEU C 340 20.70 27.08 -6.66
CA LEU C 340 22.13 26.93 -6.90
C LEU C 340 22.56 27.64 -8.20
N LYS C 341 21.58 28.24 -8.87
CA LYS C 341 21.81 29.07 -10.05
C LYS C 341 22.49 28.33 -11.20
N TYR C 342 22.09 27.08 -11.44
CA TYR C 342 22.50 26.42 -12.66
C TYR C 342 21.41 25.45 -13.09
N ASN C 343 21.47 25.07 -14.36
CA ASN C 343 20.60 24.03 -14.86
C ASN C 343 21.27 23.46 -16.09
N PHE C 344 20.50 22.76 -16.91
CA PHE C 344 21.02 22.08 -18.08
C PHE C 344 20.22 22.49 -19.29
N ILE C 345 20.89 22.72 -20.41
CA ILE C 345 20.19 23.00 -21.67
C ILE C 345 19.52 21.73 -22.16
N GLU C 346 18.20 21.79 -22.36
CA GLU C 346 17.45 20.63 -22.81
C GLU C 346 16.90 20.84 -24.21
N ASN C 347 16.51 19.75 -24.86
CA ASN C 347 15.75 19.88 -26.10
C ASN C 347 14.42 20.55 -25.81
N GLY D 2 15.30 -10.05 -17.68
CA GLY D 2 14.01 -10.19 -17.03
C GLY D 2 12.95 -10.75 -17.96
N VAL D 3 11.70 -10.36 -17.72
CA VAL D 3 10.57 -10.82 -18.53
C VAL D 3 10.74 -10.45 -19.99
N PHE D 4 11.46 -9.35 -20.24
CA PHE D 4 11.65 -8.89 -21.61
C PHE D 4 13.13 -8.82 -21.96
N THR D 5 13.45 -9.11 -23.21
CA THR D 5 14.81 -8.93 -23.70
C THR D 5 15.06 -7.45 -23.89
N THR D 6 16.33 -7.05 -23.88
CA THR D 6 16.67 -5.67 -24.18
C THR D 6 17.77 -5.68 -25.22
N PRO D 7 17.97 -4.54 -25.90
CA PRO D 7 19.03 -4.44 -26.91
C PRO D 7 20.43 -4.63 -26.33
N CYS D 8 20.54 -4.70 -25.00
CA CYS D 8 21.83 -5.00 -24.37
C CYS D 8 22.14 -6.51 -24.33
N ASP D 9 21.11 -7.34 -24.45
CA ASP D 9 21.30 -8.79 -24.28
C ASP D 9 22.03 -9.46 -25.43
N PRO D 10 22.91 -10.42 -25.12
CA PRO D 10 23.69 -11.08 -26.18
C PRO D 10 22.82 -11.86 -27.16
N GLU D 11 21.61 -12.24 -26.75
CA GLU D 11 20.73 -13.03 -27.62
C GLU D 11 19.84 -12.15 -28.50
N TYR D 12 19.89 -10.84 -28.26
CA TYR D 12 19.18 -9.89 -29.10
C TYR D 12 19.79 -9.91 -30.51
N ALA D 13 21.11 -10.10 -30.56
CA ALA D 13 21.82 -10.27 -31.82
C ALA D 13 21.61 -9.10 -32.78
N ALA E 1 -24.78 -12.58 40.03
CA ALA E 1 -25.29 -13.86 39.56
C ALA E 1 -24.49 -14.33 38.35
N PRO E 2 -24.28 -15.64 38.23
CA PRO E 2 -23.50 -16.19 37.13
C PRO E 2 -24.23 -16.20 35.79
N ILE E 3 -23.45 -16.01 34.72
CA ILE E 3 -23.94 -16.19 33.37
C ILE E 3 -24.33 -17.66 33.21
N THR E 4 -25.54 -17.88 32.72
CA THR E 4 -26.14 -19.18 32.62
C THR E 4 -26.78 -19.33 31.25
N ALA E 5 -26.27 -20.24 30.42
CA ALA E 5 -26.91 -20.48 29.13
C ALA E 5 -28.33 -20.94 29.36
N PRO E 6 -29.26 -20.49 28.49
CA PRO E 6 -30.65 -20.96 28.57
C PRO E 6 -30.81 -22.36 28.00
N ASP E 7 -32.04 -22.84 27.90
CA ASP E 7 -32.30 -24.01 27.09
C ASP E 7 -32.04 -23.65 25.64
N ILE E 8 -30.84 -23.97 25.16
CA ILE E 8 -30.39 -23.52 23.85
C ILE E 8 -31.22 -24.10 22.71
N THR E 9 -32.02 -25.12 23.01
CA THR E 9 -32.87 -25.69 21.99
C THR E 9 -34.24 -24.99 21.92
N SER E 10 -34.54 -24.15 22.92
N SER E 10 -34.54 -24.14 22.92
CA SER E 10 -35.83 -23.45 23.00
CA SER E 10 -35.84 -23.45 22.98
C SER E 10 -35.70 -21.94 22.77
C SER E 10 -35.74 -21.93 22.82
N ILE E 11 -34.63 -21.36 23.30
CA ILE E 11 -34.42 -19.91 23.20
C ILE E 11 -33.10 -19.70 22.48
N CYS E 12 -33.23 -19.35 21.21
CA CYS E 12 -32.09 -19.10 20.34
C CYS E 12 -32.54 -18.28 19.12
N LYS E 13 -31.68 -17.38 18.65
CA LYS E 13 -31.95 -16.59 17.45
C LYS E 13 -30.72 -16.58 16.57
N ASP E 14 -30.95 -16.33 15.27
CA ASP E 14 -29.85 -16.26 14.33
C ASP E 14 -28.80 -15.27 14.82
N ALA E 15 -27.54 -15.58 14.57
CA ALA E 15 -26.42 -14.73 14.98
C ALA E 15 -26.42 -13.41 14.21
N SER E 16 -26.30 -12.29 14.92
CA SER E 16 -26.38 -11.00 14.29
C SER E 16 -25.43 -9.98 14.89
N SER E 17 -24.59 -10.45 15.81
N SER E 17 -24.59 -10.44 15.82
CA SER E 17 -23.61 -9.59 16.46
CA SER E 17 -23.63 -9.57 16.50
C SER E 17 -22.20 -9.86 16.00
C SER E 17 -22.19 -9.85 16.09
N GLY E 18 -21.42 -8.80 15.89
CA GLY E 18 -20.00 -8.94 15.65
C GLY E 18 -19.64 -9.49 14.29
N ILE E 19 -20.50 -9.27 13.32
CA ILE E 19 -20.25 -9.64 11.94
C ILE E 19 -20.51 -8.43 11.05
N GLY E 20 -19.43 -7.85 10.51
CA GLY E 20 -19.49 -6.54 9.91
C GLY E 20 -20.27 -6.52 8.60
N ASN E 21 -20.14 -7.58 7.82
CA ASN E 21 -20.80 -7.70 6.52
C ASN E 21 -21.62 -8.97 6.49
N GLN E 22 -22.86 -8.86 6.92
CA GLN E 22 -23.71 -10.02 7.05
C GLN E 22 -24.41 -10.32 5.74
N GLU E 23 -24.65 -9.30 4.93
CA GLU E 23 -25.34 -9.55 3.67
C GLU E 23 -24.40 -10.34 2.75
N GLY E 24 -23.09 -10.13 2.92
CA GLY E 24 -22.09 -10.79 2.09
C GLY E 24 -21.44 -12.01 2.73
N ALA E 25 -21.86 -12.32 3.95
CA ALA E 25 -21.24 -13.40 4.74
C ALA E 25 -21.23 -14.73 3.99
N ILE E 26 -20.08 -15.41 3.97
CA ILE E 26 -20.00 -16.66 3.20
C ILE E 26 -20.44 -17.89 4.00
N ARG E 27 -20.59 -17.77 5.32
CA ARG E 27 -21.12 -18.87 6.12
C ARG E 27 -22.49 -18.46 6.66
N THR E 28 -23.27 -19.45 7.13
CA THR E 28 -24.60 -19.16 7.62
C THR E 28 -24.53 -18.43 8.97
N ARG E 29 -25.58 -17.67 9.26
CA ARG E 29 -25.78 -17.11 10.60
C ARG E 29 -26.89 -17.85 11.32
N LYS E 30 -27.40 -18.92 10.72
CA LYS E 30 -28.43 -19.70 11.37
C LYS E 30 -27.75 -20.74 12.24
N CYS E 31 -27.24 -20.28 13.39
CA CYS E 31 -26.32 -21.09 14.17
C CYS E 31 -26.96 -21.82 15.36
N CYS E 32 -28.28 -21.79 15.47
CA CYS E 32 -28.93 -22.41 16.61
C CYS E 32 -28.86 -23.93 16.50
N PRO E 33 -28.74 -24.60 17.65
CA PRO E 33 -28.56 -26.05 17.65
C PRO E 33 -29.90 -26.77 17.39
N PRO E 34 -29.83 -28.03 16.98
CA PRO E 34 -31.06 -28.77 16.65
C PRO E 34 -31.86 -29.15 17.89
N SER E 35 -33.16 -29.42 17.70
CA SER E 35 -34.04 -29.91 18.74
C SER E 35 -34.28 -31.39 18.52
N LEU E 36 -34.05 -32.19 19.55
CA LEU E 36 -34.19 -33.63 19.45
C LEU E 36 -34.99 -34.21 20.61
N GLY E 37 -35.72 -33.36 21.31
CA GLY E 37 -36.59 -33.80 22.38
C GLY E 37 -35.85 -34.20 23.64
N LYS E 38 -34.61 -33.75 23.81
CA LYS E 38 -33.81 -34.11 24.97
C LYS E 38 -34.04 -33.18 26.15
N LYS E 39 -33.85 -33.71 27.35
CA LYS E 39 -33.88 -32.85 28.53
C LYS E 39 -32.44 -32.54 28.89
N ILE E 40 -32.19 -31.31 29.34
CA ILE E 40 -30.86 -30.92 29.75
C ILE E 40 -30.52 -31.56 31.09
N LYS E 41 -29.37 -32.24 31.13
CA LYS E 41 -28.90 -32.89 32.35
C LYS E 41 -27.56 -32.33 32.77
N ASP E 42 -27.28 -32.34 34.08
CA ASP E 42 -25.97 -31.91 34.56
C ASP E 42 -24.87 -32.85 34.14
N PHE E 43 -23.74 -32.24 33.86
CA PHE E 43 -22.48 -32.91 33.68
C PHE E 43 -22.18 -33.86 34.83
N GLN E 44 -21.59 -35.01 34.48
CA GLN E 44 -20.99 -35.92 35.45
C GLN E 44 -19.55 -36.18 35.01
N PHE E 45 -18.62 -36.28 35.96
CA PHE E 45 -17.24 -36.50 35.57
C PHE E 45 -17.09 -37.81 34.79
N PRO E 46 -16.27 -37.80 33.73
CA PRO E 46 -16.19 -38.92 32.81
C PRO E 46 -15.45 -40.09 33.41
N ASN E 47 -15.82 -41.29 32.97
CA ASN E 47 -15.27 -42.52 33.54
C ASN E 47 -14.19 -43.14 32.66
N ASP E 48 -13.62 -42.35 31.74
CA ASP E 48 -12.58 -42.86 30.85
C ASP E 48 -11.50 -43.59 31.61
N LYS E 49 -11.13 -44.77 31.10
CA LYS E 49 -10.09 -45.58 31.72
C LYS E 49 -8.72 -44.93 31.59
N LYS E 50 -8.50 -44.22 30.48
CA LYS E 50 -7.20 -43.63 30.18
C LYS E 50 -7.36 -42.13 29.95
N VAL E 51 -6.30 -41.38 30.19
CA VAL E 51 -6.27 -39.95 29.87
C VAL E 51 -5.91 -39.77 28.39
N ARG E 52 -6.74 -38.99 27.68
CA ARG E 52 -6.50 -38.63 26.28
C ARG E 52 -5.30 -37.69 26.20
N MET E 53 -4.30 -38.05 25.41
CA MET E 53 -3.08 -37.27 25.32
C MET E 53 -3.01 -36.49 24.01
N ARG E 54 -3.30 -35.19 24.11
CA ARG E 54 -3.29 -34.36 22.93
C ARG E 54 -1.86 -34.20 22.43
N TRP E 55 -1.71 -34.22 21.12
CA TRP E 55 -0.39 -34.37 20.50
C TRP E 55 -0.01 -33.16 19.66
N PRO E 56 1.28 -32.78 19.68
CA PRO E 56 1.66 -31.62 18.88
C PRO E 56 1.43 -31.88 17.40
N ALA E 57 0.80 -30.94 16.71
CA ALA E 57 0.32 -31.17 15.35
C ALA E 57 1.44 -31.39 14.34
N HIS E 58 2.67 -31.05 14.73
CA HIS E 58 3.81 -31.21 13.84
C HIS E 58 4.57 -32.52 14.15
N LYS E 59 4.11 -33.26 15.15
CA LYS E 59 4.82 -34.47 15.58
C LYS E 59 3.89 -35.68 15.77
N GLY E 60 2.78 -35.72 15.05
CA GLY E 60 1.82 -36.79 15.23
C GLY E 60 2.35 -38.09 14.65
N THR E 61 1.98 -39.20 15.28
CA THR E 61 2.25 -40.50 14.72
C THR E 61 1.29 -40.74 13.56
N LYS E 62 1.54 -41.80 12.80
CA LYS E 62 0.64 -42.20 11.73
C LYS E 62 -0.77 -42.42 12.25
N LYS E 63 -0.91 -43.09 13.38
CA LYS E 63 -2.24 -43.43 13.89
C LYS E 63 -2.93 -42.16 14.37
N GLN E 64 -2.16 -41.25 14.96
CA GLN E 64 -2.75 -40.02 15.45
C GLN E 64 -3.29 -39.17 14.31
N VAL E 65 -2.48 -39.00 13.27
CA VAL E 65 -2.89 -38.20 12.12
C VAL E 65 -4.03 -38.87 11.36
N ASP E 66 -3.87 -40.17 11.06
CA ASP E 66 -4.91 -40.88 10.34
C ASP E 66 -6.25 -40.87 11.09
N ASP E 67 -6.22 -41.08 12.40
CA ASP E 67 -7.46 -41.11 13.17
C ASP E 67 -8.14 -39.73 13.16
N TYR E 68 -7.33 -38.69 13.36
CA TYR E 68 -7.83 -37.32 13.34
C TYR E 68 -8.46 -37.03 11.97
N ARG E 69 -7.73 -37.32 10.91
CA ARG E 69 -8.23 -37.07 9.56
C ARG E 69 -9.53 -37.85 9.29
N ARG E 70 -9.57 -39.11 9.70
CA ARG E 70 -10.76 -39.94 9.47
C ARG E 70 -11.95 -39.45 10.30
N ALA E 71 -11.68 -38.99 11.51
CA ALA E 71 -12.75 -38.49 12.37
C ALA E 71 -13.36 -37.21 11.79
N ILE E 72 -12.49 -36.31 11.30
CA ILE E 72 -12.98 -35.09 10.65
C ILE E 72 -13.77 -35.46 9.38
N ALA E 73 -13.29 -36.43 8.61
CA ALA E 73 -14.03 -36.91 7.43
C ALA E 73 -15.43 -37.40 7.83
N ALA E 74 -15.50 -38.19 8.90
CA ALA E 74 -16.78 -38.71 9.38
C ALA E 74 -17.70 -37.56 9.81
N MET E 75 -17.11 -36.58 10.50
CA MET E 75 -17.86 -35.44 10.96
C MET E 75 -18.41 -34.62 9.80
N ARG E 76 -17.60 -34.47 8.75
CA ARG E 76 -18.02 -33.74 7.55
C ARG E 76 -19.12 -34.49 6.78
N ALA E 77 -19.15 -35.81 6.93
CA ALA E 77 -20.08 -36.63 6.15
C ALA E 77 -21.46 -36.70 6.80
N LEU E 78 -21.57 -36.24 8.04
CA LEU E 78 -22.84 -36.26 8.75
C LEU E 78 -23.79 -35.24 8.18
N PRO E 79 -25.10 -35.52 8.22
CA PRO E 79 -26.06 -34.48 7.86
C PRO E 79 -25.84 -33.24 8.70
N ASP E 80 -26.04 -32.07 8.10
CA ASP E 80 -25.73 -30.81 8.77
C ASP E 80 -26.46 -30.69 10.10
N ASP E 81 -27.74 -31.08 10.17
CA ASP E 81 -28.48 -30.82 11.39
C ASP E 81 -28.25 -31.88 12.47
N ASP E 82 -27.41 -32.88 12.20
CA ASP E 82 -26.89 -33.73 13.27
C ASP E 82 -26.02 -32.86 14.21
N PRO E 83 -26.29 -32.86 15.52
CA PRO E 83 -25.51 -31.92 16.38
C PRO E 83 -24.01 -32.21 16.45
N ARG E 84 -23.60 -33.38 15.95
CA ARG E 84 -22.21 -33.80 15.94
C ARG E 84 -21.51 -33.44 14.64
N SER E 85 -22.26 -32.90 13.70
CA SER E 85 -21.75 -32.69 12.35
C SER E 85 -20.75 -31.57 12.28
N PHE E 86 -20.04 -31.51 11.16
CA PHE E 86 -19.01 -30.47 10.97
C PHE E 86 -19.61 -29.07 11.10
N VAL E 87 -20.75 -28.87 10.43
CA VAL E 87 -21.47 -27.61 10.44
C VAL E 87 -22.01 -27.33 11.83
N SER E 88 -22.62 -28.32 12.49
CA SER E 88 -23.17 -28.08 13.81
C SER E 88 -22.09 -27.68 14.81
N GLN E 89 -20.93 -28.31 14.71
CA GLN E 89 -19.87 -28.01 15.67
C GLN E 89 -19.35 -26.59 15.44
N ALA E 90 -19.24 -26.18 14.17
CA ALA E 90 -18.85 -24.79 13.85
C ALA E 90 -19.89 -23.82 14.39
N LYS E 91 -21.16 -24.18 14.25
CA LYS E 91 -22.23 -23.28 14.63
C LYS E 91 -22.25 -22.97 16.12
N ILE E 92 -21.75 -23.90 16.93
CA ILE E 92 -21.69 -23.68 18.37
C ILE E 92 -20.93 -22.39 18.66
N HIS E 93 -19.83 -22.21 17.96
CA HIS E 93 -18.98 -21.06 18.20
C HIS E 93 -19.72 -19.79 17.81
N CYS E 94 -20.39 -19.86 16.67
CA CYS E 94 -21.24 -18.78 16.19
C CYS E 94 -22.34 -18.40 17.19
N ALA E 95 -23.04 -19.40 17.72
CA ALA E 95 -24.17 -19.11 18.59
C ALA E 95 -23.69 -18.43 19.87
N TYR E 96 -22.61 -18.93 20.44
CA TYR E 96 -22.13 -18.39 21.71
C TYR E 96 -21.30 -17.11 21.55
N CYS E 97 -20.75 -16.88 20.35
CA CYS E 97 -19.87 -15.72 20.11
C CYS E 97 -20.51 -14.57 19.37
N ASN E 98 -21.62 -14.82 18.70
CA ASN E 98 -22.21 -13.83 17.81
C ASN E 98 -23.70 -13.62 18.08
N GLY E 99 -24.11 -13.86 19.32
CA GLY E 99 -25.42 -13.41 19.81
C GLY E 99 -26.61 -14.35 19.65
N GLY E 100 -26.36 -15.65 19.63
CA GLY E 100 -27.45 -16.59 19.52
C GLY E 100 -28.30 -16.66 20.77
N TYR E 101 -27.70 -16.49 21.94
CA TYR E 101 -28.40 -16.67 23.21
C TYR E 101 -28.51 -15.41 24.05
N THR E 102 -29.49 -15.39 24.95
CA THR E 102 -29.68 -14.30 25.91
C THR E 102 -29.54 -14.79 27.34
N GLN E 103 -29.55 -13.83 28.25
CA GLN E 103 -29.47 -14.03 29.68
C GLN E 103 -30.89 -14.15 30.29
N VAL E 104 -31.83 -14.65 29.49
CA VAL E 104 -33.21 -14.80 29.94
C VAL E 104 -33.33 -15.57 31.27
N ASP E 105 -32.53 -16.62 31.47
CA ASP E 105 -32.68 -17.43 32.68
C ASP E 105 -32.23 -16.68 33.93
N SER E 106 -31.48 -15.60 33.72
CA SER E 106 -30.97 -14.77 34.81
C SER E 106 -31.83 -13.54 35.07
N GLY E 107 -32.88 -13.36 34.27
CA GLY E 107 -33.76 -12.21 34.40
C GLY E 107 -33.41 -11.07 33.45
N PHE E 108 -32.53 -11.33 32.49
CA PHE E 108 -32.12 -10.33 31.50
C PHE E 108 -32.33 -10.84 30.07
N PRO E 109 -33.60 -11.04 29.69
CA PRO E 109 -33.91 -11.55 28.35
C PRO E 109 -33.51 -10.59 27.25
N ASP E 110 -33.22 -9.34 27.64
CA ASP E 110 -32.82 -8.28 26.72
C ASP E 110 -31.30 -8.17 26.47
N ILE E 111 -30.52 -9.03 27.12
CA ILE E 111 -29.06 -8.94 27.03
C ILE E 111 -28.54 -10.26 26.53
N ASP E 112 -27.71 -10.20 25.49
CA ASP E 112 -27.13 -11.41 24.93
C ASP E 112 -26.09 -11.98 25.85
N ILE E 113 -25.82 -13.27 25.65
CA ILE E 113 -24.66 -13.92 26.25
C ILE E 113 -23.51 -13.81 25.28
N GLN E 114 -22.36 -13.39 25.79
CA GLN E 114 -21.12 -13.42 25.05
C GLN E 114 -20.12 -14.18 25.92
N ILE E 115 -19.44 -15.17 25.35
CA ILE E 115 -18.47 -15.94 26.12
C ILE E 115 -17.04 -15.45 25.86
N HIS E 116 -16.87 -14.53 24.91
CA HIS E 116 -15.54 -13.97 24.64
C HIS E 116 -15.33 -12.70 25.43
N ASN E 117 -14.07 -12.29 25.48
CA ASN E 117 -13.69 -10.99 26.00
C ASN E 117 -13.95 -10.82 27.48
N SER E 118 -13.86 -11.94 28.21
CA SER E 118 -14.01 -11.92 29.65
C SER E 118 -13.43 -13.20 30.24
N TRP E 119 -13.60 -13.34 31.54
CA TRP E 119 -13.14 -14.52 32.24
C TRP E 119 -13.86 -15.80 31.80
N LEU E 120 -14.92 -15.72 30.98
CA LEU E 120 -15.55 -16.95 30.48
C LEU E 120 -14.76 -17.60 29.36
N PHE E 121 -13.80 -16.88 28.80
CA PHE E 121 -13.10 -17.31 27.60
C PHE E 121 -12.48 -18.68 27.75
N PHE E 122 -11.64 -18.85 28.76
CA PHE E 122 -10.92 -20.13 28.89
C PHE E 122 -11.85 -21.31 29.21
N PRO E 123 -12.74 -21.19 30.21
CA PRO E 123 -13.55 -22.37 30.48
C PRO E 123 -14.58 -22.70 29.40
N PHE E 124 -15.17 -21.69 28.75
CA PHE E 124 -16.09 -22.00 27.67
C PHE E 124 -15.38 -22.86 26.60
N HIS E 125 -14.19 -22.43 26.15
CA HIS E 125 -13.55 -23.13 25.05
C HIS E 125 -13.01 -24.49 25.52
N ARG E 126 -12.62 -24.59 26.78
CA ARG E 126 -12.22 -25.89 27.36
C ARG E 126 -13.35 -26.91 27.23
N TRP E 127 -14.56 -26.50 27.59
CA TRP E 127 -15.72 -27.38 27.49
C TRP E 127 -16.11 -27.66 26.04
N TYR E 128 -16.04 -26.63 25.20
CA TYR E 128 -16.34 -26.76 23.78
C TYR E 128 -15.47 -27.84 23.19
N LEU E 129 -14.17 -27.76 23.45
CA LEU E 129 -13.23 -28.74 22.94
C LEU E 129 -13.39 -30.12 23.57
N TYR E 130 -13.79 -30.13 24.84
CA TYR E 130 -14.00 -31.37 25.59
C TYR E 130 -15.01 -32.26 24.86
N PHE E 131 -16.16 -31.68 24.54
CA PHE E 131 -17.20 -32.43 23.84
C PHE E 131 -16.84 -32.70 22.38
N TYR E 132 -16.22 -31.72 21.72
CA TYR E 132 -15.75 -31.87 20.35
C TYR E 132 -14.83 -33.09 20.19
N GLU E 133 -13.87 -33.17 21.08
CA GLU E 133 -12.94 -34.29 21.09
C GLU E 133 -13.61 -35.65 21.29
N ARG E 134 -14.56 -35.70 22.22
CA ARG E 134 -15.28 -36.93 22.56
C ARG E 134 -16.18 -37.31 21.41
N ILE E 135 -16.79 -36.32 20.79
CA ILE E 135 -17.59 -36.56 19.60
C ILE E 135 -16.72 -37.16 18.50
N LEU E 136 -15.59 -36.52 18.17
CA LEU E 136 -14.72 -37.04 17.10
C LEU E 136 -14.31 -38.48 17.36
N GLY E 137 -13.90 -38.78 18.60
CA GLY E 137 -13.50 -40.14 18.94
C GLY E 137 -14.62 -41.13 18.76
N SER E 138 -15.84 -40.73 19.12
CA SER E 138 -16.97 -41.64 19.03
C SER E 138 -17.29 -41.99 17.57
N LEU E 139 -17.01 -41.07 16.65
CA LEU E 139 -17.32 -41.27 15.24
C LEU E 139 -16.43 -42.34 14.60
N ILE E 140 -15.26 -42.59 15.19
CA ILE E 140 -14.36 -43.58 14.64
C ILE E 140 -14.11 -44.72 15.61
N ASP E 141 -14.96 -44.81 16.63
CA ASP E 141 -14.89 -45.89 17.61
C ASP E 141 -13.50 -45.96 18.25
N GLU E 142 -12.97 -44.80 18.64
CA GLU E 142 -11.69 -44.72 19.36
C GLU E 142 -11.92 -44.11 20.74
N PRO E 143 -12.06 -44.94 21.78
CA PRO E 143 -12.46 -44.40 23.08
C PRO E 143 -11.41 -43.53 23.77
N ASN E 144 -10.19 -43.50 23.24
CA ASN E 144 -9.12 -42.70 23.85
C ASN E 144 -8.54 -41.69 22.82
N PHE E 145 -9.39 -41.33 21.87
CA PHE E 145 -9.04 -40.36 20.84
C PHE E 145 -8.64 -39.03 21.46
N ALA E 146 -7.61 -38.41 20.91
CA ALA E 146 -7.15 -37.12 21.41
C ALA E 146 -6.90 -36.19 20.24
N LEU E 147 -7.24 -34.92 20.42
CA LEU E 147 -6.96 -33.89 19.43
C LEU E 147 -5.46 -33.62 19.29
N PRO E 148 -5.04 -33.16 18.10
CA PRO E 148 -3.73 -32.51 18.04
C PRO E 148 -3.82 -31.12 18.61
N TYR E 149 -2.67 -30.52 18.87
CA TYR E 149 -2.67 -29.12 19.27
C TYR E 149 -1.54 -28.41 18.54
N TRP E 150 -1.78 -27.15 18.19
CA TRP E 150 -0.83 -26.37 17.42
C TRP E 150 0.17 -25.75 18.37
N LYS E 151 1.33 -26.38 18.49
CA LYS E 151 2.29 -26.01 19.51
C LYS E 151 3.13 -24.81 19.04
N TRP E 152 2.49 -23.66 18.87
CA TRP E 152 3.19 -22.51 18.28
C TRP E 152 4.10 -21.82 19.29
N ASP E 153 4.21 -22.40 20.46
CA ASP E 153 5.17 -21.92 21.48
C ASP E 153 6.51 -22.66 21.37
N GLU E 154 6.58 -23.63 20.46
CA GLU E 154 7.80 -24.38 20.22
C GLU E 154 8.21 -24.13 18.78
N PRO E 155 9.47 -23.73 18.54
CA PRO E 155 9.87 -23.33 17.19
C PRO E 155 9.40 -24.26 16.06
N LYS E 156 9.63 -25.56 16.17
CA LYS E 156 9.28 -26.47 15.11
C LYS E 156 7.75 -26.59 14.95
N GLY E 157 7.01 -26.19 15.98
CA GLY E 157 5.56 -26.24 15.95
C GLY E 157 4.93 -24.99 15.40
N MET E 158 5.74 -23.97 15.13
CA MET E 158 5.21 -22.69 14.69
C MET E 158 4.67 -22.68 13.26
N PRO E 159 5.37 -23.33 12.31
CA PRO E 159 4.71 -23.45 11.00
C PRO E 159 3.38 -24.19 11.12
N ILE E 160 2.36 -23.73 10.43
CA ILE E 160 1.10 -24.48 10.37
C ILE E 160 1.45 -25.87 9.83
N SER E 161 0.92 -26.91 10.46
CA SER E 161 1.31 -28.27 10.13
C SER E 161 0.86 -28.65 8.73
N ASN E 162 1.69 -29.40 8.01
CA ASN E 162 1.33 -29.78 6.66
C ASN E 162 0.13 -30.71 6.62
N ILE E 163 -0.30 -31.22 7.77
CA ILE E 163 -1.48 -32.08 7.77
C ILE E 163 -2.74 -31.29 7.37
N PHE E 164 -2.70 -29.97 7.53
CA PHE E 164 -3.84 -29.11 7.20
C PHE E 164 -3.85 -28.61 5.77
N LEU E 165 -2.75 -28.88 5.05
CA LEU E 165 -2.54 -28.24 3.75
C LEU E 165 -2.93 -29.18 2.61
N GLY E 166 -2.79 -28.70 1.39
CA GLY E 166 -3.12 -29.48 0.21
C GLY E 166 -4.33 -28.89 -0.48
N ASP E 167 -5.35 -29.72 -0.70
CA ASP E 167 -6.57 -29.25 -1.34
C ASP E 167 -7.79 -29.87 -0.67
N ALA E 168 -8.96 -29.69 -1.28
CA ALA E 168 -10.21 -30.15 -0.68
C ALA E 168 -10.29 -31.67 -0.48
N SER E 169 -9.40 -32.43 -1.12
CA SER E 169 -9.37 -33.88 -0.92
C SER E 169 -8.90 -34.21 0.50
N ASN E 170 -8.23 -33.26 1.14
CA ASN E 170 -7.82 -33.39 2.53
C ASN E 170 -8.91 -32.86 3.44
N PRO E 171 -9.51 -33.74 4.29
CA PRO E 171 -10.55 -33.25 5.19
C PRO E 171 -10.12 -32.11 6.12
N LEU E 172 -8.82 -31.96 6.35
CA LEU E 172 -8.31 -30.98 7.30
C LEU E 172 -8.07 -29.64 6.64
N TYR E 173 -8.28 -29.59 5.33
CA TYR E 173 -8.04 -28.40 4.53
C TYR E 173 -9.22 -27.45 4.59
N ASP E 174 -8.93 -26.16 4.42
CA ASP E 174 -9.95 -25.11 4.29
C ASP E 174 -9.42 -24.10 3.28
N GLN E 175 -10.17 -23.85 2.21
CA GLN E 175 -9.74 -22.90 1.18
C GLN E 175 -9.74 -21.46 1.70
N TYR E 176 -10.52 -21.21 2.75
CA TYR E 176 -10.68 -19.86 3.27
C TYR E 176 -9.67 -19.56 4.35
N ARG E 177 -8.41 -19.50 3.90
CA ARG E 177 -7.29 -19.07 4.70
C ARG E 177 -6.49 -18.04 3.89
N ASP E 178 -5.76 -17.18 4.58
CA ASP E 178 -4.88 -16.21 3.94
C ASP E 178 -3.80 -16.94 3.13
N ALA E 179 -3.87 -16.89 1.80
CA ALA E 179 -2.97 -17.68 0.96
C ALA E 179 -1.51 -17.25 1.11
N ASN E 180 -1.28 -15.96 1.29
CA ASN E 180 0.07 -15.45 1.47
C ASN E 180 0.66 -16.03 2.74
N HIS E 181 -0.13 -16.03 3.81
CA HIS E 181 0.34 -16.52 5.09
C HIS E 181 0.55 -18.03 5.10
N ILE E 182 -0.34 -18.77 4.46
CA ILE E 182 -0.13 -20.21 4.34
C ILE E 182 1.20 -20.49 3.64
N GLU E 183 1.50 -19.70 2.60
CA GLU E 183 2.75 -19.86 1.88
C GLU E 183 3.96 -19.56 2.77
N ASP E 184 3.82 -18.55 3.64
CA ASP E 184 4.84 -18.18 4.61
C ASP E 184 5.03 -19.25 5.69
N ARG E 185 3.95 -19.99 5.94
CA ARG E 185 3.89 -21.11 6.88
C ARG E 185 4.02 -20.74 8.37
N ILE E 186 5.04 -19.97 8.74
CA ILE E 186 5.25 -19.64 10.16
C ILE E 186 4.26 -18.59 10.66
N VAL E 187 3.44 -18.97 11.63
CA VAL E 187 2.46 -18.08 12.21
C VAL E 187 3.16 -16.93 12.91
N ASP E 188 2.54 -15.75 12.85
CA ASP E 188 3.00 -14.57 13.57
C ASP E 188 2.09 -14.36 14.76
N LEU E 189 2.56 -14.75 15.94
CA LEU E 189 1.75 -14.64 17.14
C LEU E 189 1.53 -13.19 17.58
N ASP E 190 2.23 -12.27 16.91
CA ASP E 190 2.15 -10.83 17.19
C ASP E 190 1.51 -10.10 16.00
N TYR E 191 0.83 -10.86 15.14
CA TYR E 191 0.24 -10.30 13.93
C TYR E 191 -0.76 -9.20 14.28
N ASP E 192 -0.57 -8.03 13.67
CA ASP E 192 -1.40 -6.87 14.02
C ASP E 192 -2.04 -6.21 12.78
N GLY E 193 -2.07 -6.96 11.67
CA GLY E 193 -2.72 -6.50 10.45
C GLY E 193 -1.75 -6.15 9.33
N LYS E 194 -0.45 -6.12 9.62
CA LYS E 194 0.55 -5.86 8.58
C LYS E 194 1.69 -6.88 8.64
N ASP E 195 2.03 -7.46 7.50
CA ASP E 195 3.09 -8.45 7.45
C ASP E 195 4.41 -7.85 7.93
N LYS E 196 5.04 -8.52 8.88
CA LYS E 196 6.40 -8.19 9.25
C LYS E 196 7.26 -8.69 8.11
N ASP E 197 8.26 -7.92 7.70
CA ASP E 197 9.17 -8.39 6.67
C ASP E 197 10.45 -8.84 7.35
N ILE E 198 10.40 -9.96 8.07
CA ILE E 198 11.54 -10.38 8.88
C ILE E 198 11.97 -11.83 8.65
N PRO E 199 13.22 -12.16 8.99
CA PRO E 199 13.69 -13.54 8.81
C PRO E 199 12.93 -14.52 9.68
N ASP E 200 12.81 -15.75 9.21
CA ASP E 200 12.11 -16.78 9.95
C ASP E 200 12.59 -16.89 11.38
N GLN E 201 13.90 -16.80 11.60
CA GLN E 201 14.45 -16.96 12.95
C GLN E 201 14.01 -15.81 13.83
N GLN E 202 13.85 -14.63 13.24
CA GLN E 202 13.40 -13.49 14.02
C GLN E 202 11.92 -13.69 14.37
N GLN E 203 11.15 -14.27 13.45
CA GLN E 203 9.75 -14.51 13.73
C GLN E 203 9.61 -15.55 14.84
N VAL E 204 10.48 -16.56 14.80
CA VAL E 204 10.47 -17.56 15.86
C VAL E 204 10.70 -16.87 17.21
N ALA E 205 11.72 -16.02 17.29
CA ALA E 205 11.99 -15.31 18.52
C ALA E 205 10.84 -14.39 18.91
N CYS E 206 10.24 -13.72 17.93
CA CYS E 206 9.07 -12.90 18.19
C CYS E 206 7.94 -13.73 18.82
N ASN E 207 7.72 -14.93 18.28
CA ASN E 207 6.65 -15.79 18.81
C ASN E 207 6.95 -16.23 20.23
N LEU E 208 8.19 -16.63 20.49
CA LEU E 208 8.62 -16.97 21.85
C LEU E 208 8.43 -15.78 22.81
N SER E 209 8.76 -14.59 22.34
CA SER E 209 8.60 -13.38 23.16
C SER E 209 7.12 -13.17 23.48
N THR E 210 6.28 -13.41 22.49
CA THR E 210 4.85 -13.19 22.63
C THR E 210 4.25 -14.14 23.67
N VAL E 211 4.68 -15.40 23.64
CA VAL E 211 4.20 -16.35 24.63
C VAL E 211 4.63 -15.93 26.04
N TYR E 212 5.88 -15.47 26.18
CA TYR E 212 6.39 -14.93 27.43
C TYR E 212 5.56 -13.74 27.88
N ARG E 213 5.20 -12.88 26.95
CA ARG E 213 4.38 -11.72 27.26
C ARG E 213 3.02 -12.17 27.80
N ASP E 214 2.39 -13.09 27.11
CA ASP E 214 1.02 -13.47 27.47
C ASP E 214 0.98 -14.23 28.80
N LEU E 215 2.00 -15.03 29.07
CA LEU E 215 1.98 -15.93 30.23
C LEU E 215 2.63 -15.37 31.50
N VAL E 216 3.56 -14.43 31.33
CA VAL E 216 4.32 -13.90 32.45
C VAL E 216 4.13 -12.40 32.56
N ARG E 217 4.46 -11.63 31.52
CA ARG E 217 4.48 -10.17 31.65
C ARG E 217 3.08 -9.55 31.83
N ASN E 218 2.12 -10.01 31.04
CA ASN E 218 0.78 -9.44 31.09
C ASN E 218 -0.19 -10.30 31.87
N GLY E 219 0.14 -11.57 32.09
CA GLY E 219 -0.75 -12.47 32.82
C GLY E 219 -0.32 -12.64 34.26
N VAL E 220 -0.39 -11.57 35.05
CA VAL E 220 0.22 -11.56 36.38
C VAL E 220 -0.74 -11.94 37.52
N ASP E 221 -2.03 -12.08 37.19
CA ASP E 221 -3.04 -12.50 38.16
C ASP E 221 -4.25 -12.99 37.39
N PRO E 222 -5.26 -13.52 38.10
CA PRO E 222 -6.42 -14.05 37.38
C PRO E 222 -7.14 -13.02 36.51
N THR E 223 -7.28 -11.78 36.96
CA THR E 223 -7.96 -10.78 36.18
C THR E 223 -7.25 -10.52 34.84
N SER E 224 -5.94 -10.37 34.89
CA SER E 224 -5.17 -10.04 33.69
C SER E 224 -4.94 -11.26 32.76
N PHE E 225 -4.92 -12.47 33.31
CA PHE E 225 -4.80 -13.69 32.49
C PHE E 225 -6.14 -14.19 31.93
N PHE E 226 -7.13 -14.38 32.80
CA PHE E 226 -8.42 -14.94 32.36
C PHE E 226 -9.30 -13.90 31.69
N GLY E 227 -9.11 -12.63 32.05
CA GLY E 227 -9.97 -11.57 31.58
C GLY E 227 -10.94 -11.06 32.63
N GLY E 228 -11.63 -9.98 32.28
CA GLY E 228 -12.46 -9.25 33.23
C GLY E 228 -13.70 -9.98 33.71
N LYS E 229 -14.16 -9.57 34.90
CA LYS E 229 -15.39 -10.09 35.47
C LYS E 229 -16.60 -9.79 34.58
N TYR E 230 -17.43 -10.79 34.39
CA TYR E 230 -18.59 -10.68 33.53
C TYR E 230 -19.68 -11.53 34.14
N VAL E 231 -20.78 -10.89 34.53
CA VAL E 231 -21.84 -11.54 35.28
C VAL E 231 -23.20 -11.22 34.68
N ALA E 232 -24.24 -11.92 35.13
CA ALA E 232 -25.58 -11.63 34.62
C ALA E 232 -25.90 -10.15 34.81
N GLY E 233 -26.48 -9.55 33.78
CA GLY E 233 -26.84 -8.14 33.80
C GLY E 233 -25.82 -7.32 33.06
N ASP E 234 -24.66 -7.90 32.81
CA ASP E 234 -23.60 -7.23 32.07
C ASP E 234 -23.81 -7.30 30.57
N SER E 235 -23.59 -6.19 29.88
N SER E 235 -23.59 -6.19 29.88
CA SER E 235 -23.64 -6.19 28.42
CA SER E 235 -23.63 -6.16 28.43
C SER E 235 -22.35 -6.79 27.84
C SER E 235 -22.36 -6.81 27.85
N PRO E 236 -22.38 -7.17 26.56
CA PRO E 236 -21.21 -7.86 26.00
C PRO E 236 -19.97 -7.00 25.90
N VAL E 237 -18.85 -7.56 26.30
CA VAL E 237 -17.59 -6.83 26.23
C VAL E 237 -17.12 -6.85 24.80
N ALA E 238 -16.67 -5.69 24.31
CA ALA E 238 -16.28 -5.55 22.92
C ALA E 238 -14.96 -6.22 22.59
N ASN E 239 -14.88 -6.80 21.40
CA ASN E 239 -13.60 -7.23 20.86
C ASN E 239 -12.59 -6.10 21.01
N GLY E 240 -11.43 -6.43 21.54
CA GLY E 240 -10.34 -5.49 21.67
C GLY E 240 -10.34 -4.69 22.96
N ASP E 241 -11.35 -4.89 23.81
CA ASP E 241 -11.43 -4.18 25.08
C ASP E 241 -10.18 -4.52 25.91
N PRO E 242 -9.55 -3.51 26.54
CA PRO E 242 -8.34 -3.83 27.31
C PRO E 242 -8.55 -4.72 28.52
N SER E 243 -9.78 -4.94 28.93
CA SER E 243 -10.05 -5.81 30.07
C SER E 243 -9.97 -7.29 29.67
N VAL E 244 -9.89 -7.56 28.38
CA VAL E 244 -9.73 -8.93 27.89
C VAL E 244 -8.41 -9.50 28.42
N GLY E 245 -8.40 -10.79 28.74
CA GLY E 245 -7.20 -11.44 29.26
C GLY E 245 -6.05 -11.53 28.28
N SER E 246 -4.86 -11.78 28.81
CA SER E 246 -3.63 -11.63 28.03
C SER E 246 -3.58 -12.58 26.84
N VAL E 247 -3.87 -13.85 27.06
CA VAL E 247 -3.83 -14.82 25.97
C VAL E 247 -4.93 -14.54 24.94
N GLU E 248 -6.13 -14.27 25.40
CA GLU E 248 -7.26 -14.06 24.48
C GLU E 248 -6.96 -12.88 23.56
N ALA E 249 -6.50 -11.78 24.16
CA ALA E 249 -6.21 -10.56 23.41
C ALA E 249 -4.93 -10.66 22.60
N GLY E 250 -4.05 -11.56 23.02
CA GLY E 250 -2.71 -11.66 22.47
C GLY E 250 -2.58 -12.74 21.41
N SER E 251 -1.79 -13.76 21.74
CA SER E 251 -1.49 -14.84 20.80
C SER E 251 -2.76 -15.45 20.20
N HS8 E 252 -3.80 -15.57 21.01
CA HS8 E 252 -5.06 -16.12 20.55
CB HS8 E 252 -6.13 -16.13 21.66
CG HS8 E 252 -7.38 -16.64 21.07
ND1 HS8 E 252 -7.47 -17.89 20.41
CE1 HS8 E 252 -8.74 -18.03 19.98
NE2 HS8 E 252 -9.50 -16.93 20.32
CD2 HS8 E 252 -8.64 -16.05 21.02
C HS8 E 252 -5.65 -15.35 19.36
O HS8 E 252 -6.00 -15.87 18.31
O3 HS8 E 252 -11.27 -16.27 18.69
S HS8 E 252 -11.20 -16.68 19.99
O1 HS8 E 252 -11.81 -17.72 20.62
O2 HS8 E 252 -11.56 -15.37 20.87
N HIS E 252 -3.82 -15.60 20.98
CA HIS E 252 -5.04 -16.21 20.46
C HIS E 252 -5.67 -15.35 19.34
N THR E 253 -5.77 -14.04 19.57
CA THR E 253 -6.32 -13.15 18.54
C THR E 253 -5.42 -13.14 17.30
N ALA E 254 -4.12 -13.11 17.51
CA ALA E 254 -3.19 -13.03 16.40
C ALA E 254 -3.36 -14.20 15.41
N VAL E 255 -3.48 -15.43 15.93
CA VAL E 255 -3.57 -16.58 15.05
C VAL E 255 -4.84 -16.53 14.21
N HIS E 256 -5.96 -16.20 14.83
CA HIS E 256 -7.21 -15.99 14.09
C HIS E 256 -7.02 -14.97 12.98
N ARG E 257 -6.44 -13.83 13.31
CA ARG E 257 -6.31 -12.75 12.32
C ARG E 257 -5.39 -13.17 11.19
N TRP E 258 -4.32 -13.87 11.54
CA TRP E 258 -3.31 -14.31 10.60
C TRP E 258 -3.80 -15.41 9.63
N VAL E 259 -4.59 -16.36 10.13
CA VAL E 259 -5.08 -17.44 9.27
C VAL E 259 -6.29 -17.01 8.43
N GLY E 260 -7.13 -16.16 9.00
CA GLY E 260 -8.33 -15.71 8.30
C GLY E 260 -7.99 -15.15 6.92
N ASP E 261 -8.81 -15.45 5.94
CA ASP E 261 -8.56 -15.01 4.55
C ASP E 261 -9.01 -13.56 4.30
N PRO E 262 -8.05 -12.63 4.11
CA PRO E 262 -8.48 -11.23 3.98
C PRO E 262 -9.30 -10.93 2.73
N THR E 263 -9.29 -11.81 1.75
CA THR E 263 -10.11 -11.60 0.55
C THR E 263 -11.59 -11.90 0.80
N GLN E 264 -11.92 -12.47 1.96
CA GLN E 264 -13.31 -12.79 2.29
C GLN E 264 -13.96 -11.62 3.03
N PRO E 265 -15.28 -11.47 2.89
CA PRO E 265 -15.97 -10.27 3.40
C PRO E 265 -15.80 -10.01 4.89
N ASN E 266 -15.76 -11.09 5.68
CA ASN E 266 -15.50 -10.96 7.12
C ASN E 266 -14.21 -11.67 7.51
N ASN E 267 -13.31 -11.79 6.56
CA ASN E 267 -12.06 -12.54 6.73
C ASN E 267 -12.28 -13.99 7.18
N GLU E 268 -13.37 -14.58 6.70
CA GLU E 268 -13.65 -16.00 6.94
C GLU E 268 -12.49 -16.88 6.47
N ASP E 269 -12.29 -18.05 7.08
CA ASP E 269 -13.09 -18.55 8.17
C ASP E 269 -12.54 -18.09 9.54
N MET E 270 -11.24 -18.24 9.75
CA MET E 270 -10.67 -17.98 11.07
C MET E 270 -10.74 -16.51 11.50
N GLY E 271 -10.97 -15.59 10.55
CA GLY E 271 -10.93 -14.17 10.85
C GLY E 271 -12.17 -13.60 11.53
N ASN E 272 -13.18 -14.43 11.75
CA ASN E 272 -14.36 -14.02 12.52
C ASN E 272 -14.86 -15.21 13.35
N PHE E 273 -15.32 -14.93 14.56
CA PHE E 273 -15.83 -15.99 15.43
C PHE E 273 -16.90 -16.85 14.75
N TYR E 274 -17.76 -16.21 13.96
CA TYR E 274 -18.97 -16.88 13.48
C TYR E 274 -18.61 -17.98 12.48
N SER E 275 -17.47 -17.82 11.82
CA SER E 275 -17.01 -18.73 10.76
C SER E 275 -15.79 -19.57 11.13
N ALA E 276 -15.17 -19.27 12.26
CA ALA E 276 -13.87 -19.87 12.57
C ALA E 276 -13.94 -21.39 12.64
N GLY E 277 -15.05 -21.92 13.14
CA GLY E 277 -15.18 -23.35 13.29
C GLY E 277 -15.29 -24.16 12.01
N TYR E 278 -15.42 -23.50 10.85
CA TYR E 278 -15.40 -24.23 9.58
C TYR E 278 -13.98 -24.55 9.14
N ASP E 279 -13.00 -23.96 9.81
CA ASP E 279 -11.60 -24.33 9.57
C ASP E 279 -11.20 -25.36 10.61
N PRO E 280 -10.85 -26.57 10.17
CA PRO E 280 -10.42 -27.57 11.16
C PRO E 280 -9.30 -27.09 12.10
N VAL E 281 -8.44 -26.21 11.59
CA VAL E 281 -7.33 -25.76 12.41
C VAL E 281 -7.79 -24.88 13.59
N PHE E 282 -9.02 -24.35 13.51
CA PHE E 282 -9.60 -23.57 14.61
C PHE E 282 -9.50 -24.28 15.94
N TYR E 283 -9.90 -25.55 15.92
CA TYR E 283 -10.00 -26.33 17.15
C TYR E 283 -8.61 -26.70 17.65
N ILE E 284 -7.66 -26.78 16.73
CA ILE E 284 -6.32 -27.26 17.04
C ILE E 284 -5.46 -26.11 17.56
N HIS E 285 -5.63 -24.92 16.99
CA HIS E 285 -5.17 -23.68 17.61
C HIS E 285 -5.75 -23.58 19.01
N HIS E 286 -7.06 -23.81 19.15
CA HIS E 286 -7.65 -23.63 20.46
C HIS E 286 -7.20 -24.68 21.45
N ALA E 287 -6.78 -25.84 20.97
CA ALA E 287 -6.23 -26.82 21.89
C ALA E 287 -4.95 -26.30 22.55
N ASN E 288 -4.15 -25.51 21.83
CA ASN E 288 -2.97 -25.00 22.48
C ASN E 288 -3.29 -23.80 23.37
N VAL E 289 -4.31 -23.03 23.02
CA VAL E 289 -4.80 -21.98 23.90
C VAL E 289 -5.22 -22.62 25.23
N ASP E 290 -5.94 -23.72 25.14
CA ASP E 290 -6.36 -24.46 26.32
C ASP E 290 -5.16 -24.88 27.16
N ARG E 291 -4.11 -25.32 26.47
CA ARG E 291 -2.88 -25.72 27.12
C ARG E 291 -2.21 -24.54 27.83
N MET E 292 -2.37 -23.33 27.30
CA MET E 292 -1.74 -22.15 27.93
C MET E 292 -2.23 -21.97 29.35
N TRP E 293 -3.51 -22.29 29.58
CA TRP E 293 -4.07 -22.23 30.93
C TRP E 293 -3.32 -23.21 31.82
N LYS E 294 -3.05 -24.40 31.29
CA LYS E 294 -2.30 -25.38 32.07
C LYS E 294 -0.90 -24.85 32.38
N LEU E 295 -0.24 -24.34 31.36
CA LEU E 295 1.15 -23.87 31.50
C LEU E 295 1.22 -22.71 32.48
N TRP E 296 0.24 -21.82 32.40
CA TRP E 296 0.20 -20.62 33.24
C TRP E 296 0.18 -20.98 34.72
N LYS E 297 -0.56 -22.03 35.05
CA LYS E 297 -0.63 -22.54 36.41
C LYS E 297 0.65 -23.25 36.81
N GLU E 298 1.28 -23.92 35.84
CA GLU E 298 2.51 -24.66 36.13
C GLU E 298 3.65 -23.72 36.46
N LEU E 299 3.59 -22.49 35.98
CA LEU E 299 4.66 -21.52 36.27
C LEU E 299 4.83 -21.26 37.76
N ARG E 300 3.76 -21.35 38.53
CA ARG E 300 3.90 -21.26 39.99
C ARG E 300 4.50 -19.92 40.40
N LEU E 301 4.08 -18.88 39.69
CA LEU E 301 4.46 -17.51 39.99
C LEU E 301 3.35 -16.85 40.81
N PRO E 302 3.68 -15.77 41.52
CA PRO E 302 2.63 -15.11 42.29
C PRO E 302 1.44 -14.73 41.42
N GLY E 303 0.24 -15.05 41.88
CA GLY E 303 -0.97 -14.65 41.20
C GLY E 303 -1.45 -15.66 40.18
N HIS E 304 -0.66 -16.70 39.94
CA HIS E 304 -1.03 -17.70 38.96
C HIS E 304 -1.91 -18.75 39.60
N VAL E 305 -3.13 -18.33 39.95
CA VAL E 305 -4.09 -19.16 40.65
C VAL E 305 -5.42 -19.16 39.89
N ASP E 306 -6.23 -20.18 40.12
CA ASP E 306 -7.53 -20.23 39.48
C ASP E 306 -8.52 -19.32 40.22
N ILE E 307 -9.60 -19.01 39.52
CA ILE E 307 -10.64 -18.13 40.02
C ILE E 307 -11.50 -18.83 41.07
N THR E 308 -11.85 -18.10 42.13
CA THR E 308 -12.69 -18.63 43.20
C THR E 308 -14.01 -17.87 43.35
N ASP E 309 -14.23 -16.88 42.50
CA ASP E 309 -15.47 -16.11 42.54
C ASP E 309 -16.63 -17.01 42.14
N PRO E 310 -17.65 -17.15 43.01
CA PRO E 310 -18.79 -18.00 42.67
C PRO E 310 -19.48 -17.60 41.37
N ASP E 311 -19.47 -16.32 41.03
CA ASP E 311 -20.15 -15.91 39.82
C ASP E 311 -19.39 -16.37 38.59
N TRP E 312 -18.15 -16.81 38.78
CA TRP E 312 -17.41 -17.50 37.70
C TRP E 312 -17.57 -19.00 37.82
N LEU E 313 -17.34 -19.53 39.01
CA LEU E 313 -17.46 -20.96 39.26
C LEU E 313 -18.79 -21.53 38.80
N ASN E 314 -19.86 -20.77 38.98
CA ASN E 314 -21.20 -21.28 38.71
C ASN E 314 -21.78 -20.88 37.37
N ALA E 315 -20.97 -20.24 36.54
CA ALA E 315 -21.40 -19.94 35.20
C ALA E 315 -21.48 -21.23 34.42
N SER E 316 -22.43 -21.33 33.50
CA SER E 316 -22.66 -22.58 32.81
C SER E 316 -23.08 -22.43 31.37
N TYR E 317 -22.79 -23.48 30.60
CA TYR E 317 -23.16 -23.56 29.20
C TYR E 317 -23.82 -24.92 28.95
N VAL E 318 -24.40 -25.07 27.76
CA VAL E 318 -25.05 -26.31 27.34
C VAL E 318 -24.45 -26.75 26.00
N PHE E 319 -24.14 -28.05 25.93
CA PHE E 319 -23.60 -28.69 24.73
C PHE E 319 -24.27 -30.02 24.47
N TYR E 320 -24.40 -30.37 23.20
CA TYR E 320 -24.64 -31.76 22.83
C TYR E 320 -23.39 -32.59 23.00
N ASP E 321 -23.55 -33.84 23.45
CA ASP E 321 -22.42 -34.74 23.54
C ASP E 321 -22.53 -35.83 22.46
N GLU E 322 -21.65 -36.82 22.56
CA GLU E 322 -21.51 -37.81 21.51
C GLU E 322 -22.75 -38.73 21.41
N ASN E 323 -23.59 -38.68 22.45
CA ASN E 323 -24.84 -39.42 22.46
C ASN E 323 -26.04 -38.58 22.03
N LYS E 324 -25.75 -37.37 21.56
CA LYS E 324 -26.78 -36.40 21.17
C LYS E 324 -27.64 -36.05 22.39
N ASP E 325 -27.05 -36.21 23.57
CA ASP E 325 -27.64 -35.73 24.82
C ASP E 325 -27.21 -34.31 25.12
N LEU E 326 -28.05 -33.61 25.86
CA LEU E 326 -27.79 -32.23 26.23
C LEU E 326 -27.21 -32.18 27.63
N VAL E 327 -26.04 -31.58 27.73
CA VAL E 327 -25.29 -31.53 28.98
C VAL E 327 -25.05 -30.08 29.42
N ARG E 328 -25.35 -29.77 30.68
CA ARG E 328 -25.02 -28.46 31.24
C ARG E 328 -23.71 -28.60 32.01
N VAL E 329 -22.75 -27.74 31.67
CA VAL E 329 -21.42 -27.77 32.27
C VAL E 329 -21.14 -26.45 32.95
N TYR E 330 -20.36 -26.50 34.03
CA TYR E 330 -20.06 -25.34 34.87
C TYR E 330 -18.58 -25.05 34.85
N ASN E 331 -18.21 -23.77 34.87
CA ASN E 331 -16.80 -23.41 34.89
C ASN E 331 -16.03 -24.17 35.96
N LYS E 332 -16.60 -24.28 37.16
CA LYS E 332 -15.86 -24.86 38.28
C LYS E 332 -15.35 -26.27 38.00
N ASP E 333 -16.06 -26.99 37.14
CA ASP E 333 -15.75 -28.40 36.91
C ASP E 333 -14.68 -28.66 35.85
N CYS E 334 -14.13 -27.61 35.23
CA CYS E 334 -13.16 -27.86 34.16
C CYS E 334 -11.74 -27.46 34.52
N VAL E 335 -11.51 -27.05 35.77
CA VAL E 335 -10.21 -26.51 36.16
C VAL E 335 -9.14 -27.60 36.28
N ASN E 336 -9.59 -28.83 36.50
CA ASN E 336 -8.69 -29.97 36.74
C ASN E 336 -8.69 -30.92 35.54
N LEU E 337 -7.60 -30.90 34.77
CA LEU E 337 -7.52 -31.72 33.56
C LEU E 337 -7.60 -33.22 33.83
N ASP E 338 -7.04 -33.66 34.96
CA ASP E 338 -7.11 -35.09 35.30
C ASP E 338 -8.55 -35.57 35.38
N LYS E 339 -9.43 -34.73 35.93
CA LYS E 339 -10.83 -35.11 36.09
C LYS E 339 -11.61 -35.06 34.77
N LEU E 340 -11.11 -34.30 33.80
CA LEU E 340 -11.68 -34.29 32.46
C LEU E 340 -11.07 -35.36 31.57
N LYS E 341 -10.08 -36.07 32.10
CA LYS E 341 -9.47 -37.20 31.42
C LYS E 341 -8.76 -36.87 30.11
N TYR E 342 -8.15 -35.68 30.02
CA TYR E 342 -7.21 -35.42 28.94
C TYR E 342 -6.06 -34.57 29.43
N ASN E 343 -5.02 -34.55 28.61
CA ASN E 343 -3.90 -33.64 28.85
C ASN E 343 -3.16 -33.46 27.54
N PHE E 344 -1.92 -32.99 27.63
CA PHE E 344 -1.11 -32.70 26.47
C PHE E 344 0.25 -33.36 26.60
N ILE E 345 0.71 -33.96 25.51
CA ILE E 345 2.05 -34.50 25.43
C ILE E 345 3.06 -33.37 25.47
N GLU E 346 3.93 -33.42 26.47
CA GLU E 346 4.96 -32.40 26.68
C GLU E 346 6.33 -33.01 26.39
N ASN E 347 7.37 -32.17 26.42
CA ASN E 347 8.72 -32.67 26.20
C ASN E 347 9.24 -33.50 27.38
N VAL F 3 14.89 -3.19 28.78
CA VAL F 3 13.66 -2.40 28.76
C VAL F 3 12.55 -3.20 28.09
N PHE F 4 12.15 -2.78 26.90
CA PHE F 4 11.07 -3.46 26.20
C PHE F 4 11.30 -3.56 24.69
N THR F 5 12.54 -3.76 24.28
CA THR F 5 12.79 -4.15 22.89
C THR F 5 12.51 -5.64 22.73
N THR F 6 11.73 -5.98 21.69
CA THR F 6 11.47 -7.39 21.39
C THR F 6 11.72 -7.72 19.91
N PRO F 7 11.93 -9.00 19.59
CA PRO F 7 12.14 -9.38 18.18
C PRO F 7 10.94 -9.09 17.27
N CYS F 8 9.79 -8.74 17.85
CA CYS F 8 8.62 -8.40 17.02
C CYS F 8 8.72 -6.99 16.44
N ASP F 9 9.53 -6.14 17.05
CA ASP F 9 9.51 -4.72 16.73
C ASP F 9 10.34 -4.38 15.49
N PRO F 10 9.86 -3.42 14.67
CA PRO F 10 10.57 -3.08 13.43
C PRO F 10 11.94 -2.45 13.69
N GLU F 11 12.13 -1.83 14.85
CA GLU F 11 13.40 -1.18 15.18
C GLU F 11 14.43 -2.20 15.67
N TYR F 12 13.98 -3.44 15.79
CA TYR F 12 14.82 -4.53 16.27
C TYR F 12 16.06 -4.76 15.40
N ALA G 1 -23.33 1.58 -8.65
CA ALA G 1 -23.87 0.30 -9.12
C ALA G 1 -23.03 -0.16 -10.31
N PRO G 2 -22.85 -1.48 -10.47
CA PRO G 2 -22.01 -1.99 -11.55
C PRO G 2 -22.71 -1.99 -12.91
N ILE G 3 -21.92 -1.81 -13.95
CA ILE G 3 -22.38 -1.94 -15.32
C ILE G 3 -22.82 -3.39 -15.48
N THR G 4 -24.00 -3.57 -16.04
CA THR G 4 -24.64 -4.88 -16.14
C THR G 4 -25.27 -5.05 -17.51
N ALA G 5 -24.73 -5.97 -18.32
CA ALA G 5 -25.31 -6.21 -19.64
C ALA G 5 -26.76 -6.66 -19.44
N PRO G 6 -27.66 -6.22 -20.32
CA PRO G 6 -29.04 -6.69 -20.23
C PRO G 6 -29.17 -8.08 -20.84
N ASP G 7 -30.39 -8.59 -20.97
CA ASP G 7 -30.61 -9.74 -21.82
C ASP G 7 -30.36 -9.32 -23.27
N ILE G 8 -29.16 -9.61 -23.74
CA ILE G 8 -28.67 -9.17 -25.02
C ILE G 8 -29.47 -9.74 -26.19
N THR G 9 -30.25 -10.79 -25.93
CA THR G 9 -31.06 -11.37 -26.98
C THR G 9 -32.42 -10.69 -27.06
N SER G 10 -32.74 -9.88 -26.04
N SER G 10 -32.74 -9.85 -26.06
CA SER G 10 -34.03 -9.20 -25.94
CA SER G 10 -34.05 -9.20 -25.99
C SER G 10 -33.91 -7.72 -26.23
C SER G 10 -33.99 -7.69 -26.12
N ILE G 11 -32.92 -7.08 -25.61
CA ILE G 11 -32.76 -5.63 -25.67
C ILE G 11 -31.44 -5.34 -26.36
N CYS G 12 -31.52 -4.97 -27.63
CA CYS G 12 -30.35 -4.72 -28.43
C CYS G 12 -30.78 -3.90 -29.63
N LYS G 13 -29.89 -3.03 -30.11
CA LYS G 13 -30.16 -2.26 -31.31
C LYS G 13 -28.93 -2.20 -32.18
N ASP G 14 -29.15 -1.96 -33.46
CA ASP G 14 -28.06 -1.85 -34.41
C ASP G 14 -27.04 -0.84 -33.89
N ALA G 15 -25.78 -1.16 -34.13
CA ALA G 15 -24.65 -0.34 -33.67
C ALA G 15 -24.61 0.99 -34.41
N SER G 16 -24.53 2.09 -33.66
CA SER G 16 -24.56 3.41 -34.27
C SER G 16 -23.61 4.40 -33.63
N SER G 17 -22.86 3.94 -32.62
N SER G 17 -22.84 3.96 -32.63
CA SER G 17 -21.90 4.78 -31.91
CA SER G 17 -21.91 4.82 -31.92
C SER G 17 -20.48 4.54 -32.42
C SER G 17 -20.46 4.53 -32.32
N GLY G 18 -19.69 5.59 -32.52
CA GLY G 18 -18.28 5.44 -32.77
C GLY G 18 -17.87 4.95 -34.13
N ILE G 19 -18.73 5.17 -35.13
CA ILE G 19 -18.45 4.79 -36.50
C ILE G 19 -18.69 6.03 -37.36
N GLY G 20 -17.60 6.65 -37.80
CA GLY G 20 -17.69 7.94 -38.44
C GLY G 20 -18.44 7.94 -39.75
N ASN G 21 -18.26 6.88 -40.54
CA ASN G 21 -18.88 6.81 -41.85
C ASN G 21 -19.73 5.57 -41.94
N GLN G 22 -20.97 5.68 -41.49
CA GLN G 22 -21.84 4.52 -41.44
C GLN G 22 -22.49 4.23 -42.78
N GLU G 23 -22.78 5.25 -43.57
CA GLU G 23 -23.41 5.01 -44.87
C GLU G 23 -22.45 4.25 -45.79
N GLY G 24 -21.14 4.42 -45.58
CA GLY G 24 -20.13 3.75 -46.38
C GLY G 24 -19.46 2.55 -45.72
N ALA G 25 -19.89 2.22 -44.52
CA ALA G 25 -19.27 1.15 -43.75
C ALA G 25 -19.27 -0.16 -44.55
N ILE G 26 -18.13 -0.87 -44.56
CA ILE G 26 -18.05 -2.09 -45.36
C ILE G 26 -18.50 -3.35 -44.59
N ARG G 27 -18.66 -3.24 -43.27
CA ARG G 27 -19.22 -4.35 -42.48
C ARG G 27 -20.58 -3.93 -41.96
N THR G 28 -21.35 -4.92 -41.55
CA THR G 28 -22.69 -4.65 -41.06
C THR G 28 -22.65 -3.96 -39.70
N ARG G 29 -23.71 -3.21 -39.43
CA ARG G 29 -23.95 -2.66 -38.09
C ARG G 29 -25.06 -3.42 -37.36
N LYS G 30 -25.58 -4.47 -37.99
CA LYS G 30 -26.60 -5.27 -37.34
C LYS G 30 -25.90 -6.31 -36.48
N CYS G 31 -25.38 -5.84 -35.36
CA CYS G 31 -24.47 -6.64 -34.55
C CYS G 31 -25.14 -7.39 -33.39
N CYS G 32 -26.46 -7.37 -33.31
CA CYS G 32 -27.14 -8.04 -32.22
C CYS G 32 -27.04 -9.57 -32.35
N PRO G 33 -26.90 -10.26 -31.21
CA PRO G 33 -26.75 -11.71 -31.22
C PRO G 33 -28.09 -12.38 -31.48
N PRO G 34 -28.04 -13.64 -31.93
CA PRO G 34 -29.25 -14.37 -32.26
C PRO G 34 -30.08 -14.74 -31.03
N SER G 35 -31.38 -14.91 -31.23
CA SER G 35 -32.29 -15.42 -30.21
C SER G 35 -32.56 -16.89 -30.47
N LEU G 36 -32.38 -17.70 -29.44
CA LEU G 36 -32.48 -19.15 -29.58
C LEU G 36 -33.30 -19.75 -28.46
N GLY G 37 -34.03 -18.90 -27.74
CA GLY G 37 -34.95 -19.37 -26.72
C GLY G 37 -34.24 -19.83 -25.47
N LYS G 38 -33.00 -19.40 -25.27
CA LYS G 38 -32.21 -19.78 -24.10
C LYS G 38 -32.47 -18.87 -22.92
N LYS G 39 -32.30 -19.40 -21.71
CA LYS G 39 -32.30 -18.59 -20.49
C LYS G 39 -30.85 -18.28 -20.13
N ILE G 40 -30.60 -17.06 -19.65
CA ILE G 40 -29.26 -16.69 -19.21
C ILE G 40 -28.97 -17.39 -17.90
N LYS G 41 -27.83 -18.07 -17.84
CA LYS G 41 -27.42 -18.72 -16.61
C LYS G 41 -26.10 -18.16 -16.11
N ASP G 42 -25.87 -18.24 -14.82
CA ASP G 42 -24.61 -17.75 -14.29
C ASP G 42 -23.47 -18.68 -14.69
N PHE G 43 -22.33 -18.07 -14.93
CA PHE G 43 -21.07 -18.77 -15.14
C PHE G 43 -20.73 -19.76 -14.03
N GLN G 44 -20.20 -20.91 -14.43
CA GLN G 44 -19.58 -21.84 -13.49
C GLN G 44 -18.13 -22.06 -13.89
N PHE G 45 -17.24 -22.21 -12.93
CA PHE G 45 -15.84 -22.40 -13.26
C PHE G 45 -15.64 -23.70 -14.01
N PRO G 46 -14.75 -23.68 -15.03
CA PRO G 46 -14.59 -24.83 -15.93
C PRO G 46 -13.89 -26.00 -15.26
N ASN G 47 -14.24 -27.20 -15.71
CA ASN G 47 -13.70 -28.41 -15.14
C ASN G 47 -12.60 -29.03 -16.00
N ASP G 48 -12.07 -28.26 -16.97
CA ASP G 48 -11.01 -28.74 -17.84
C ASP G 48 -9.95 -29.49 -17.08
N LYS G 49 -9.54 -30.63 -17.61
CA LYS G 49 -8.50 -31.46 -17.02
C LYS G 49 -7.16 -30.77 -17.11
N LYS G 50 -6.93 -30.09 -18.22
CA LYS G 50 -5.64 -29.45 -18.46
C LYS G 50 -5.79 -27.95 -18.68
N VAL G 51 -4.75 -27.19 -18.35
CA VAL G 51 -4.70 -25.78 -18.66
C VAL G 51 -4.35 -25.59 -20.13
N ARG G 52 -5.13 -24.80 -20.84
CA ARG G 52 -4.85 -24.49 -22.24
C ARG G 52 -3.68 -23.54 -22.29
N MET G 53 -2.66 -23.87 -23.08
CA MET G 53 -1.44 -23.05 -23.12
C MET G 53 -1.35 -22.26 -24.42
N ARG G 54 -1.71 -20.98 -24.34
CA ARG G 54 -1.64 -20.10 -25.50
C ARG G 54 -0.19 -19.94 -25.95
N TRP G 55 0.00 -19.93 -27.26
CA TRP G 55 1.33 -20.08 -27.84
C TRP G 55 1.75 -18.88 -28.66
N PRO G 56 3.04 -18.49 -28.60
CA PRO G 56 3.41 -17.35 -29.42
C PRO G 56 3.23 -17.61 -30.90
N ALA G 57 2.61 -16.66 -31.61
CA ALA G 57 2.20 -16.83 -33.00
C ALA G 57 3.36 -17.03 -33.95
N HIS G 58 4.58 -16.70 -33.50
CA HIS G 58 5.77 -16.89 -34.32
C HIS G 58 6.50 -18.19 -34.01
N LYS G 59 6.01 -18.95 -33.02
CA LYS G 59 6.67 -20.18 -32.57
C LYS G 59 5.72 -21.36 -32.48
N GLY G 60 4.64 -21.34 -33.26
CA GLY G 60 3.67 -22.40 -33.22
C GLY G 60 4.20 -23.71 -33.80
N THR G 61 3.81 -24.82 -33.18
CA THR G 61 4.10 -26.11 -33.76
C THR G 61 3.18 -26.35 -34.94
N LYS G 62 3.45 -27.39 -35.70
CA LYS G 62 2.62 -27.72 -36.85
C LYS G 62 1.20 -27.98 -36.40
N LYS G 63 1.04 -28.68 -35.28
CA LYS G 63 -0.31 -29.00 -34.79
C LYS G 63 -1.04 -27.75 -34.30
N GLN G 64 -0.34 -26.90 -33.56
CA GLN G 64 -0.95 -25.67 -33.07
C GLN G 64 -1.46 -24.83 -34.24
N VAL G 65 -0.63 -24.65 -35.25
CA VAL G 65 -0.99 -23.81 -36.38
C VAL G 65 -2.11 -24.46 -37.19
N ASP G 66 -1.99 -25.76 -37.46
CA ASP G 66 -3.01 -26.46 -38.24
C ASP G 66 -4.36 -26.44 -37.52
N ASP G 67 -4.34 -26.72 -36.22
CA ASP G 67 -5.57 -26.74 -35.43
C ASP G 67 -6.21 -25.36 -35.46
N TYR G 68 -5.41 -24.31 -35.32
CA TYR G 68 -5.98 -22.97 -35.26
C TYR G 68 -6.59 -22.59 -36.60
N ARG G 69 -5.86 -22.89 -37.67
CA ARG G 69 -6.37 -22.61 -39.00
C ARG G 69 -7.63 -23.42 -39.30
N ARG G 70 -7.66 -24.69 -38.90
CA ARG G 70 -8.81 -25.55 -39.16
C ARG G 70 -10.01 -25.05 -38.36
N ALA G 71 -9.77 -24.53 -37.16
CA ALA G 71 -10.84 -24.06 -36.30
C ALA G 71 -11.46 -22.79 -36.88
N ILE G 72 -10.60 -21.87 -37.31
CA ILE G 72 -11.10 -20.65 -37.93
C ILE G 72 -11.87 -20.97 -39.22
N ALA G 73 -11.35 -21.90 -40.03
CA ALA G 73 -12.06 -22.34 -41.22
C ALA G 73 -13.44 -22.85 -40.85
N ALA G 74 -13.53 -23.65 -39.80
CA ALA G 74 -14.84 -24.18 -39.38
C ALA G 74 -15.78 -23.07 -38.95
N MET G 75 -15.21 -22.10 -38.23
CA MET G 75 -15.97 -20.96 -37.75
C MET G 75 -16.49 -20.11 -38.92
N ARG G 76 -15.67 -19.95 -39.95
CA ARG G 76 -16.08 -19.22 -41.16
C ARG G 76 -17.16 -19.96 -41.94
N ALA G 77 -17.15 -21.29 -41.85
CA ALA G 77 -18.09 -22.12 -42.60
C ALA G 77 -19.47 -22.21 -41.93
N LEU G 78 -19.57 -21.82 -40.66
CA LEU G 78 -20.86 -21.80 -39.99
C LEU G 78 -21.80 -20.74 -40.60
N PRO G 79 -23.11 -21.02 -40.61
CA PRO G 79 -24.09 -20.00 -41.00
C PRO G 79 -23.93 -18.75 -40.15
N ASP G 80 -24.08 -17.58 -40.77
CA ASP G 80 -23.81 -16.33 -40.07
C ASP G 80 -24.53 -16.25 -38.74
N ASP G 81 -25.79 -16.66 -38.68
CA ASP G 81 -26.54 -16.42 -37.44
C ASP G 81 -26.34 -17.49 -36.37
N ASP G 82 -25.49 -18.48 -36.63
CA ASP G 82 -25.01 -19.35 -35.55
C ASP G 82 -24.16 -18.48 -34.61
N PRO G 83 -24.43 -18.48 -33.30
CA PRO G 83 -23.68 -17.55 -32.45
C PRO G 83 -22.17 -17.83 -32.38
N ARG G 84 -21.76 -19.00 -32.85
CA ARG G 84 -20.37 -19.41 -32.86
C ARG G 84 -19.66 -18.98 -34.12
N SER G 85 -20.42 -18.47 -35.08
CA SER G 85 -19.88 -18.21 -36.41
C SER G 85 -18.86 -17.09 -36.40
N PHE G 86 -18.07 -17.06 -37.46
CA PHE G 86 -17.05 -16.03 -37.62
C PHE G 86 -17.68 -14.65 -37.55
N VAL G 87 -18.82 -14.49 -38.23
CA VAL G 87 -19.51 -13.22 -38.25
C VAL G 87 -20.10 -12.90 -36.87
N SER G 88 -20.72 -13.89 -36.23
CA SER G 88 -21.30 -13.63 -34.92
C SER G 88 -20.25 -13.29 -33.89
N GLN G 89 -19.08 -13.93 -33.94
CA GLN G 89 -18.05 -13.62 -32.96
C GLN G 89 -17.56 -12.19 -33.18
N ALA G 90 -17.39 -11.80 -34.43
CA ALA G 90 -17.02 -10.43 -34.74
C ALA G 90 -18.07 -9.43 -34.25
N LYS G 91 -19.34 -9.77 -34.40
CA LYS G 91 -20.43 -8.87 -34.02
C LYS G 91 -20.47 -8.58 -32.51
N ILE G 92 -20.02 -9.51 -31.68
CA ILE G 92 -19.93 -9.31 -30.25
C ILE G 92 -19.17 -8.02 -29.95
N HIS G 93 -18.05 -7.85 -30.65
CA HIS G 93 -17.20 -6.69 -30.40
C HIS G 93 -17.93 -5.41 -30.77
N CYS G 94 -18.57 -5.45 -31.92
CA CYS G 94 -19.40 -4.37 -32.40
C CYS G 94 -20.55 -4.01 -31.44
N ALA G 95 -21.29 -5.02 -30.99
CA ALA G 95 -22.40 -4.77 -30.10
C ALA G 95 -21.92 -4.11 -28.79
N TYR G 96 -20.83 -4.61 -28.20
CA TYR G 96 -20.38 -4.08 -26.92
C TYR G 96 -19.59 -2.80 -27.04
N CYS G 97 -19.01 -2.54 -28.20
CA CYS G 97 -18.14 -1.37 -28.36
C CYS G 97 -18.76 -0.22 -29.15
N ASN G 98 -19.88 -0.47 -29.83
CA ASN G 98 -20.46 0.53 -30.72
C ASN G 98 -21.96 0.74 -30.49
N GLY G 99 -22.39 0.49 -29.26
CA GLY G 99 -23.68 0.96 -28.79
C GLY G 99 -24.85 0.04 -29.04
N GLY G 100 -24.60 -1.26 -29.04
CA GLY G 100 -25.68 -2.22 -29.21
C GLY G 100 -26.59 -2.32 -27.99
N TYR G 101 -26.01 -2.13 -26.80
CA TYR G 101 -26.72 -2.32 -25.54
C TYR G 101 -26.79 -1.05 -24.69
N THR G 102 -27.80 -1.00 -23.84
CA THR G 102 -27.98 0.09 -22.90
C THR G 102 -27.89 -0.41 -21.45
N GLN G 103 -27.87 0.56 -20.54
CA GLN G 103 -27.82 0.31 -19.11
C GLN G 103 -29.22 0.15 -18.53
N VAL G 104 -30.15 -0.34 -19.34
CA VAL G 104 -31.53 -0.52 -18.91
C VAL G 104 -31.67 -1.33 -17.62
N ASP G 105 -30.86 -2.39 -17.46
CA ASP G 105 -30.96 -3.22 -16.25
C ASP G 105 -30.56 -2.46 -14.99
N SER G 106 -29.87 -1.34 -15.16
CA SER G 106 -29.43 -0.50 -14.05
C SER G 106 -30.34 0.70 -13.85
N GLY G 107 -31.37 0.82 -14.68
CA GLY G 107 -32.28 1.96 -14.62
C GLY G 107 -31.91 3.14 -15.50
N PHE G 108 -30.99 2.93 -16.44
CA PHE G 108 -30.55 3.96 -17.36
C PHE G 108 -30.68 3.47 -18.80
N PRO G 109 -31.92 3.28 -19.24
CA PRO G 109 -32.17 2.79 -20.60
C PRO G 109 -31.74 3.80 -21.66
N ASP G 110 -31.53 5.04 -21.24
CA ASP G 110 -31.13 6.13 -22.11
C ASP G 110 -29.61 6.20 -22.33
N ILE G 111 -28.86 5.31 -21.69
CA ILE G 111 -27.41 5.37 -21.74
C ILE G 111 -26.84 4.07 -22.24
N ASP G 112 -25.98 4.14 -23.25
CA ASP G 112 -25.39 2.92 -23.77
C ASP G 112 -24.38 2.32 -22.80
N ILE G 113 -24.15 1.03 -22.98
CA ILE G 113 -22.99 0.37 -22.40
C ILE G 113 -21.84 0.47 -23.37
N GLN G 114 -20.70 0.88 -22.85
CA GLN G 114 -19.44 0.87 -23.56
C GLN G 114 -18.47 0.11 -22.67
N ILE G 115 -17.79 -0.89 -23.21
CA ILE G 115 -16.83 -1.65 -22.41
C ILE G 115 -15.40 -1.16 -22.62
N HIS G 116 -15.22 -0.24 -23.56
CA HIS G 116 -13.89 0.33 -23.82
C HIS G 116 -13.67 1.60 -23.03
N ASN G 117 -12.42 2.00 -23.00
CA ASN G 117 -12.02 3.28 -22.42
C ASN G 117 -12.30 3.42 -20.90
N SER G 118 -12.17 2.31 -20.19
CA SER G 118 -12.40 2.29 -18.75
C SER G 118 -11.83 1.00 -18.19
N TRP G 119 -11.97 0.85 -16.88
CA TRP G 119 -11.56 -0.34 -16.18
C TRP G 119 -12.27 -1.61 -16.63
N LEU G 120 -13.29 -1.52 -17.48
CA LEU G 120 -13.93 -2.74 -17.97
C LEU G 120 -13.12 -3.39 -19.11
N PHE G 121 -12.18 -2.63 -19.66
CA PHE G 121 -11.45 -3.07 -20.85
C PHE G 121 -10.84 -4.46 -20.72
N PHE G 122 -10.00 -4.65 -19.70
CA PHE G 122 -9.30 -5.92 -19.54
C PHE G 122 -10.24 -7.09 -19.24
N PRO G 123 -11.13 -6.96 -18.24
CA PRO G 123 -11.98 -8.14 -17.98
C PRO G 123 -12.98 -8.47 -19.10
N PHE G 124 -13.50 -7.46 -19.79
CA PHE G 124 -14.42 -7.77 -20.88
C PHE G 124 -13.73 -8.61 -21.94
N HIS G 125 -12.55 -8.18 -22.38
CA HIS G 125 -11.87 -8.89 -23.44
C HIS G 125 -11.35 -10.23 -22.97
N ARG G 126 -11.03 -10.34 -21.68
CA ARG G 126 -10.62 -11.63 -21.14
C ARG G 126 -11.77 -12.62 -21.32
N TRP G 127 -12.97 -12.23 -20.92
CA TRP G 127 -14.13 -13.12 -21.07
C TRP G 127 -14.46 -13.41 -22.54
N TYR G 128 -14.44 -12.37 -23.37
CA TYR G 128 -14.66 -12.51 -24.81
C TYR G 128 -13.76 -13.56 -25.43
N LEU G 129 -12.46 -13.48 -25.14
CA LEU G 129 -11.53 -14.48 -25.63
C LEU G 129 -11.71 -15.84 -24.97
N TYR G 130 -12.15 -15.85 -23.71
CA TYR G 130 -12.34 -17.10 -23.00
C TYR G 130 -13.33 -17.97 -23.75
N PHE G 131 -14.46 -17.38 -24.15
CA PHE G 131 -15.49 -18.12 -24.84
C PHE G 131 -15.10 -18.40 -26.29
N TYR G 132 -14.47 -17.42 -26.92
CA TYR G 132 -13.98 -17.54 -28.29
C TYR G 132 -13.08 -18.77 -28.44
N GLU G 133 -12.10 -18.87 -27.56
CA GLU G 133 -11.18 -20.00 -27.54
C GLU G 133 -11.90 -21.34 -27.34
N ARG G 134 -12.82 -21.41 -26.39
CA ARG G 134 -13.49 -22.66 -26.08
C ARG G 134 -14.40 -23.05 -27.25
N ILE G 135 -14.98 -22.03 -27.88
CA ILE G 135 -15.78 -22.26 -29.08
C ILE G 135 -14.91 -22.82 -30.21
N LEU G 136 -13.78 -22.18 -30.51
CA LEU G 136 -12.88 -22.68 -31.55
C LEU G 136 -12.49 -24.13 -31.31
N GLY G 137 -12.12 -24.46 -30.08
CA GLY G 137 -11.72 -25.82 -29.77
C GLY G 137 -12.84 -26.80 -30.00
N SER G 138 -14.06 -26.40 -29.66
N SER G 138 -14.05 -26.40 -29.66
CA SER G 138 -15.22 -27.28 -29.80
CA SER G 138 -15.23 -27.24 -29.78
C SER G 138 -15.46 -27.61 -31.26
C SER G 138 -15.51 -27.59 -31.24
N LEU G 139 -15.18 -26.66 -32.14
CA LEU G 139 -15.46 -26.86 -33.56
C LEU G 139 -14.57 -27.91 -34.21
N ILE G 140 -13.41 -28.18 -33.62
CA ILE G 140 -12.51 -29.19 -34.16
C ILE G 140 -12.30 -30.34 -33.18
N ASP G 141 -13.18 -30.42 -32.19
CA ASP G 141 -13.13 -31.49 -31.17
C ASP G 141 -11.75 -31.60 -30.51
N GLU G 142 -11.19 -30.46 -30.12
CA GLU G 142 -9.92 -30.41 -29.37
C GLU G 142 -10.16 -29.78 -28.00
N PRO G 143 -10.33 -30.61 -26.95
CA PRO G 143 -10.69 -30.14 -25.61
C PRO G 143 -9.67 -29.24 -24.95
N ASN G 144 -8.44 -29.26 -25.45
CA ASN G 144 -7.38 -28.45 -24.86
C ASN G 144 -6.82 -27.45 -25.86
N PHE G 145 -7.64 -27.09 -26.84
CA PHE G 145 -7.28 -26.07 -27.82
C PHE G 145 -6.87 -24.77 -27.13
N ALA G 146 -5.81 -24.18 -27.63
CA ALA G 146 -5.38 -22.87 -27.17
C ALA G 146 -5.15 -21.92 -28.33
N LEU G 147 -5.51 -20.66 -28.12
CA LEU G 147 -5.21 -19.58 -29.06
C LEU G 147 -3.71 -19.31 -29.16
N PRO G 148 -3.24 -18.88 -30.34
CA PRO G 148 -1.95 -18.20 -30.36
C PRO G 148 -2.07 -16.79 -29.75
N TYR G 149 -0.93 -16.18 -29.46
CA TYR G 149 -0.91 -14.79 -29.05
C TYR G 149 0.21 -14.06 -29.78
N TRP G 150 -0.04 -12.80 -30.11
CA TRP G 150 0.92 -12.02 -30.88
C TRP G 150 1.91 -11.42 -29.91
N LYS G 151 3.07 -12.05 -29.80
CA LYS G 151 4.04 -11.67 -28.81
C LYS G 151 4.90 -10.50 -29.28
N TRP G 152 4.27 -9.35 -29.44
CA TRP G 152 4.98 -8.20 -29.97
C TRP G 152 5.86 -7.54 -28.90
N ASP G 153 5.97 -8.17 -27.73
CA ASP G 153 6.92 -7.74 -26.71
C ASP G 153 8.24 -8.49 -26.82
N GLU G 154 8.36 -9.33 -27.84
CA GLU G 154 9.56 -10.13 -28.06
C GLU G 154 9.98 -9.93 -29.51
N PRO G 155 11.26 -9.60 -29.77
CA PRO G 155 11.64 -9.18 -31.12
C PRO G 155 11.12 -10.05 -32.26
N LYS G 156 11.29 -11.37 -32.21
CA LYS G 156 10.89 -12.21 -33.33
C LYS G 156 9.39 -12.30 -33.44
N GLY G 157 8.69 -11.91 -32.37
CA GLY G 157 7.24 -11.90 -32.35
C GLY G 157 6.66 -10.62 -32.92
N MET G 158 7.49 -9.62 -33.16
CA MET G 158 6.97 -8.32 -33.53
C MET G 158 6.46 -8.26 -34.97
N PRO G 159 7.16 -8.88 -35.92
CA PRO G 159 6.51 -8.94 -37.24
C PRO G 159 5.21 -9.72 -37.19
N ILE G 160 4.21 -9.24 -37.90
CA ILE G 160 2.97 -10.00 -37.97
C ILE G 160 3.31 -11.39 -38.51
N SER G 161 2.80 -12.40 -37.83
CA SER G 161 3.20 -13.76 -38.11
C SER G 161 2.79 -14.16 -39.51
N ASN G 162 3.67 -14.92 -40.17
CA ASN G 162 3.38 -15.36 -41.51
C ASN G 162 2.13 -16.23 -41.55
N ILE G 163 1.65 -16.74 -40.42
CA ILE G 163 0.47 -17.58 -40.47
C ILE G 163 -0.77 -16.77 -40.88
N PHE G 164 -0.71 -15.45 -40.76
CA PHE G 164 -1.85 -14.60 -41.11
C PHE G 164 -1.82 -14.09 -42.53
N LEU G 165 -0.75 -14.39 -43.25
CA LEU G 165 -0.47 -13.70 -44.51
C LEU G 165 -0.85 -14.50 -45.73
N GLY G 166 -0.86 -13.83 -46.87
CA GLY G 166 -1.01 -14.50 -48.15
C GLY G 166 -2.24 -14.03 -48.90
N ASP G 167 -3.27 -14.86 -48.87
CA ASP G 167 -4.54 -14.54 -49.50
C ASP G 167 -5.68 -15.28 -48.81
N ALA G 168 -6.89 -15.10 -49.31
CA ALA G 168 -8.08 -15.58 -48.62
C ALA G 168 -8.27 -17.10 -48.63
N SER G 169 -7.41 -17.83 -49.34
CA SER G 169 -7.41 -19.28 -49.21
C SER G 169 -6.94 -19.64 -47.81
N ASN G 170 -6.22 -18.70 -47.18
CA ASN G 170 -5.81 -18.82 -45.80
C ASN G 170 -6.91 -18.27 -44.89
N PRO G 171 -7.51 -19.14 -44.06
CA PRO G 171 -8.61 -18.70 -43.18
C PRO G 171 -8.19 -17.58 -42.24
N LEU G 172 -6.89 -17.47 -42.01
CA LEU G 172 -6.37 -16.50 -41.05
C LEU G 172 -6.10 -15.15 -41.70
N TYR G 173 -6.28 -15.08 -43.00
CA TYR G 173 -6.07 -13.87 -43.78
C TYR G 173 -7.25 -12.90 -43.66
N ASP G 174 -6.94 -11.62 -43.88
CA ASP G 174 -7.95 -10.58 -44.04
C ASP G 174 -7.41 -9.55 -45.04
N GLN G 175 -8.16 -9.29 -46.10
CA GLN G 175 -7.69 -8.33 -47.09
C GLN G 175 -7.70 -6.91 -46.55
N TYR G 176 -8.54 -6.65 -45.55
CA TYR G 176 -8.71 -5.29 -45.04
C TYR G 176 -7.69 -5.00 -43.94
N ARG G 177 -6.44 -4.92 -44.39
CA ARG G 177 -5.29 -4.52 -43.60
C ARG G 177 -4.50 -3.50 -44.37
N ASP G 178 -3.75 -2.67 -43.65
CA ASP G 178 -2.93 -1.63 -44.27
C ASP G 178 -1.84 -2.32 -45.07
N ALA G 179 -1.92 -2.22 -46.39
CA ALA G 179 -1.01 -2.97 -47.26
C ALA G 179 0.46 -2.58 -47.10
N ASN G 180 0.72 -1.29 -46.89
CA ASN G 180 2.08 -0.83 -46.65
C ASN G 180 2.64 -1.39 -45.35
N HIS G 181 1.83 -1.37 -44.30
CA HIS G 181 2.26 -1.88 -43.01
C HIS G 181 2.48 -3.38 -43.06
N ILE G 182 1.63 -4.10 -43.80
CA ILE G 182 1.83 -5.54 -43.89
C ILE G 182 3.15 -5.86 -44.61
N GLU G 183 3.48 -5.06 -45.62
CA GLU G 183 4.76 -5.23 -46.29
C GLU G 183 5.93 -4.95 -45.33
N ASP G 184 5.77 -3.92 -44.51
CA ASP G 184 6.75 -3.59 -43.44
C ASP G 184 6.87 -4.70 -42.39
N ARG G 185 5.76 -5.40 -42.13
CA ARG G 185 5.66 -6.54 -41.20
C ARG G 185 5.75 -6.17 -39.72
N ILE G 186 6.79 -5.43 -39.34
CA ILE G 186 7.04 -5.13 -37.93
C ILE G 186 6.09 -4.07 -37.38
N VAL G 187 5.22 -4.49 -36.47
CA VAL G 187 4.23 -3.59 -35.91
C VAL G 187 4.95 -2.50 -35.14
N ASP G 188 4.38 -1.30 -35.18
CA ASP G 188 4.86 -0.17 -34.39
C ASP G 188 3.92 0.01 -33.20
N LEU G 189 4.35 -0.44 -32.03
CA LEU G 189 3.53 -0.35 -30.83
C LEU G 189 3.35 1.09 -30.37
N ASP G 190 4.15 2.00 -30.95
CA ASP G 190 4.09 3.44 -30.65
C ASP G 190 3.45 4.20 -31.82
N TYR G 191 2.74 3.49 -32.69
CA TYR G 191 2.15 4.12 -33.87
C TYR G 191 1.14 5.19 -33.48
N ASP G 192 1.32 6.37 -34.07
CA ASP G 192 0.51 7.53 -33.70
C ASP G 192 -0.14 8.19 -34.92
N GLY G 193 -0.16 7.49 -36.05
CA GLY G 193 -0.75 8.01 -37.27
C GLY G 193 0.23 8.41 -38.34
N LYS G 194 1.51 8.45 -37.99
CA LYS G 194 2.55 8.70 -38.98
C LYS G 194 3.61 7.62 -38.92
N ASP G 195 3.95 7.09 -40.08
CA ASP G 195 5.00 6.09 -40.17
C ASP G 195 6.33 6.62 -39.66
N LYS G 196 6.97 5.85 -38.80
CA LYS G 196 8.34 6.12 -38.43
C LYS G 196 9.21 5.51 -39.51
N ASP G 197 10.03 6.33 -40.14
CA ASP G 197 10.98 5.81 -41.12
C ASP G 197 12.28 5.56 -40.39
N ILE G 198 12.37 4.42 -39.72
CA ILE G 198 13.52 4.08 -38.92
C ILE G 198 13.94 2.65 -39.20
N PRO G 199 15.19 2.31 -38.88
CA PRO G 199 15.62 0.92 -39.09
C PRO G 199 14.78 -0.09 -38.31
N ASP G 200 14.66 -1.29 -38.84
CA ASP G 200 13.95 -2.35 -38.14
C ASP G 200 14.43 -2.52 -36.71
N GLN G 201 15.75 -2.48 -36.51
CA GLN G 201 16.30 -2.71 -35.17
C GLN G 201 15.80 -1.64 -34.21
N GLN G 202 15.69 -0.42 -34.69
CA GLN G 202 15.26 0.67 -33.85
C GLN G 202 13.77 0.53 -33.52
N GLN G 203 12.99 0.03 -34.47
CA GLN G 203 11.56 -0.20 -34.21
C GLN G 203 11.38 -1.29 -33.17
N VAL G 204 12.20 -2.33 -33.25
CA VAL G 204 12.19 -3.39 -32.25
C VAL G 204 12.45 -2.76 -30.89
N ALA G 205 13.48 -1.95 -30.80
CA ALA G 205 13.83 -1.34 -29.52
C ALA G 205 12.74 -0.39 -29.05
N CYS G 206 12.14 0.33 -29.99
CA CYS G 206 10.99 1.18 -29.68
C CYS G 206 9.84 0.37 -29.08
N ASN G 207 9.55 -0.76 -29.69
CA ASN G 207 8.48 -1.59 -29.17
C ASN G 207 8.77 -2.05 -27.75
N LEU G 208 10.00 -2.47 -27.50
CA LEU G 208 10.37 -2.90 -26.17
C LEU G 208 10.19 -1.76 -25.16
N SER G 209 10.58 -0.54 -25.56
N SER G 209 10.57 -0.54 -25.55
CA SER G 209 10.43 0.60 -24.68
CA SER G 209 10.43 0.57 -24.63
C SER G 209 8.96 0.91 -24.43
C SER G 209 8.95 0.92 -24.42
N THR G 210 8.13 0.67 -25.43
CA THR G 210 6.70 0.95 -25.34
C THR G 210 6.04 0.00 -24.36
N VAL G 211 6.47 -1.24 -24.38
CA VAL G 211 5.96 -2.20 -23.42
C VAL G 211 6.28 -1.76 -21.99
N TYR G 212 7.51 -1.33 -21.74
CA TYR G 212 7.85 -0.82 -20.41
C TYR G 212 7.09 0.46 -20.10
N ARG G 213 6.85 1.29 -21.11
CA ARG G 213 6.01 2.47 -20.87
C ARG G 213 4.63 2.08 -20.37
N ASP G 214 4.00 1.11 -21.03
CA ASP G 214 2.63 0.73 -20.68
C ASP G 214 2.57 -0.03 -19.36
N LEU G 215 3.57 -0.88 -19.11
CA LEU G 215 3.53 -1.75 -17.93
C LEU G 215 4.15 -1.16 -16.67
N VAL G 216 5.05 -0.19 -16.82
CA VAL G 216 5.78 0.32 -15.67
C VAL G 216 5.68 1.83 -15.53
N ARG G 217 6.01 2.57 -16.58
CA ARG G 217 6.07 4.01 -16.50
C ARG G 217 4.68 4.63 -16.33
N ASN G 218 3.67 4.09 -17.02
CA ASN G 218 2.35 4.70 -17.02
C ASN G 218 1.35 3.85 -16.26
N GLY G 219 1.61 2.56 -16.14
CA GLY G 219 0.73 1.65 -15.42
C GLY G 219 1.14 1.48 -13.98
N VAL G 220 1.09 2.57 -13.22
CA VAL G 220 1.66 2.59 -11.89
C VAL G 220 0.73 2.18 -10.76
N ASP G 221 -0.56 2.04 -11.06
CA ASP G 221 -1.53 1.62 -10.07
C ASP G 221 -2.77 1.13 -10.83
N PRO G 222 -3.77 0.60 -10.12
CA PRO G 222 -4.91 0.04 -10.85
C PRO G 222 -5.62 1.06 -11.75
N THR G 223 -5.80 2.29 -11.28
CA THR G 223 -6.49 3.28 -12.10
C THR G 223 -5.74 3.56 -13.40
N SER G 224 -4.42 3.70 -13.33
CA SER G 224 -3.65 4.07 -14.51
C SER G 224 -3.42 2.88 -15.44
N PHE G 225 -3.40 1.68 -14.91
CA PHE G 225 -3.24 0.48 -15.75
C PHE G 225 -4.57 -0.01 -16.36
N PHE G 226 -5.58 -0.23 -15.52
CA PHE G 226 -6.83 -0.78 -16.00
C PHE G 226 -7.72 0.26 -16.66
N GLY G 227 -7.57 1.51 -16.23
CA GLY G 227 -8.41 2.58 -16.75
C GLY G 227 -9.35 3.11 -15.70
N GLY G 228 -10.04 4.20 -16.03
CA GLY G 228 -10.87 4.89 -15.06
C GLY G 228 -12.14 4.18 -14.65
N LYS G 229 -12.67 4.64 -13.54
CA LYS G 229 -13.92 4.12 -13.00
C LYS G 229 -15.08 4.44 -13.94
N TYR G 230 -15.91 3.45 -14.14
CA TYR G 230 -17.05 3.54 -15.04
C TYR G 230 -18.16 2.68 -14.45
N VAL G 231 -19.24 3.34 -14.08
CA VAL G 231 -20.30 2.69 -13.33
C VAL G 231 -21.66 3.04 -13.93
N ALA G 232 -22.70 2.35 -13.47
CA ALA G 232 -24.05 2.63 -13.93
C ALA G 232 -24.35 4.12 -13.82
N GLY G 233 -24.90 4.70 -14.90
CA GLY G 233 -25.25 6.10 -14.90
C GLY G 233 -24.22 6.97 -15.61
N ASP G 234 -23.02 6.42 -15.80
CA ASP G 234 -21.99 7.11 -16.57
C ASP G 234 -22.22 7.01 -18.08
N SER G 235 -22.01 8.11 -18.79
N SER G 235 -21.99 8.12 -18.77
CA SER G 235 -22.03 8.09 -20.25
CA SER G 235 -21.97 8.15 -20.22
C SER G 235 -20.71 7.51 -20.76
C SER G 235 -20.70 7.47 -20.74
N PRO G 236 -20.69 7.07 -22.03
CA PRO G 236 -19.51 6.40 -22.56
C PRO G 236 -18.27 7.26 -22.56
N VAL G 237 -17.17 6.71 -22.07
CA VAL G 237 -15.90 7.40 -22.13
C VAL G 237 -15.42 7.40 -23.58
N ALA G 238 -15.00 8.58 -24.03
CA ALA G 238 -14.61 8.77 -25.43
C ALA G 238 -13.30 8.12 -25.75
N ASN G 239 -13.17 7.66 -26.99
CA ASN G 239 -11.91 7.21 -27.50
C ASN G 239 -10.89 8.32 -27.26
N GLY G 240 -9.75 7.96 -26.71
CA GLY G 240 -8.68 8.90 -26.49
C GLY G 240 -8.73 9.65 -25.17
N ASP G 241 -9.75 9.42 -24.35
CA ASP G 241 -9.84 10.12 -23.09
C ASP G 241 -8.59 9.83 -22.25
N PRO G 242 -8.03 10.83 -21.54
CA PRO G 242 -6.81 10.54 -20.79
C PRO G 242 -6.99 9.61 -19.60
N SER G 243 -8.23 9.31 -19.22
CA SER G 243 -8.48 8.36 -18.15
C SER G 243 -8.38 6.91 -18.61
N VAL G 244 -8.28 6.67 -19.92
CA VAL G 244 -8.07 5.32 -20.42
C VAL G 244 -6.76 4.76 -19.88
N GLY G 245 -6.75 3.46 -19.57
CA GLY G 245 -5.59 2.82 -18.99
C GLY G 245 -4.42 2.74 -19.95
N SER G 246 -3.25 2.46 -19.41
CA SER G 246 -2.01 2.57 -20.17
C SER G 246 -1.95 1.65 -21.38
N VAL G 247 -2.23 0.36 -21.17
CA VAL G 247 -2.18 -0.59 -22.27
C VAL G 247 -3.26 -0.29 -23.30
N GLU G 248 -4.48 -0.03 -22.83
CA GLU G 248 -5.60 0.19 -23.75
C GLU G 248 -5.30 1.37 -24.67
N ALA G 249 -4.85 2.48 -24.10
CA ALA G 249 -4.57 3.69 -24.86
C ALA G 249 -3.25 3.62 -25.63
N GLY G 250 -2.37 2.73 -25.19
CA GLY G 250 -1.02 2.62 -25.73
C GLY G 250 -0.88 1.55 -26.79
N SER G 251 -0.08 0.55 -26.50
CA SER G 251 0.21 -0.53 -27.43
C SER G 251 -1.05 -1.10 -28.06
N HS8 G 252 -2.08 -1.26 -27.24
CA HS8 G 252 -3.35 -1.79 -27.73
CB HS8 G 252 -4.44 -1.77 -26.67
CG HS8 G 252 -5.69 -2.28 -27.27
ND1 HS8 G 252 -5.76 -3.54 -27.88
CE1 HS8 G 252 -7.02 -3.70 -28.34
NE2 HS8 G 252 -7.79 -2.57 -28.04
CD2 HS8 G 252 -6.94 -1.68 -27.37
C HS8 G 252 -3.90 -1.02 -28.91
O HS8 G 252 -4.21 -1.53 -29.98
O3 HS8 G 252 -9.49 -1.78 -29.67
S HS8 G 252 -9.46 -2.29 -28.41
O1 HS8 G 252 -10.13 -3.36 -27.88
O2 HS8 G 252 -9.78 -1.04 -27.43
N HIS G 252 -2.10 -1.26 -27.27
CA HIS G 252 -3.32 -1.87 -27.79
C HIS G 252 -3.95 -1.02 -28.90
N THR G 253 -4.02 0.29 -28.68
CA THR G 253 -4.59 1.19 -29.70
C THR G 253 -3.68 1.24 -30.92
N ALA G 254 -2.37 1.26 -30.70
CA ALA G 254 -1.42 1.37 -31.81
C ALA G 254 -1.57 0.21 -32.79
N VAL G 255 -1.68 -1.00 -32.27
CA VAL G 255 -1.78 -2.15 -33.14
C VAL G 255 -3.07 -2.10 -33.99
N HIS G 256 -4.21 -1.78 -33.37
CA HIS G 256 -5.47 -1.57 -34.11
C HIS G 256 -5.28 -0.53 -35.22
N ARG G 257 -4.70 0.61 -34.89
CA ARG G 257 -4.53 1.68 -35.86
C ARG G 257 -3.57 1.29 -36.99
N TRP G 258 -2.51 0.57 -36.62
CA TRP G 258 -1.46 0.17 -37.55
C TRP G 258 -1.92 -0.90 -38.55
N VAL G 259 -2.72 -1.85 -38.08
CA VAL G 259 -3.19 -2.93 -38.96
C VAL G 259 -4.38 -2.48 -39.81
N GLY G 260 -5.25 -1.62 -39.27
CA GLY G 260 -6.40 -1.13 -40.01
C GLY G 260 -6.06 -0.53 -41.36
N ASP G 261 -6.89 -0.82 -42.36
CA ASP G 261 -6.63 -0.40 -43.74
C ASP G 261 -7.11 1.06 -43.98
N PRO G 262 -6.17 2.01 -44.12
CA PRO G 262 -6.61 3.40 -44.28
C PRO G 262 -7.39 3.65 -45.56
N THR G 263 -7.34 2.75 -46.53
CA THR G 263 -8.14 2.96 -47.74
C THR G 263 -9.62 2.69 -47.49
N GLN G 264 -9.95 2.09 -46.34
CA GLN G 264 -11.33 1.78 -46.02
C GLN G 264 -11.97 2.96 -45.28
N PRO G 265 -13.29 3.12 -45.43
CA PRO G 265 -13.99 4.33 -44.97
C PRO G 265 -13.86 4.55 -43.45
N ASN G 266 -13.81 3.47 -42.67
CA ASN G 266 -13.58 3.56 -41.22
C ASN G 266 -12.31 2.83 -40.81
N ASN G 267 -11.40 2.69 -41.77
CA ASN G 267 -10.15 1.96 -41.56
C ASN G 267 -10.39 0.53 -41.14
N GLU G 268 -11.48 -0.05 -41.65
CA GLU G 268 -11.76 -1.47 -41.45
C GLU G 268 -10.60 -2.33 -41.90
N ASP G 269 -10.37 -3.50 -41.28
CA ASP G 269 -11.15 -4.02 -40.18
C ASP G 269 -10.65 -3.57 -38.83
N MET G 270 -9.34 -3.74 -38.57
CA MET G 270 -8.81 -3.47 -37.26
C MET G 270 -8.90 -2.01 -36.80
N GLY G 271 -9.12 -1.09 -37.74
CA GLY G 271 -9.04 0.33 -37.44
C GLY G 271 -10.30 0.90 -36.80
N ASN G 272 -11.34 0.08 -36.63
CA ASN G 272 -12.51 0.47 -35.85
C ASN G 272 -13.03 -0.73 -35.05
N PHE G 273 -13.52 -0.48 -33.83
CA PHE G 273 -14.05 -1.56 -33.01
C PHE G 273 -15.11 -2.38 -33.76
N TYR G 274 -15.93 -1.72 -34.58
CA TYR G 274 -17.15 -2.39 -35.05
C TYR G 274 -16.79 -3.48 -36.06
N SER G 275 -15.61 -3.33 -36.67
CA SER G 275 -15.15 -4.21 -37.74
C SER G 275 -13.94 -5.07 -37.36
N ALA G 276 -13.33 -4.79 -36.20
CA ALA G 276 -12.03 -5.38 -35.90
C ALA G 276 -12.07 -6.91 -35.83
N GLY G 277 -13.19 -7.45 -35.38
CA GLY G 277 -13.34 -8.89 -35.20
C GLY G 277 -13.43 -9.69 -36.48
N TYR G 278 -13.57 -9.02 -37.62
CA TYR G 278 -13.52 -9.71 -38.91
C TYR G 278 -12.08 -10.00 -39.35
N ASP G 279 -11.09 -9.47 -38.63
CA ASP G 279 -9.70 -9.84 -38.86
C ASP G 279 -9.31 -10.89 -37.83
N PRO G 280 -8.96 -12.11 -38.28
CA PRO G 280 -8.54 -13.11 -37.27
C PRO G 280 -7.43 -12.60 -36.35
N VAL G 281 -6.57 -11.71 -36.81
CA VAL G 281 -5.46 -11.30 -35.97
C VAL G 281 -5.95 -10.45 -34.79
N PHE G 282 -7.17 -9.92 -34.89
CA PHE G 282 -7.76 -9.15 -33.77
C PHE G 282 -7.65 -9.90 -32.46
N TYR G 283 -8.06 -11.16 -32.51
CA TYR G 283 -8.17 -11.97 -31.29
C TYR G 283 -6.79 -12.35 -30.77
N ILE G 284 -5.83 -12.46 -31.68
CA ILE G 284 -4.49 -12.93 -31.33
C ILE G 284 -3.63 -11.77 -30.80
N HIS G 285 -3.81 -10.58 -31.36
CA HIS G 285 -3.39 -9.35 -30.70
C HIS G 285 -4.00 -9.27 -29.29
N HIS G 286 -5.32 -9.43 -29.17
CA HIS G 286 -5.92 -9.30 -27.85
C HIS G 286 -5.48 -10.37 -26.87
N ALA G 287 -5.10 -11.56 -27.35
CA ALA G 287 -4.55 -12.57 -26.46
C ALA G 287 -3.27 -12.05 -25.78
N ASN G 288 -2.43 -11.30 -26.49
CA ASN G 288 -1.22 -10.77 -25.83
C ASN G 288 -1.57 -9.59 -24.94
N VAL G 289 -2.59 -8.81 -25.30
CA VAL G 289 -3.08 -7.77 -24.41
C VAL G 289 -3.52 -8.39 -23.10
N ASP G 290 -4.23 -9.52 -23.20
CA ASP G 290 -4.68 -10.28 -22.05
C ASP G 290 -3.48 -10.72 -21.20
N ARG G 291 -2.44 -11.19 -21.87
CA ARG G 291 -1.21 -11.57 -21.21
C ARG G 291 -0.54 -10.40 -20.48
N MET G 292 -0.70 -9.18 -20.98
CA MET G 292 -0.07 -8.03 -20.34
C MET G 292 -0.59 -7.86 -18.93
N TRP G 293 -1.86 -8.20 -18.72
CA TRP G 293 -2.45 -8.12 -17.40
C TRP G 293 -1.72 -9.06 -16.46
N LYS G 294 -1.47 -10.28 -16.93
CA LYS G 294 -0.72 -11.25 -16.16
C LYS G 294 0.68 -10.73 -15.83
N LEU G 295 1.40 -10.29 -16.85
CA LEU G 295 2.78 -9.81 -16.66
C LEU G 295 2.81 -8.64 -15.68
N TRP G 296 1.84 -7.74 -15.80
CA TRP G 296 1.79 -6.56 -14.96
C TRP G 296 1.67 -6.92 -13.48
N LYS G 297 0.82 -7.90 -13.18
CA LYS G 297 0.67 -8.36 -11.81
C LYS G 297 1.92 -9.07 -11.31
N GLU G 298 2.72 -9.63 -12.22
CA GLU G 298 3.91 -10.36 -11.83
C GLU G 298 5.08 -9.45 -11.50
N LEU G 299 5.04 -8.21 -12.00
CA LEU G 299 6.19 -7.34 -11.81
C LEU G 299 6.44 -7.06 -10.33
N ARG G 300 5.40 -7.13 -9.51
CA ARG G 300 5.60 -7.01 -8.07
C ARG G 300 6.23 -5.66 -7.74
N LEU G 301 5.80 -4.64 -8.46
CA LEU G 301 6.11 -3.26 -8.17
C LEU G 301 4.98 -2.70 -7.33
N PRO G 302 5.22 -1.58 -6.64
CA PRO G 302 4.12 -0.96 -5.89
C PRO G 302 2.93 -0.67 -6.80
N GLY G 303 1.73 -1.03 -6.35
CA GLY G 303 0.50 -0.64 -7.02
C GLY G 303 0.03 -1.63 -8.09
N HIS G 304 0.80 -2.68 -8.31
CA HIS G 304 0.46 -3.67 -9.33
C HIS G 304 -0.44 -4.75 -8.76
N VAL G 305 -1.66 -4.34 -8.42
CA VAL G 305 -2.64 -5.19 -7.76
C VAL G 305 -3.96 -5.10 -8.53
N ASP G 306 -4.80 -6.11 -8.35
CA ASP G 306 -6.11 -6.11 -8.98
C ASP G 306 -7.09 -5.19 -8.25
N ILE G 307 -8.12 -4.81 -8.99
CA ILE G 307 -9.19 -3.96 -8.49
C ILE G 307 -10.06 -4.69 -7.47
N THR G 308 -10.42 -3.98 -6.41
CA THR G 308 -11.26 -4.54 -5.34
C THR G 308 -12.56 -3.76 -5.17
N ASP G 309 -12.78 -2.77 -6.03
CA ASP G 309 -14.01 -1.97 -6.00
C ASP G 309 -15.20 -2.84 -6.37
N PRO G 310 -16.24 -2.91 -5.52
CA PRO G 310 -17.39 -3.74 -5.86
C PRO G 310 -18.06 -3.37 -7.19
N ASP G 311 -18.06 -2.09 -7.55
CA ASP G 311 -18.72 -1.70 -8.79
C ASP G 311 -17.93 -2.16 -10.01
N TRP G 312 -16.70 -2.63 -9.79
CA TRP G 312 -15.97 -3.32 -10.84
C TRP G 312 -16.14 -4.83 -10.73
N LEU G 313 -15.93 -5.35 -9.53
CA LEU G 313 -16.06 -6.79 -9.29
C LEU G 313 -17.39 -7.32 -9.81
N ASN G 314 -18.46 -6.56 -9.59
CA ASN G 314 -19.79 -7.07 -9.89
C ASN G 314 -20.34 -6.63 -11.25
N ALA G 315 -19.50 -6.02 -12.09
CA ALA G 315 -19.91 -5.69 -13.46
C ALA G 315 -19.99 -7.01 -14.23
N SER G 316 -20.94 -7.10 -15.15
CA SER G 316 -21.16 -8.35 -15.87
C SER G 316 -21.57 -8.19 -17.32
N TYR G 317 -21.29 -9.24 -18.08
CA TYR G 317 -21.58 -9.30 -19.52
C TYR G 317 -22.24 -10.63 -19.80
N VAL G 318 -22.81 -10.75 -21.00
CA VAL G 318 -23.46 -11.99 -21.41
C VAL G 318 -22.83 -12.44 -22.72
N PHE G 319 -22.52 -13.73 -22.79
CA PHE G 319 -21.91 -14.35 -23.97
C PHE G 319 -22.58 -15.68 -24.25
N TYR G 320 -22.64 -16.05 -25.54
CA TYR G 320 -22.90 -17.43 -25.93
C TYR G 320 -21.64 -18.26 -25.75
N ASP G 321 -21.80 -19.49 -25.27
CA ASP G 321 -20.67 -20.40 -25.18
C ASP G 321 -20.70 -21.49 -26.28
N GLU G 322 -19.85 -22.51 -26.14
CA GLU G 322 -19.71 -23.49 -27.21
C GLU G 322 -20.96 -24.39 -27.36
N ASN G 323 -21.85 -24.35 -26.37
CA ASN G 323 -23.11 -25.09 -26.41
C ASN G 323 -24.28 -24.23 -26.88
N LYS G 324 -23.97 -22.99 -27.30
CA LYS G 324 -24.98 -22.00 -27.63
C LYS G 324 -25.86 -21.70 -26.42
N ASP G 325 -25.31 -21.90 -25.24
CA ASP G 325 -25.95 -21.45 -24.01
C ASP G 325 -25.54 -20.00 -23.71
N LEU G 326 -26.45 -19.28 -23.05
CA LEU G 326 -26.20 -17.91 -22.64
C LEU G 326 -25.66 -17.89 -21.24
N VAL G 327 -24.50 -17.26 -21.10
CA VAL G 327 -23.79 -17.24 -19.84
C VAL G 327 -23.53 -15.78 -19.41
N ARG G 328 -23.86 -15.47 -18.16
CA ARG G 328 -23.52 -14.20 -17.55
C ARG G 328 -22.23 -14.37 -16.75
N VAL G 329 -21.25 -13.49 -17.02
CA VAL G 329 -19.94 -13.56 -16.39
C VAL G 329 -19.66 -12.24 -15.69
N TYR G 330 -18.89 -12.30 -14.60
CA TYR G 330 -18.61 -11.14 -13.75
C TYR G 330 -17.12 -10.85 -13.75
N ASN G 331 -16.75 -9.58 -13.66
CA ASN G 331 -15.33 -9.23 -13.66
C ASN G 331 -14.56 -10.00 -12.59
N LYS G 332 -15.16 -10.14 -11.42
CA LYS G 332 -14.48 -10.74 -10.27
C LYS G 332 -13.99 -12.15 -10.57
N ASP G 333 -14.65 -12.83 -11.48
CA ASP G 333 -14.37 -14.24 -11.72
C ASP G 333 -13.31 -14.51 -12.80
N CYS G 334 -12.71 -13.48 -13.40
CA CYS G 334 -11.68 -13.70 -14.43
C CYS G 334 -10.27 -13.28 -13.98
N VAL G 335 -10.11 -12.89 -12.73
CA VAL G 335 -8.82 -12.37 -12.27
C VAL G 335 -7.76 -13.46 -12.09
N ASN G 336 -8.19 -14.70 -11.91
CA ASN G 336 -7.27 -15.83 -11.69
C ASN G 336 -7.27 -16.77 -12.89
N LEU G 337 -6.15 -16.81 -13.61
CA LEU G 337 -6.07 -17.59 -14.84
C LEU G 337 -6.13 -19.10 -14.58
N ASP G 338 -5.66 -19.56 -13.42
CA ASP G 338 -5.71 -21.00 -13.12
C ASP G 338 -7.15 -21.45 -13.12
N LYS G 339 -8.03 -20.60 -12.58
CA LYS G 339 -9.45 -20.95 -12.48
C LYS G 339 -10.17 -20.88 -13.83
N LEU G 340 -9.63 -20.13 -14.79
CA LEU G 340 -10.20 -20.13 -16.15
C LEU G 340 -9.52 -21.17 -17.05
N LYS G 341 -8.58 -21.91 -16.47
CA LYS G 341 -7.92 -23.04 -17.14
C LYS G 341 -7.20 -22.67 -18.45
N TYR G 342 -6.56 -21.51 -18.48
CA TYR G 342 -5.63 -21.21 -19.55
C TYR G 342 -4.50 -20.37 -19.00
N ASN G 343 -3.44 -20.31 -19.79
CA ASN G 343 -2.32 -19.42 -19.52
C ASN G 343 -1.55 -19.25 -20.81
N PHE G 344 -0.30 -18.79 -20.71
CA PHE G 344 0.52 -18.49 -21.86
C PHE G 344 1.86 -19.19 -21.73
N ILE G 345 2.34 -19.74 -22.83
CA ILE G 345 3.68 -20.31 -22.85
C ILE G 345 4.70 -19.20 -22.72
N GLU G 346 5.58 -19.32 -21.74
CA GLU G 346 6.60 -18.32 -21.46
C GLU G 346 7.97 -18.91 -21.69
N ASN G 347 8.96 -18.03 -21.86
CA ASN G 347 10.33 -18.47 -21.95
C ASN G 347 10.80 -19.09 -20.63
N GLY H 2 9.87 13.13 -24.63
CA GLY H 2 9.56 13.45 -23.26
C GLY H 2 10.79 13.85 -22.47
N VAL H 3 10.85 13.39 -21.21
CA VAL H 3 11.95 13.72 -20.31
C VAL H 3 13.29 13.23 -20.85
N PHE H 4 13.32 11.98 -21.31
CA PHE H 4 14.54 11.42 -21.88
C PHE H 4 14.20 10.66 -23.16
N THR H 5 15.21 10.49 -23.99
CA THR H 5 15.05 9.93 -25.32
C THR H 5 14.73 8.45 -25.28
N THR H 6 13.85 8.02 -26.16
CA THR H 6 13.62 6.59 -26.37
C THR H 6 13.85 6.28 -27.85
N PRO H 7 13.94 4.99 -28.21
CA PRO H 7 14.15 4.68 -29.64
C PRO H 7 12.97 5.06 -30.54
N CYS H 8 11.83 5.37 -29.94
CA CYS H 8 10.66 5.75 -30.71
C CYS H 8 10.78 7.17 -31.22
N ASP H 9 11.68 7.94 -30.60
CA ASP H 9 11.77 9.37 -30.91
C ASP H 9 12.46 9.65 -32.25
N PRO H 10 12.00 10.69 -32.96
CA PRO H 10 12.65 11.09 -34.21
C PRO H 10 14.00 11.75 -33.94
N GLU H 11 14.86 11.81 -34.95
CA GLU H 11 16.17 12.43 -34.82
C GLU H 11 16.95 12.36 -36.12
CU CU I . -6.06 14.69 16.64
CU CU J . -6.34 17.21 19.62
C1 GOL K . -16.43 -7.25 13.77
O1 GOL K . -17.76 -6.80 13.82
C2 GOL K . -15.96 -7.25 12.32
O2 GOL K . -16.73 -8.21 11.61
C3 GOL K . -16.18 -5.87 11.72
O3 GOL K . -15.48 -5.79 10.49
H11 GOL K . -15.79 -6.60 14.36
H12 GOL K . -16.36 -8.25 14.18
HO1 GOL K . -18.08 -6.86 14.75
H2 GOL K . -14.91 -7.50 12.28
HO2 GOL K . -17.68 -7.97 11.65
H31 GOL K . -17.24 -5.71 11.54
H32 GOL K . -15.82 -5.11 12.40
HO3 GOL K . -14.55 -6.06 10.63
CU CU L . 32.39 9.80 -6.71
CU CU M . 31.54 8.63 -10.32
C1 GOL N . 28.58 30.21 0.27
O1 GOL N . 29.48 30.67 1.25
C2 GOL N . 29.32 29.69 -0.94
O2 GOL N . 28.58 30.01 -2.11
C3 GOL N . 30.73 30.28 -0.96
O3 GOL N . 31.34 29.96 -2.17
H11 GOL N . 27.96 29.41 0.69
H12 GOL N . 27.92 31.02 -0.02
HO1 GOL N . 28.98 31.06 2.00
H2 GOL N . 29.41 28.61 -0.86
HO2 GOL N . 28.51 30.99 -2.20
H31 GOL N . 30.67 31.37 -0.85
H32 GOL N . 31.31 29.88 -0.13
HO3 GOL N . 32.19 30.44 -2.25
CU CU O . -14.31 -18.52 20.69
CU CU P . -10.68 -18.35 19.22
C1 GOL Q . -21.26 -35.36 31.30
O1 GOL Q . -22.16 -36.34 31.71
C2 GOL Q . -20.67 -35.81 29.98
O2 GOL Q . -19.53 -36.61 30.25
C3 GOL Q . -21.77 -36.57 29.24
O3 GOL Q . -21.44 -36.54 27.88
H11 GOL Q . -21.76 -34.41 31.17
H12 GOL Q . -20.46 -35.25 32.04
HO1 GOL Q . -22.51 -36.10 32.59
H2 GOL Q . -20.39 -34.94 29.40
HO2 GOL Q . -19.80 -37.39 30.78
H31 GOL Q . -21.82 -37.59 29.59
H32 GOL Q . -22.73 -36.08 29.41
HO3 GOL Q . -20.47 -36.51 27.78
CU CU R . -12.57 -4.21 -27.77
CU CU S . -8.89 -4.05 -29.17
C1 GOL T . -15.34 8.20 -35.34
O1 GOL T . -15.97 7.61 -34.24
C2 GOL T . -14.34 7.18 -35.87
O2 GOL T . -15.00 6.26 -36.75
C3 GOL T . -13.23 7.93 -36.60
O3 GOL T . -13.79 8.73 -37.61
H11 GOL T . -16.07 8.45 -36.10
H12 GOL T . -14.82 9.10 -35.04
HO1 GOL T . -16.58 8.26 -33.83
H2 GOL T . -13.91 6.64 -35.03
HO2 GOL T . -15.38 6.74 -37.50
H31 GOL T . -12.69 8.56 -35.89
H32 GOL T . -12.53 7.23 -37.03
HO3 GOL T . -14.12 8.16 -38.34
C1 GOL U . -20.07 -21.81 -19.75
O1 GOL U . -19.58 -22.49 -20.88
C2 GOL U . -19.44 -22.38 -18.49
O2 GOL U . -18.04 -22.16 -18.46
C3 GOL U . -20.13 -21.76 -17.27
O3 GOL U . -21.54 -21.90 -17.33
H11 GOL U . -19.84 -20.74 -19.83
H12 GOL U . -21.16 -21.92 -19.70
HO1 GOL U . -20.04 -22.16 -21.68
H2 GOL U . -19.65 -23.45 -18.47
HO2 GOL U . -17.86 -21.20 -18.45
H31 GOL U . -19.76 -22.24 -16.37
H32 GOL U . -19.89 -20.70 -17.22
HO3 GOL U . -21.93 -21.69 -16.45
#